data_5ESO
#
_entry.id   5ESO
#
_cell.length_a   101.444
_cell.length_b   139.592
_cell.length_c   181.768
_cell.angle_alpha   90.00
_cell.angle_beta   90.00
_cell.angle_gamma   90.00
#
_symmetry.space_group_name_H-M   'P 21 21 21'
#
loop_
_entity.id
_entity.type
_entity.pdbx_description
1 polymer '2-succinyl-5-enolpyruvyl-6-hydroxy-3-cyclohexene-1-carboxylate synthase'
2 non-polymer 'MAGNESIUM ION'
3 non-polymer '(5S,6S)-5-[(1-carboxyethenyl)oxy]-6-hydroxycyclohexa-1,3-diene-1-carboxylic acid'
4 non-polymer 'FORMIC ACID'
5 non-polymer GLYCEROL
6 non-polymer 'THIAMINE DIPHOSPHATE'
7 non-polymer BETA-MERCAPTOETHANOL
8 water water
#
_entity_poly.entity_id   1
_entity_poly.type   'polypeptide(L)'
_entity_poly.pdbx_seq_one_letter_code
;MGSSHHHHHHSSGLVPRGSHMNPSTTQARVVVDELIRGGVRDVVLCPGSRNAPLAFALQDADRSGRIRLHVRIDERTAGY
LAIGLAIGAGAPVCVAMTSGTAVANLGPAVVEANYARVPLIVLSANRPYELLGTGANQTMEQLGYFGTQVRASISLGLAE
DAPERTSALNATWRSATCRVLAAATGARTANAGPVHFDIPLREPLVPDPEPLGAVTPPGRPAGKPWTYTPPVTFDQPLDI
DLSVDTVVISGHGAGVHPNLAALPTVAEPTAPRSGDNPLHPLALPLLRPQQVIMLGRPTLHRPVSVLLADAEVPVFALTT
GPRWPDVSGNSQATGTRAVTTGAPRPAWLDRCAAMNRHAIAAVREQLAAHPLTTGLHVAAAVSHALRPGDQLVLGASNPV
RDVALAGLDTRGIRVRSNRGVAGIDGTVSTAIGAALAYEGAHERTGSPDSPPRTIALIGDLTFVHDSSGLLIGPTEPIPR
SLTIVVSNDNGGGIFELLEQGDPRFSDVSSRIFGTPHDVDVGALCRAYHVESRQIEVDELGPTLDQPGAGMRVLEVKADR
SSLRQLHAAIKAAL
;
_entity_poly.pdbx_strand_id   A,B,C,D
#
# COMPACT_ATOMS: atom_id res chain seq x y z
N MET A 21 10.14 -36.28 -1.63
CA MET A 21 8.88 -35.56 -1.52
C MET A 21 8.94 -34.23 -2.26
N ASN A 22 7.81 -33.82 -2.84
CA ASN A 22 7.77 -32.63 -3.66
C ASN A 22 7.90 -31.37 -2.81
N PRO A 23 8.32 -30.25 -3.41
CA PRO A 23 8.62 -29.05 -2.60
C PRO A 23 7.42 -28.51 -1.83
N SER A 24 6.24 -28.47 -2.43
CA SER A 24 5.06 -27.94 -1.74
C SER A 24 4.76 -28.73 -0.48
N THR A 25 4.86 -30.06 -0.55
CA THR A 25 4.59 -30.89 0.62
C THR A 25 5.67 -30.72 1.68
N THR A 26 6.93 -30.66 1.27
CA THR A 26 8.03 -30.50 2.22
C THR A 26 7.96 -29.16 2.94
N GLN A 27 7.66 -28.09 2.20
CA GLN A 27 7.55 -26.77 2.80
C GLN A 27 6.39 -26.71 3.79
N ALA A 28 5.23 -27.25 3.41
CA ALA A 28 4.07 -27.24 4.30
C ALA A 28 4.34 -28.00 5.58
N ARG A 29 5.02 -29.14 5.49
CA ARG A 29 5.30 -29.93 6.69
C ARG A 29 6.28 -29.22 7.60
N VAL A 30 7.27 -28.53 7.04
CA VAL A 30 8.22 -27.78 7.87
C VAL A 30 7.51 -26.64 8.60
N VAL A 31 6.62 -25.93 7.90
CA VAL A 31 5.91 -24.81 8.51
C VAL A 31 5.00 -25.29 9.62
N VAL A 32 4.20 -26.32 9.34
CA VAL A 32 3.27 -26.85 10.34
C VAL A 32 4.03 -27.31 11.58
N ASP A 33 5.15 -28.01 11.37
CA ASP A 33 5.95 -28.47 12.50
C ASP A 33 6.45 -27.30 13.34
N GLU A 34 6.95 -26.25 12.70
CA GLU A 34 7.48 -25.12 13.45
C GLU A 34 6.37 -24.36 14.17
N LEU A 35 5.19 -24.24 13.53
CA LEU A 35 4.06 -23.62 14.19
C LEU A 35 3.69 -24.38 15.47
N ILE A 36 3.73 -25.71 15.42
CA ILE A 36 3.42 -26.50 16.61
C ILE A 36 4.48 -26.30 17.68
N ARG A 37 5.75 -26.28 17.29
CA ARG A 37 6.83 -26.00 18.23
C ARG A 37 6.69 -24.63 18.87
N GLY A 38 6.02 -23.70 18.20
CA GLY A 38 5.77 -22.36 18.71
C GLY A 38 4.59 -22.20 19.61
N GLY A 39 3.87 -23.29 19.91
CA GLY A 39 2.75 -23.23 20.82
C GLY A 39 1.37 -23.21 20.20
N VAL A 40 1.26 -23.41 18.89
CA VAL A 40 -0.05 -23.50 18.25
C VAL A 40 -0.65 -24.87 18.54
N ARG A 41 -1.82 -24.88 19.15
CA ARG A 41 -2.53 -26.11 19.48
C ARG A 41 -3.80 -26.32 18.67
N ASP A 42 -4.41 -25.25 18.18
CA ASP A 42 -5.62 -25.31 17.38
C ASP A 42 -5.39 -24.59 16.07
N VAL A 43 -5.91 -25.17 14.98
CA VAL A 43 -5.85 -24.56 13.66
C VAL A 43 -7.20 -24.70 13.00
N VAL A 44 -7.73 -23.58 12.47
CA VAL A 44 -8.96 -23.57 11.70
C VAL A 44 -8.59 -23.67 10.22
N LEU A 45 -9.26 -24.55 9.49
CA LEU A 45 -8.96 -24.75 8.08
C LEU A 45 -10.23 -24.58 7.27
N CYS A 46 -10.11 -23.90 6.13
CA CYS A 46 -11.20 -23.76 5.20
C CYS A 46 -10.84 -24.41 3.86
N PRO A 47 -11.81 -25.02 3.18
CA PRO A 47 -11.47 -25.89 2.05
C PRO A 47 -10.99 -25.11 0.83
N GLY A 48 -10.09 -25.75 0.09
CA GLY A 48 -9.61 -25.21 -1.16
C GLY A 48 -8.60 -26.17 -1.76
N SER A 49 -8.19 -25.87 -2.98
CA SER A 49 -7.18 -26.68 -3.65
C SER A 49 -5.78 -26.09 -3.57
N ARG A 50 -5.64 -24.77 -3.57
CA ARG A 50 -4.31 -24.18 -3.48
C ARG A 50 -3.70 -24.38 -2.09
N ASN A 51 -4.54 -24.56 -1.06
CA ASN A 51 -4.03 -24.83 0.28
C ASN A 51 -3.99 -26.31 0.60
N ALA A 52 -4.16 -27.17 -0.40
CA ALA A 52 -4.00 -28.62 -0.20
C ALA A 52 -2.72 -29.01 0.53
N PRO A 53 -1.54 -28.43 0.21
CA PRO A 53 -0.35 -28.81 1.00
C PRO A 53 -0.50 -28.53 2.48
N LEU A 54 -1.08 -27.38 2.85
CA LEU A 54 -1.32 -27.09 4.25
C LEU A 54 -2.33 -28.05 4.85
N ALA A 55 -3.43 -28.31 4.14
CA ALA A 55 -4.49 -29.16 4.66
C ALA A 55 -3.97 -30.56 4.98
N PHE A 56 -3.21 -31.16 4.04
CA PHE A 56 -2.66 -32.49 4.26
C PHE A 56 -1.73 -32.49 5.48
N ALA A 57 -0.82 -31.52 5.56
CA ALA A 57 0.13 -31.48 6.67
C ALA A 57 -0.59 -31.20 7.99
N LEU A 58 -1.62 -30.36 7.96
CA LEU A 58 -2.37 -30.07 9.18
C LEU A 58 -3.14 -31.29 9.66
N GLN A 59 -3.68 -32.10 8.74
N GLN A 59 -3.65 -32.09 8.73
CA GLN A 59 -4.45 -33.26 9.15
CA GLN A 59 -4.44 -33.26 9.10
C GLN A 59 -3.55 -34.34 9.74
C GLN A 59 -3.57 -34.36 9.70
N ASP A 60 -2.34 -34.49 9.21
CA ASP A 60 -1.39 -35.44 9.79
C ASP A 60 -1.07 -35.06 11.23
N ALA A 61 -0.91 -33.77 11.49
CA ALA A 61 -0.64 -33.32 12.86
C ALA A 61 -1.86 -33.54 13.76
N ASP A 62 -3.06 -33.37 13.20
CA ASP A 62 -4.27 -33.68 13.96
C ASP A 62 -4.37 -35.17 14.24
N ARG A 63 -4.13 -36.00 13.23
CA ARG A 63 -4.23 -37.45 13.40
CA ARG A 63 -4.22 -37.45 13.41
C ARG A 63 -3.26 -37.94 14.49
N SER A 64 -2.05 -37.39 14.52
CA SER A 64 -1.07 -37.76 15.52
C SER A 64 -1.23 -36.99 16.83
N GLY A 65 -2.30 -36.19 16.95
CA GLY A 65 -2.60 -35.51 18.19
C GLY A 65 -1.72 -34.33 18.52
N ARG A 66 -0.94 -33.82 17.57
CA ARG A 66 -0.09 -32.67 17.86
C ARG A 66 -0.90 -31.38 17.92
N ILE A 67 -1.90 -31.24 17.06
CA ILE A 67 -2.82 -30.11 17.08
C ILE A 67 -4.25 -30.65 17.09
N ARG A 68 -5.19 -29.73 17.24
CA ARG A 68 -6.60 -30.01 17.03
C ARG A 68 -7.06 -29.15 15.86
N LEU A 69 -7.51 -29.79 14.79
CA LEU A 69 -7.91 -29.11 13.58
C LEU A 69 -9.42 -28.92 13.54
N HIS A 70 -9.85 -27.75 13.07
CA HIS A 70 -11.27 -27.42 12.97
C HIS A 70 -11.54 -26.94 11.55
N VAL A 71 -12.36 -27.69 10.81
CA VAL A 71 -12.69 -27.37 9.43
C VAL A 71 -13.99 -26.58 9.40
N ARG A 72 -14.01 -25.49 8.65
CA ARG A 72 -15.19 -24.65 8.50
C ARG A 72 -15.36 -24.26 7.04
N ILE A 73 -16.60 -23.94 6.68
CA ILE A 73 -16.94 -23.60 5.30
C ILE A 73 -16.74 -22.12 5.02
N ASP A 74 -17.18 -21.27 5.94
CA ASP A 74 -17.22 -19.82 5.74
C ASP A 74 -15.97 -19.21 6.38
N GLU A 75 -15.13 -18.60 5.54
CA GLU A 75 -13.86 -18.02 6.04
C GLU A 75 -14.11 -16.91 7.03
N ARG A 76 -15.14 -16.09 6.81
CA ARG A 76 -15.37 -14.95 7.69
C ARG A 76 -15.65 -15.40 9.12
N THR A 77 -16.62 -16.31 9.29
CA THR A 77 -16.92 -16.77 10.64
C THR A 77 -15.83 -17.70 11.16
N ALA A 78 -15.07 -18.33 10.26
CA ALA A 78 -13.94 -19.16 10.69
C ALA A 78 -12.88 -18.32 11.38
N GLY A 79 -12.66 -17.10 10.89
CA GLY A 79 -11.71 -16.22 11.55
C GLY A 79 -12.13 -15.89 12.97
N TYR A 80 -13.44 -15.76 13.20
CA TYR A 80 -13.91 -15.52 14.56
C TYR A 80 -13.83 -16.78 15.41
N LEU A 81 -13.97 -17.95 14.78
CA LEU A 81 -13.70 -19.19 15.50
C LEU A 81 -12.27 -19.22 16.02
N ALA A 82 -11.31 -18.82 15.19
CA ALA A 82 -9.92 -18.79 15.62
C ALA A 82 -9.70 -17.78 16.73
N ILE A 83 -10.38 -16.63 16.66
CA ILE A 83 -10.31 -15.65 17.73
C ILE A 83 -10.81 -16.25 19.04
N GLY A 84 -11.93 -16.96 18.99
CA GLY A 84 -12.42 -17.64 20.18
C GLY A 84 -11.41 -18.63 20.73
N LEU A 85 -10.84 -19.45 19.84
CA LEU A 85 -9.81 -20.40 20.26
C LEU A 85 -8.61 -19.71 20.88
N ALA A 86 -8.28 -18.50 20.42
CA ALA A 86 -7.13 -17.79 20.96
C ALA A 86 -7.43 -17.19 22.33
N ILE A 87 -8.60 -16.55 22.47
CA ILE A 87 -8.91 -15.90 23.75
C ILE A 87 -9.36 -16.89 24.82
N GLY A 88 -9.83 -18.07 24.43
CA GLY A 88 -10.26 -19.04 25.41
C GLY A 88 -9.12 -19.58 26.27
N ALA A 89 -7.91 -19.64 25.72
CA ALA A 89 -6.78 -20.22 26.45
C ALA A 89 -5.49 -19.41 26.32
N GLY A 90 -5.46 -18.34 25.53
CA GLY A 90 -4.31 -17.47 25.45
C GLY A 90 -3.21 -17.89 24.51
N ALA A 91 -3.49 -18.83 23.58
CA ALA A 91 -2.46 -19.33 22.70
C ALA A 91 -2.60 -18.73 21.31
N PRO A 92 -1.51 -18.68 20.53
CA PRO A 92 -1.65 -18.27 19.13
C PRO A 92 -2.40 -19.34 18.35
N VAL A 93 -3.29 -18.88 17.47
CA VAL A 93 -4.14 -19.75 16.68
C VAL A 93 -4.00 -19.37 15.22
N CYS A 94 -3.91 -20.37 14.35
N CYS A 94 -3.99 -20.37 14.34
CA CYS A 94 -3.82 -20.19 12.92
CA CYS A 94 -3.81 -20.18 12.91
C CYS A 94 -5.17 -20.48 12.26
C CYS A 94 -5.06 -20.58 12.16
N VAL A 95 -5.42 -19.81 11.14
CA VAL A 95 -6.55 -20.09 10.29
C VAL A 95 -6.02 -20.14 8.87
N ALA A 96 -6.22 -21.28 8.20
CA ALA A 96 -5.64 -21.53 6.89
C ALA A 96 -6.74 -21.61 5.84
N MET A 97 -6.56 -20.90 4.73
CA MET A 97 -7.54 -20.87 3.67
C MET A 97 -6.83 -20.78 2.32
N THR A 98 -7.62 -20.85 1.25
CA THR A 98 -7.12 -20.82 -0.11
C THR A 98 -6.99 -19.38 -0.59
N SER A 99 -6.49 -19.20 -1.81
CA SER A 99 -6.28 -17.87 -2.34
C SER A 99 -7.62 -17.24 -2.77
N GLY A 100 -7.61 -15.92 -2.93
CA GLY A 100 -8.77 -15.20 -3.42
C GLY A 100 -9.62 -14.56 -2.34
N THR A 101 -10.92 -14.41 -2.61
CA THR A 101 -11.82 -13.78 -1.63
C THR A 101 -11.86 -14.54 -0.31
N ALA A 102 -11.45 -15.81 -0.30
CA ALA A 102 -11.31 -16.52 0.98
C ALA A 102 -10.41 -15.76 1.93
N VAL A 103 -9.31 -15.20 1.42
CA VAL A 103 -8.42 -14.41 2.25
C VAL A 103 -9.11 -13.10 2.65
N ALA A 104 -9.77 -12.45 1.69
CA ALA A 104 -10.43 -11.17 1.97
C ALA A 104 -11.50 -11.32 3.03
N ASN A 105 -12.13 -12.50 3.13
CA ASN A 105 -13.16 -12.74 4.12
C ASN A 105 -12.62 -12.72 5.55
N LEU A 106 -11.30 -12.77 5.73
CA LEU A 106 -10.70 -12.70 7.06
C LEU A 106 -10.56 -11.27 7.57
N GLY A 107 -10.86 -10.28 6.72
CA GLY A 107 -10.77 -8.89 7.07
C GLY A 107 -11.41 -8.53 8.41
N PRO A 108 -12.71 -8.80 8.56
CA PRO A 108 -13.38 -8.44 9.83
C PRO A 108 -12.75 -9.05 11.06
N ALA A 109 -12.38 -10.33 11.01
CA ALA A 109 -11.73 -10.96 12.16
C ALA A 109 -10.36 -10.35 12.41
N VAL A 110 -9.66 -9.93 11.36
CA VAL A 110 -8.33 -9.34 11.53
C VAL A 110 -8.43 -7.99 12.22
N VAL A 111 -9.44 -7.20 11.87
CA VAL A 111 -9.63 -5.91 12.52
C VAL A 111 -9.92 -6.10 14.00
N GLU A 112 -10.80 -7.05 14.34
CA GLU A 112 -11.07 -7.33 15.75
C GLU A 112 -9.82 -7.79 16.47
N ALA A 113 -9.06 -8.69 15.83
CA ALA A 113 -7.84 -9.21 16.46
C ALA A 113 -6.82 -8.10 16.68
N ASN A 114 -6.79 -7.11 15.78
CA ASN A 114 -5.87 -6.00 15.93
C ASN A 114 -6.17 -5.19 17.19
N TYR A 115 -7.44 -4.81 17.36
CA TYR A 115 -7.78 -3.90 18.45
C TYR A 115 -7.94 -4.61 19.79
N ALA A 116 -8.30 -5.90 19.78
CA ALA A 116 -8.32 -6.68 21.00
C ALA A 116 -6.98 -7.32 21.30
N ARG A 117 -6.00 -7.17 20.41
CA ARG A 117 -4.65 -7.71 20.59
C ARG A 117 -4.69 -9.23 20.71
N VAL A 118 -5.27 -9.87 19.71
CA VAL A 118 -5.45 -11.32 19.68
C VAL A 118 -4.43 -11.92 18.71
N PRO A 119 -3.62 -13.01 19.14
CA PRO A 119 -2.56 -13.62 18.28
C PRO A 119 -3.14 -14.53 17.20
N LEU A 120 -3.74 -13.92 16.18
CA LEU A 120 -4.39 -14.62 15.09
C LEU A 120 -3.48 -14.66 13.87
N ILE A 121 -3.06 -15.86 13.47
CA ILE A 121 -2.19 -16.02 12.31
C ILE A 121 -3.06 -16.40 11.11
N VAL A 122 -3.12 -15.50 10.14
CA VAL A 122 -3.80 -15.77 8.88
C VAL A 122 -2.80 -16.45 7.95
N LEU A 123 -3.00 -17.75 7.73
CA LEU A 123 -2.08 -18.58 6.95
C LEU A 123 -2.73 -18.89 5.62
N SER A 124 -2.44 -18.06 4.62
CA SER A 124 -3.12 -18.14 3.33
C SER A 124 -2.23 -18.82 2.31
N ALA A 125 -2.80 -19.77 1.57
CA ALA A 125 -2.17 -20.24 0.35
C ALA A 125 -2.38 -19.22 -0.75
N ASN A 126 -1.44 -19.17 -1.67
CA ASN A 126 -1.51 -18.25 -2.79
C ASN A 126 -0.97 -18.93 -4.03
N ARG A 127 -1.42 -18.45 -5.19
CA ARG A 127 -0.72 -18.75 -6.42
C ARG A 127 0.68 -18.14 -6.34
N PRO A 128 1.61 -18.62 -7.16
CA PRO A 128 2.91 -17.96 -7.25
C PRO A 128 2.72 -16.49 -7.62
N TYR A 129 3.54 -15.63 -7.02
CA TYR A 129 3.40 -14.19 -7.25
C TYR A 129 3.59 -13.84 -8.72
N GLU A 130 4.36 -14.65 -9.45
CA GLU A 130 4.57 -14.43 -10.87
C GLU A 130 3.26 -14.46 -11.67
N LEU A 131 2.20 -15.05 -11.13
CA LEU A 131 0.93 -15.12 -11.82
C LEU A 131 0.05 -13.89 -11.59
N LEU A 132 0.37 -13.07 -10.60
CA LEU A 132 -0.42 -11.86 -10.34
C LEU A 132 -0.31 -10.92 -11.54
N GLY A 133 -1.47 -10.51 -12.06
CA GLY A 133 -1.52 -9.67 -13.23
C GLY A 133 -1.56 -10.40 -14.55
N THR A 134 -1.58 -11.74 -14.54
CA THR A 134 -1.64 -12.51 -15.77
C THR A 134 -3.06 -12.93 -16.14
N GLY A 135 -4.05 -12.59 -15.33
CA GLY A 135 -5.39 -13.09 -15.53
C GLY A 135 -5.63 -14.47 -14.98
N ALA A 136 -4.68 -15.00 -14.20
CA ALA A 136 -4.83 -16.34 -13.64
C ALA A 136 -6.05 -16.41 -12.74
N ASN A 137 -6.70 -17.56 -12.74
CA ASN A 137 -7.93 -17.75 -11.98
C ASN A 137 -7.67 -17.65 -10.48
N GLN A 138 -8.60 -16.99 -9.77
CA GLN A 138 -8.63 -16.97 -8.31
C GLN A 138 -7.36 -16.34 -7.72
N THR A 139 -6.82 -15.33 -8.40
CA THR A 139 -5.58 -14.69 -7.99
C THR A 139 -5.80 -13.18 -7.83
N MET A 140 -5.23 -12.62 -6.78
CA MET A 140 -5.43 -11.22 -6.42
C MET A 140 -4.25 -10.72 -5.62
N GLU A 141 -4.21 -9.40 -5.41
CA GLU A 141 -3.20 -8.79 -4.54
C GLU A 141 -3.47 -9.23 -3.11
N GLN A 142 -2.79 -10.30 -2.69
CA GLN A 142 -3.02 -10.93 -1.41
C GLN A 142 -2.09 -10.38 -0.33
N LEU A 143 -0.79 -10.34 -0.63
CA LEU A 143 0.18 -9.80 0.32
C LEU A 143 0.00 -8.30 0.44
N GLY A 144 -0.12 -7.82 1.68
CA GLY A 144 -0.43 -6.43 1.93
C GLY A 144 -1.90 -6.10 1.98
N TYR A 145 -2.78 -7.09 1.80
CA TYR A 145 -4.21 -6.82 1.74
C TYR A 145 -4.72 -6.21 3.03
N PHE A 146 -4.18 -6.62 4.16
CA PHE A 146 -4.69 -6.18 5.45
C PHE A 146 -4.08 -4.88 5.94
N GLY A 147 -3.16 -4.29 5.17
CA GLY A 147 -2.65 -2.97 5.50
C GLY A 147 -1.97 -2.93 6.85
N THR A 148 -2.27 -1.89 7.62
CA THR A 148 -1.68 -1.71 8.94
C THR A 148 -2.45 -2.44 10.04
N GLN A 149 -3.49 -3.21 9.68
CA GLN A 149 -4.21 -3.96 10.70
C GLN A 149 -3.35 -5.05 11.31
N VAL A 150 -2.41 -5.61 10.55
CA VAL A 150 -1.61 -6.75 11.01
C VAL A 150 -0.29 -6.26 11.58
N ARG A 151 0.24 -7.02 12.53
CA ARG A 151 1.55 -6.73 13.11
C ARG A 151 2.65 -7.00 12.10
N ALA A 152 2.41 -7.89 11.15
CA ALA A 152 3.39 -8.21 10.13
C ALA A 152 2.69 -8.87 8.95
N SER A 153 3.17 -8.56 7.76
CA SER A 153 2.82 -9.29 6.54
C SER A 153 4.09 -9.96 6.06
N ILE A 154 4.15 -11.27 6.18
CA ILE A 154 5.37 -12.04 5.90
C ILE A 154 5.05 -13.06 4.82
N SER A 155 5.89 -13.10 3.78
CA SER A 155 5.76 -14.07 2.70
C SER A 155 6.83 -15.13 2.85
N LEU A 156 6.45 -16.39 2.69
CA LEU A 156 7.39 -17.48 2.82
C LEU A 156 8.25 -17.64 1.57
N GLY A 157 7.71 -17.31 0.41
CA GLY A 157 8.44 -17.52 -0.82
C GLY A 157 8.16 -18.88 -1.43
N LEU A 158 8.25 -18.94 -2.75
CA LEU A 158 7.92 -20.15 -3.47
C LEU A 158 9.00 -21.22 -3.22
N ALA A 159 8.54 -22.42 -2.87
CA ALA A 159 9.47 -23.52 -2.60
C ALA A 159 10.15 -23.96 -3.90
N GLU A 160 11.47 -24.02 -3.85
CA GLU A 160 12.27 -24.38 -5.00
C GLU A 160 12.50 -25.89 -5.04
N ASP A 161 12.76 -26.41 -6.23
CA ASP A 161 13.17 -27.80 -6.39
C ASP A 161 14.69 -27.79 -6.51
N ALA A 162 15.35 -27.78 -5.35
CA ALA A 162 16.81 -27.81 -5.28
C ALA A 162 17.18 -28.68 -4.09
N PRO A 163 17.34 -29.99 -4.31
CA PRO A 163 17.60 -30.90 -3.18
C PRO A 163 18.79 -30.50 -2.32
N GLU A 164 19.83 -29.93 -2.93
CA GLU A 164 21.06 -29.56 -2.22
C GLU A 164 20.89 -28.34 -1.33
N ARG A 165 19.78 -27.61 -1.44
CA ARG A 165 19.54 -26.44 -0.62
C ARG A 165 18.45 -26.67 0.42
N THR A 166 18.13 -27.96 0.66
CA THR A 166 17.10 -28.32 1.63
C THR A 166 17.44 -27.80 3.03
N SER A 167 18.72 -27.88 3.42
CA SER A 167 19.10 -27.46 4.76
C SER A 167 19.00 -25.95 4.92
N ALA A 168 19.38 -25.19 3.90
CA ALA A 168 19.29 -23.73 3.99
C ALA A 168 17.83 -23.27 3.93
N LEU A 169 17.01 -23.91 3.10
CA LEU A 169 15.61 -23.55 3.01
C LEU A 169 14.85 -23.94 4.28
N ASN A 170 15.22 -25.05 4.91
CA ASN A 170 14.63 -25.41 6.19
C ASN A 170 14.85 -24.31 7.22
N ALA A 171 16.06 -23.74 7.24
CA ALA A 171 16.37 -22.71 8.22
C ALA A 171 15.57 -21.44 7.95
N THR A 172 15.50 -21.01 6.69
CA THR A 172 14.78 -19.77 6.38
C THR A 172 13.27 -19.93 6.62
N TRP A 173 12.71 -21.09 6.25
CA TRP A 173 11.28 -21.32 6.49
C TRP A 173 10.97 -21.31 7.98
N ARG A 174 11.77 -22.01 8.79
CA ARG A 174 11.51 -22.07 10.23
C ARG A 174 11.78 -20.72 10.89
N SER A 175 12.80 -19.99 10.41
CA SER A 175 13.03 -18.65 10.92
C SER A 175 11.85 -17.73 10.64
N ALA A 176 11.35 -17.78 9.39
CA ALA A 176 10.19 -16.96 9.04
C ALA A 176 8.98 -17.31 9.88
N THR A 177 8.75 -18.60 10.11
CA THR A 177 7.64 -19.02 10.96
C THR A 177 7.80 -18.48 12.37
N CYS A 178 9.05 -18.47 12.88
CA CYS A 178 9.30 -17.91 14.20
C CYS A 178 9.08 -16.40 14.24
N ARG A 179 9.37 -15.71 13.14
CA ARG A 179 9.06 -14.28 13.05
C ARG A 179 7.55 -14.07 13.12
N VAL A 180 6.80 -14.89 12.40
CA VAL A 180 5.34 -14.80 12.42
C VAL A 180 4.81 -15.02 13.83
N LEU A 181 5.31 -16.05 14.51
CA LEU A 181 4.84 -16.36 15.86
C LEU A 181 5.19 -15.25 16.84
N ALA A 182 6.41 -14.72 16.75
CA ALA A 182 6.82 -13.66 17.67
C ALA A 182 5.99 -12.39 17.47
N ALA A 183 5.74 -12.02 16.21
CA ALA A 183 4.91 -10.85 15.94
C ALA A 183 3.48 -11.06 16.45
N ALA A 184 2.93 -12.25 16.23
CA ALA A 184 1.54 -12.50 16.60
C ALA A 184 1.36 -12.49 18.12
N THR A 185 2.31 -13.07 18.87
CA THR A 185 2.20 -13.16 20.32
C THR A 185 2.78 -11.95 21.04
N GLY A 186 3.36 -10.99 20.32
CA GLY A 186 4.01 -9.87 20.96
C GLY A 186 5.22 -10.25 21.78
N ALA A 187 5.95 -11.29 21.35
CA ALA A 187 7.05 -11.82 22.16
C ALA A 187 8.13 -10.77 22.38
N ARG A 188 8.36 -9.90 21.39
CA ARG A 188 9.32 -8.81 21.53
C ARG A 188 8.68 -7.44 21.69
N THR A 189 7.45 -7.25 21.22
CA THR A 189 6.79 -5.96 21.26
C THR A 189 5.86 -5.77 22.46
N ALA A 190 5.47 -6.85 23.13
CA ALA A 190 4.40 -6.85 24.13
C ALA A 190 3.07 -6.37 23.56
N ASN A 191 2.86 -6.52 22.24
CA ASN A 191 1.64 -6.05 21.57
C ASN A 191 1.17 -7.13 20.61
N ALA A 192 0.56 -8.18 21.16
CA ALA A 192 0.05 -9.26 20.34
C ALA A 192 -1.02 -8.75 19.37
N GLY A 193 -1.19 -9.48 18.28
CA GLY A 193 -2.12 -9.11 17.24
C GLY A 193 -2.03 -10.04 16.05
N PRO A 194 -2.84 -9.77 15.02
CA PRO A 194 -2.87 -10.67 13.87
C PRO A 194 -1.66 -10.50 12.96
N VAL A 195 -1.32 -11.60 12.29
CA VAL A 195 -0.20 -11.64 11.35
C VAL A 195 -0.67 -12.34 10.08
N HIS A 196 -0.30 -11.79 8.93
CA HIS A 196 -0.59 -12.40 7.64
C HIS A 196 0.65 -13.16 7.17
N PHE A 197 0.52 -14.48 7.06
CA PHE A 197 1.59 -15.39 6.64
C PHE A 197 1.15 -15.98 5.31
N ASP A 198 1.72 -15.49 4.21
CA ASP A 198 1.30 -15.88 2.87
C ASP A 198 2.30 -16.88 2.31
N ILE A 199 1.78 -17.97 1.76
CA ILE A 199 2.58 -19.07 1.24
C ILE A 199 2.22 -19.30 -0.22
N PRO A 200 3.01 -18.77 -1.16
CA PRO A 200 2.79 -19.11 -2.58
C PRO A 200 3.13 -20.57 -2.83
N LEU A 201 2.23 -21.26 -3.51
CA LEU A 201 2.37 -22.70 -3.74
C LEU A 201 2.01 -23.02 -5.18
N ARG A 202 2.71 -24.00 -5.74
CA ARG A 202 2.44 -24.45 -7.10
C ARG A 202 2.46 -25.97 -7.14
N GLU A 203 1.84 -26.50 -8.18
CA GLU A 203 1.75 -27.94 -8.41
C GLU A 203 3.15 -28.56 -8.52
N PRO A 204 3.29 -29.80 -8.04
CA PRO A 204 2.26 -30.64 -7.42
C PRO A 204 1.86 -30.18 -6.02
N LEU A 205 0.55 -30.11 -5.78
CA LEU A 205 0.00 -29.64 -4.51
C LEU A 205 -0.36 -30.76 -3.56
N VAL A 206 -0.32 -32.02 -4.01
CA VAL A 206 -0.63 -33.15 -3.14
C VAL A 206 0.63 -33.97 -2.92
N PRO A 207 0.71 -34.75 -1.84
CA PRO A 207 1.94 -35.52 -1.57
C PRO A 207 2.14 -36.64 -2.58
N ASP A 208 3.42 -36.91 -2.86
CA ASP A 208 3.79 -38.09 -3.65
C ASP A 208 3.58 -39.34 -2.81
N PRO A 209 3.59 -40.53 -3.43
CA PRO A 209 3.61 -41.75 -2.62
C PRO A 209 4.86 -41.84 -1.74
N VAL A 215 10.47 -37.99 5.14
CA VAL A 215 11.66 -37.45 5.79
C VAL A 215 11.59 -35.91 5.82
N THR A 216 10.80 -35.38 6.76
CA THR A 216 10.68 -33.95 6.89
C THR A 216 11.99 -33.36 7.41
N PRO A 217 12.54 -32.33 6.77
CA PRO A 217 13.74 -31.67 7.29
C PRO A 217 13.53 -31.23 8.73
N PRO A 218 14.41 -31.61 9.63
CA PRO A 218 14.09 -31.53 11.07
C PRO A 218 14.32 -30.15 11.64
N GLY A 219 13.56 -29.86 12.70
CA GLY A 219 13.78 -28.68 13.51
C GLY A 219 14.87 -28.91 14.53
N ARG A 220 14.89 -28.04 15.55
CA ARG A 220 15.89 -28.14 16.60
C ARG A 220 15.68 -29.40 17.42
N PRO A 221 16.72 -29.88 18.09
CA PRO A 221 16.54 -30.98 19.05
C PRO A 221 15.59 -30.61 20.17
N ALA A 222 14.96 -31.64 20.75
CA ALA A 222 14.11 -31.50 21.94
C ALA A 222 12.90 -30.62 21.70
N GLY A 223 12.39 -30.60 20.46
CA GLY A 223 11.17 -29.89 20.16
C GLY A 223 11.23 -28.39 20.33
N LYS A 224 12.43 -27.81 20.37
CA LYS A 224 12.55 -26.40 20.64
C LYS A 224 12.24 -25.57 19.39
N PRO A 225 11.78 -24.34 19.57
CA PRO A 225 11.58 -23.46 18.41
C PRO A 225 12.91 -23.17 17.73
N TRP A 226 12.85 -22.98 16.41
CA TRP A 226 14.07 -22.83 15.62
C TRP A 226 14.89 -21.63 16.09
N THR A 227 14.24 -20.48 16.22
CA THR A 227 14.81 -19.32 16.87
C THR A 227 13.97 -19.05 18.11
N TYR A 228 14.56 -19.23 19.28
CA TYR A 228 13.82 -19.11 20.54
C TYR A 228 13.83 -17.66 21.00
N THR A 229 12.64 -17.07 21.12
CA THR A 229 12.50 -15.70 21.59
C THR A 229 11.59 -15.69 22.81
N PRO A 230 12.12 -15.48 24.01
CA PRO A 230 11.29 -15.57 25.21
C PRO A 230 10.33 -14.40 25.29
N PRO A 231 9.17 -14.58 25.93
CA PRO A 231 8.22 -13.47 26.06
C PRO A 231 8.82 -12.33 26.87
N VAL A 232 8.73 -11.13 26.32
CA VAL A 232 9.38 -9.97 26.92
C VAL A 232 8.64 -9.55 28.18
N THR A 233 9.39 -9.05 29.15
CA THR A 233 8.83 -8.30 30.26
C THR A 233 8.91 -6.81 29.89
N PHE A 234 7.76 -6.19 29.71
CA PHE A 234 7.65 -4.77 29.37
C PHE A 234 7.24 -4.02 30.63
N ASP A 235 8.10 -3.10 31.09
CA ASP A 235 7.94 -2.48 32.40
C ASP A 235 8.06 -0.97 32.27
N GLN A 236 7.15 -0.24 32.92
CA GLN A 236 7.17 1.21 32.91
C GLN A 236 6.56 1.71 34.21
N PRO A 237 7.36 1.83 35.27
CA PRO A 237 6.82 2.25 36.56
C PRO A 237 6.41 3.72 36.56
N LEU A 238 5.31 4.02 37.25
CA LEU A 238 4.75 5.37 37.31
C LEU A 238 4.36 5.71 38.74
N ASP A 239 4.82 6.87 39.21
CA ASP A 239 4.49 7.32 40.56
C ASP A 239 3.04 7.81 40.63
N ILE A 240 2.29 7.32 41.61
CA ILE A 240 0.92 7.77 41.84
C ILE A 240 0.67 7.90 43.34
N ASP A 241 0.05 9.00 43.74
CA ASP A 241 -0.29 9.27 45.14
C ASP A 241 -1.73 8.85 45.37
N LEU A 242 -1.93 7.78 46.14
CA LEU A 242 -3.27 7.26 46.38
C LEU A 242 -4.06 8.07 47.40
N SER A 243 -3.40 8.98 48.13
N SER A 243 -3.42 9.01 48.12
CA SER A 243 -4.14 9.84 49.06
CA SER A 243 -4.18 9.83 49.06
C SER A 243 -5.11 10.75 48.34
C SER A 243 -5.10 10.79 48.35
N VAL A 244 -4.76 11.19 47.13
CA VAL A 244 -5.69 11.96 46.31
C VAL A 244 -6.87 11.07 45.94
N ASP A 245 -8.09 11.59 46.08
CA ASP A 245 -9.29 10.79 45.83
C ASP A 245 -9.26 10.18 44.44
N THR A 246 -9.06 8.86 44.37
CA THR A 246 -8.78 8.16 43.13
C THR A 246 -9.88 7.15 42.83
N VAL A 247 -10.32 7.12 41.58
CA VAL A 247 -11.15 6.05 41.04
C VAL A 247 -10.35 5.32 39.99
N VAL A 248 -10.52 3.99 39.95
CA VAL A 248 -9.88 3.15 38.96
C VAL A 248 -10.93 2.77 37.91
N ILE A 249 -10.62 3.02 36.65
CA ILE A 249 -11.44 2.57 35.52
C ILE A 249 -10.62 1.53 34.77
N SER A 250 -11.13 0.31 34.70
CA SER A 250 -10.44 -0.79 34.03
C SER A 250 -11.28 -1.24 32.83
N GLY A 251 -10.66 -1.28 31.66
CA GLY A 251 -11.36 -1.69 30.46
C GLY A 251 -10.76 -2.94 29.85
N HIS A 252 -11.03 -3.16 28.56
CA HIS A 252 -10.54 -4.35 27.88
C HIS A 252 -9.02 -4.36 27.85
N GLY A 253 -8.44 -5.53 28.13
CA GLY A 253 -6.99 -5.68 28.13
C GLY A 253 -6.30 -5.17 29.38
N ALA A 254 -7.04 -4.83 30.42
CA ALA A 254 -6.44 -4.28 31.63
C ALA A 254 -5.60 -5.34 32.34
N GLY A 255 -4.50 -4.89 32.94
CA GLY A 255 -3.69 -5.75 33.78
C GLY A 255 -4.24 -5.88 35.18
N VAL A 256 -3.56 -6.68 35.99
CA VAL A 256 -3.93 -6.91 37.38
C VAL A 256 -2.93 -6.18 38.26
N HIS A 257 -3.42 -5.36 39.19
CA HIS A 257 -2.59 -4.50 40.02
C HIS A 257 -2.94 -4.68 41.49
N PRO A 258 -2.22 -5.54 42.21
CA PRO A 258 -2.50 -5.72 43.65
C PRO A 258 -2.44 -4.44 44.46
N ASN A 259 -1.52 -3.51 44.14
CA ASN A 259 -1.40 -2.31 44.96
C ASN A 259 -2.50 -1.28 44.70
N LEU A 260 -3.44 -1.59 43.81
CA LEU A 260 -4.61 -0.75 43.57
C LEU A 260 -5.90 -1.43 44.02
N ALA A 261 -5.80 -2.54 44.75
CA ALA A 261 -6.98 -3.35 45.05
C ALA A 261 -7.94 -2.65 46.01
N ALA A 262 -7.43 -1.74 46.84
CA ALA A 262 -8.26 -1.07 47.82
C ALA A 262 -9.09 0.06 47.24
N LEU A 263 -8.83 0.47 46.01
CA LEU A 263 -9.45 1.65 45.45
C LEU A 263 -10.83 1.34 44.87
N PRO A 264 -11.74 2.31 44.87
CA PRO A 264 -13.00 2.15 44.14
C PRO A 264 -12.72 1.93 42.66
N THR A 265 -13.39 0.93 42.08
CA THR A 265 -13.03 0.43 40.76
C THR A 265 -14.28 0.20 39.93
N VAL A 266 -14.38 0.89 38.80
CA VAL A 266 -15.40 0.65 37.80
C VAL A 266 -14.78 -0.27 36.74
N ALA A 267 -15.20 -1.52 36.74
CA ALA A 267 -14.57 -2.56 35.92
C ALA A 267 -15.56 -3.05 34.87
N GLU A 268 -15.17 -2.94 33.61
CA GLU A 268 -15.93 -3.58 32.55
C GLU A 268 -15.93 -5.10 32.77
N PRO A 269 -16.94 -5.79 32.24
CA PRO A 269 -17.02 -7.24 32.48
C PRO A 269 -15.80 -8.03 32.02
N THR A 270 -15.11 -7.61 30.95
CA THR A 270 -13.94 -8.34 30.50
C THR A 270 -12.66 -7.96 31.24
N ALA A 271 -12.69 -6.93 32.08
CA ALA A 271 -11.49 -6.56 32.80
C ALA A 271 -11.29 -7.48 34.00
N PRO A 272 -10.06 -7.97 34.22
CA PRO A 272 -9.79 -8.77 35.42
C PRO A 272 -9.78 -7.89 36.65
N ARG A 273 -10.49 -8.32 37.69
CA ARG A 273 -10.54 -7.56 38.93
C ARG A 273 -9.22 -7.68 39.67
N SER A 274 -8.69 -6.54 40.11
CA SER A 274 -7.55 -6.52 41.00
C SER A 274 -7.93 -6.58 42.47
N GLY A 275 -9.19 -6.31 42.80
CA GLY A 275 -9.56 -6.18 44.19
C GLY A 275 -11.03 -6.37 44.46
N ASP A 276 -11.47 -5.80 45.59
CA ASP A 276 -12.74 -6.15 46.22
C ASP A 276 -13.60 -4.94 46.52
N ASN A 277 -13.32 -3.78 45.92
CA ASN A 277 -14.02 -2.53 46.22
C ASN A 277 -14.68 -2.02 44.94
N PRO A 278 -15.80 -2.62 44.55
CA PRO A 278 -16.41 -2.27 43.26
C PRO A 278 -17.18 -0.96 43.31
N LEU A 279 -17.27 -0.31 42.15
CA LEU A 279 -18.03 0.91 41.98
C LEU A 279 -18.87 0.76 40.72
N HIS A 280 -20.18 0.63 40.88
CA HIS A 280 -21.08 0.47 39.76
C HIS A 280 -20.97 1.67 38.83
N PRO A 281 -21.00 1.46 37.51
CA PRO A 281 -20.83 2.60 36.59
C PRO A 281 -21.90 3.67 36.73
N LEU A 282 -23.12 3.30 37.13
CA LEU A 282 -24.15 4.31 37.34
C LEU A 282 -23.85 5.21 38.53
N ALA A 283 -23.02 4.75 39.47
CA ALA A 283 -22.66 5.57 40.62
C ALA A 283 -21.62 6.63 40.29
N LEU A 284 -20.92 6.48 39.16
CA LEU A 284 -19.82 7.39 38.85
C LEU A 284 -20.25 8.83 38.66
N PRO A 285 -21.36 9.15 37.98
CA PRO A 285 -21.77 10.57 37.88
C PRO A 285 -22.07 11.20 39.23
N LEU A 286 -22.31 10.41 40.28
CA LEU A 286 -22.58 10.94 41.61
C LEU A 286 -21.32 11.30 42.37
N LEU A 287 -20.15 11.01 41.81
CA LEU A 287 -18.87 11.28 42.43
C LEU A 287 -18.07 12.23 41.55
N ARG A 288 -17.10 12.91 42.16
CA ARG A 288 -16.12 13.72 41.45
C ARG A 288 -14.75 13.31 41.94
N PRO A 289 -14.17 12.25 41.38
CA PRO A 289 -12.80 11.88 41.74
C PRO A 289 -11.85 13.00 41.40
N GLN A 290 -10.82 13.14 42.22
N GLN A 290 -10.80 13.14 42.22
CA GLN A 290 -9.75 14.10 41.95
CA GLN A 290 -9.75 14.10 41.94
C GLN A 290 -8.69 13.54 41.01
C GLN A 290 -8.68 13.54 41.02
N GLN A 291 -8.76 12.25 40.69
CA GLN A 291 -7.69 11.56 40.00
C GLN A 291 -8.26 10.24 39.48
N VAL A 292 -7.88 9.88 38.26
CA VAL A 292 -8.38 8.66 37.63
C VAL A 292 -7.19 7.81 37.20
N ILE A 293 -7.23 6.53 37.55
CA ILE A 293 -6.27 5.55 37.05
C ILE A 293 -7.00 4.65 36.07
N MET A 294 -6.58 4.69 34.81
CA MET A 294 -7.25 4.02 33.72
C MET A 294 -6.44 2.79 33.31
N LEU A 295 -7.04 1.62 33.45
CA LEU A 295 -6.39 0.35 33.13
C LEU A 295 -6.93 -0.18 31.80
N GLY A 296 -6.02 -0.56 30.91
CA GLY A 296 -6.45 -1.09 29.63
C GLY A 296 -7.18 -0.04 28.80
N ARG A 297 -8.16 -0.53 28.04
CA ARG A 297 -8.88 0.26 27.04
C ARG A 297 -10.36 0.30 27.41
N PRO A 298 -10.80 1.32 28.18
CA PRO A 298 -12.22 1.40 28.55
C PRO A 298 -13.04 2.16 27.53
N THR A 299 -14.04 1.49 26.94
CA THR A 299 -14.91 2.12 25.96
C THR A 299 -16.38 1.83 26.19
N LEU A 300 -16.75 1.12 27.26
CA LEU A 300 -18.09 0.54 27.33
C LEU A 300 -19.13 1.52 27.85
N HIS A 301 -18.81 2.28 28.88
CA HIS A 301 -19.81 3.01 29.67
C HIS A 301 -19.79 4.49 29.33
N ARG A 302 -20.98 5.04 29.03
CA ARG A 302 -21.11 6.48 28.80
CA ARG A 302 -21.07 6.47 28.80
C ARG A 302 -20.64 7.29 30.00
N PRO A 303 -21.02 6.97 31.25
CA PRO A 303 -20.51 7.79 32.37
C PRO A 303 -19.00 7.77 32.47
N VAL A 304 -18.37 6.63 32.15
CA VAL A 304 -16.91 6.59 32.06
C VAL A 304 -16.42 7.53 30.97
N SER A 305 -17.01 7.41 29.77
CA SER A 305 -16.63 8.29 28.67
C SER A 305 -16.76 9.76 29.04
N VAL A 306 -17.85 10.11 29.73
CA VAL A 306 -18.05 11.50 30.14
C VAL A 306 -16.96 11.94 31.10
N LEU A 307 -16.64 11.09 32.08
CA LEU A 307 -15.58 11.41 33.04
C LEU A 307 -14.25 11.59 32.33
N LEU A 308 -13.86 10.62 31.50
CA LEU A 308 -12.58 10.70 30.83
C LEU A 308 -12.52 11.86 29.84
N ALA A 309 -13.66 12.24 29.26
CA ALA A 309 -13.71 13.39 28.37
C ALA A 309 -13.66 14.71 29.13
N ASP A 310 -13.80 14.69 30.45
CA ASP A 310 -13.63 15.89 31.28
C ASP A 310 -12.14 16.14 31.43
N ALA A 311 -11.63 17.15 30.73
CA ALA A 311 -10.20 17.42 30.66
C ALA A 311 -9.65 18.07 31.92
N GLU A 312 -10.44 18.18 33.00
CA GLU A 312 -9.95 18.76 34.24
C GLU A 312 -9.50 17.71 35.25
N VAL A 313 -9.89 16.45 35.06
CA VAL A 313 -9.52 15.38 35.96
C VAL A 313 -8.23 14.74 35.46
N PRO A 314 -7.16 14.69 36.25
CA PRO A 314 -5.94 14.02 35.82
C PRO A 314 -6.15 12.52 35.66
N VAL A 315 -5.60 11.97 34.58
CA VAL A 315 -5.75 10.55 34.25
C VAL A 315 -4.36 9.93 34.12
N PHE A 316 -4.19 8.76 34.71
CA PHE A 316 -2.97 7.97 34.59
C PHE A 316 -3.30 6.66 33.88
N ALA A 317 -2.66 6.43 32.74
CA ALA A 317 -2.94 5.28 31.88
C ALA A 317 -1.94 4.17 32.19
N LEU A 318 -2.44 3.06 32.72
CA LEU A 318 -1.63 1.88 33.02
C LEU A 318 -2.04 0.75 32.08
N THR A 319 -1.10 0.29 31.26
CA THR A 319 -1.38 -0.71 30.24
C THR A 319 -0.34 -1.83 30.31
N THR A 320 -0.70 -2.99 29.76
CA THR A 320 0.21 -4.12 29.68
C THR A 320 1.15 -4.03 28.50
N GLY A 321 0.78 -3.32 27.44
CA GLY A 321 1.64 -3.14 26.29
C GLY A 321 1.88 -1.68 25.98
N PRO A 322 2.58 -1.40 24.87
CA PRO A 322 2.93 -0.01 24.55
C PRO A 322 1.75 0.85 24.13
N ARG A 323 0.65 0.26 23.68
CA ARG A 323 -0.53 1.05 23.34
C ARG A 323 -1.18 1.62 24.60
N TRP A 324 -1.72 2.83 24.47
CA TRP A 324 -2.55 3.38 25.53
C TRP A 324 -3.71 4.13 24.90
N PRO A 325 -4.89 4.07 25.52
CA PRO A 325 -6.09 4.60 24.86
C PRO A 325 -6.08 6.11 24.74
N ASP A 326 -6.83 6.61 23.75
CA ASP A 326 -6.98 8.04 23.50
C ASP A 326 -8.31 8.57 24.03
N VAL A 327 -8.98 7.81 24.90
CA VAL A 327 -10.31 8.18 25.36
C VAL A 327 -10.33 9.36 26.30
N SER A 328 -9.16 9.85 26.72
CA SER A 328 -9.07 11.03 27.57
C SER A 328 -8.01 11.98 27.01
N GLY A 329 -8.33 13.26 27.01
CA GLY A 329 -7.39 14.29 26.61
C GLY A 329 -6.50 14.79 27.71
N ASN A 330 -6.66 14.31 28.94
CA ASN A 330 -5.88 14.74 30.08
C ASN A 330 -5.15 13.57 30.74
N SER A 331 -4.64 12.65 29.93
CA SER A 331 -3.72 11.64 30.45
C SER A 331 -2.40 12.31 30.79
N GLN A 332 -2.07 12.36 32.08
CA GLN A 332 -0.84 13.03 32.50
C GLN A 332 0.39 12.18 32.26
N ALA A 333 0.26 10.86 32.28
CA ALA A 333 1.40 9.99 32.13
C ALA A 333 0.92 8.57 31.84
N THR A 334 1.83 7.76 31.31
CA THR A 334 1.57 6.37 31.00
C THR A 334 2.50 5.49 31.82
N GLY A 335 2.06 4.27 32.08
CA GLY A 335 2.88 3.29 32.75
C GLY A 335 2.35 1.90 32.53
N THR A 336 3.10 0.92 33.04
CA THR A 336 2.60 -0.45 33.13
C THR A 336 2.17 -0.82 34.54
N ARG A 337 2.69 -0.12 35.54
CA ARG A 337 2.35 -0.38 36.92
C ARG A 337 2.50 0.91 37.72
N ALA A 338 1.81 0.98 38.84
CA ALA A 338 1.91 2.12 39.73
C ALA A 338 2.94 1.85 40.81
N VAL A 339 3.68 2.88 41.18
CA VAL A 339 4.51 2.90 42.37
C VAL A 339 3.82 3.88 43.33
N THR A 340 3.07 3.34 44.29
CA THR A 340 2.13 4.13 45.05
C THR A 340 2.74 4.65 46.35
N THR A 341 2.24 5.81 46.77
CA THR A 341 2.45 6.33 48.11
C THR A 341 1.10 6.77 48.67
N GLY A 342 0.97 6.69 49.99
CA GLY A 342 -0.27 7.05 50.63
C GLY A 342 -1.33 5.97 50.50
N ALA A 343 -2.55 6.34 50.88
CA ALA A 343 -3.69 5.44 50.86
C ALA A 343 -4.96 6.28 50.73
N PRO A 344 -6.05 5.70 50.21
CA PRO A 344 -7.27 6.49 50.05
C PRO A 344 -7.87 6.91 51.37
N ARG A 345 -8.45 8.11 51.39
CA ARG A 345 -9.07 8.62 52.60
C ARG A 345 -10.31 7.81 52.94
N PRO A 346 -10.57 7.56 54.22
CA PRO A 346 -11.78 6.80 54.58
C PRO A 346 -13.07 7.47 54.13
N ALA A 347 -13.15 8.79 54.18
CA ALA A 347 -14.35 9.48 53.73
C ALA A 347 -14.58 9.27 52.24
N TRP A 348 -13.51 9.24 51.45
CA TRP A 348 -13.64 8.95 50.02
C TRP A 348 -14.16 7.54 49.81
N LEU A 349 -13.59 6.56 50.52
CA LEU A 349 -14.05 5.18 50.40
C LEU A 349 -15.51 5.04 50.84
N ASP A 350 -15.88 5.75 51.91
CA ASP A 350 -17.26 5.66 52.41
C ASP A 350 -18.25 6.21 51.39
N ARG A 351 -17.92 7.33 50.74
CA ARG A 351 -18.84 7.93 49.78
C ARG A 351 -19.02 7.03 48.55
N CYS A 352 -17.90 6.52 48.02
CA CYS A 352 -17.99 5.63 46.87
C CYS A 352 -18.79 4.37 47.19
N ALA A 353 -18.58 3.78 48.37
CA ALA A 353 -19.30 2.58 48.74
C ALA A 353 -20.80 2.85 48.84
N ALA A 354 -21.19 4.02 49.35
CA ALA A 354 -22.61 4.35 49.46
C ALA A 354 -23.24 4.57 48.09
N MET A 355 -22.55 5.31 47.21
CA MET A 355 -23.07 5.49 45.85
C MET A 355 -23.16 4.16 45.12
N ASN A 356 -22.17 3.28 45.30
CA ASN A 356 -22.25 1.94 44.73
C ASN A 356 -23.49 1.21 45.21
N ARG A 357 -23.82 1.32 46.49
CA ARG A 357 -25.00 0.64 47.01
C ARG A 357 -26.28 1.24 46.45
N HIS A 358 -26.34 2.57 46.31
CA HIS A 358 -27.49 3.21 45.67
C HIS A 358 -27.73 2.62 44.29
N ALA A 359 -26.67 2.50 43.49
CA ALA A 359 -26.81 2.03 42.12
C ALA A 359 -27.27 0.57 42.08
N ILE A 360 -26.67 -0.28 42.90
CA ILE A 360 -27.04 -1.69 42.92
C ILE A 360 -28.49 -1.86 43.38
N ALA A 361 -28.84 -1.20 44.50
CA ALA A 361 -30.21 -1.29 45.00
C ALA A 361 -31.21 -0.78 43.98
N ALA A 362 -30.87 0.33 43.29
CA ALA A 362 -31.77 0.87 42.28
C ALA A 362 -32.02 -0.13 41.16
N VAL A 363 -30.97 -0.81 40.71
CA VAL A 363 -31.12 -1.77 39.62
C VAL A 363 -31.91 -2.99 40.08
N ARG A 364 -31.55 -3.55 41.23
N ARG A 364 -31.53 -3.56 41.23
CA ARG A 364 -32.21 -4.76 41.70
CA ARG A 364 -32.20 -4.75 41.74
C ARG A 364 -33.67 -4.51 42.02
C ARG A 364 -33.68 -4.49 41.99
N GLU A 365 -33.98 -3.38 42.65
CA GLU A 365 -35.36 -3.09 43.03
C GLU A 365 -36.24 -2.82 41.81
N GLN A 366 -35.75 -2.00 40.87
CA GLN A 366 -36.57 -1.65 39.72
C GLN A 366 -36.78 -2.83 38.78
N LEU A 367 -35.78 -3.72 38.68
CA LEU A 367 -35.98 -4.96 37.95
C LEU A 367 -37.09 -5.79 38.59
N ALA A 368 -37.05 -5.90 39.93
CA ALA A 368 -38.06 -6.69 40.63
C ALA A 368 -39.45 -6.10 40.48
N ALA A 369 -39.55 -4.77 40.50
CA ALA A 369 -40.84 -4.10 40.40
C ALA A 369 -41.37 -4.04 38.97
N HIS A 370 -40.59 -4.46 38.00
CA HIS A 370 -41.00 -4.34 36.60
C HIS A 370 -41.91 -5.51 36.22
N PRO A 371 -42.99 -5.23 35.49
CA PRO A 371 -43.94 -6.32 35.18
C PRO A 371 -43.41 -7.33 34.18
N LEU A 372 -42.65 -6.90 33.18
CA LEU A 372 -42.29 -7.75 32.05
C LEU A 372 -40.82 -8.16 32.10
N THR A 373 -40.53 -9.26 31.42
CA THR A 373 -39.16 -9.74 31.27
C THR A 373 -38.49 -8.98 30.12
N THR A 374 -37.40 -8.29 30.44
CA THR A 374 -36.62 -7.55 29.46
C THR A 374 -35.27 -8.24 29.26
N GLY A 375 -34.51 -7.72 28.28
CA GLY A 375 -33.15 -8.20 28.11
C GLY A 375 -32.31 -8.02 29.35
N LEU A 376 -32.59 -6.98 30.13
CA LEU A 376 -31.86 -6.77 31.38
C LEU A 376 -32.17 -7.85 32.40
N HIS A 377 -33.42 -8.36 32.40
CA HIS A 377 -33.75 -9.47 33.29
C HIS A 377 -33.01 -10.74 32.90
N VAL A 378 -32.91 -11.00 31.59
CA VAL A 378 -32.19 -12.18 31.12
C VAL A 378 -30.73 -12.11 31.52
N ALA A 379 -30.11 -10.94 31.34
CA ALA A 379 -28.71 -10.78 31.76
C ALA A 379 -28.55 -11.00 33.25
N ALA A 380 -29.45 -10.43 34.05
CA ALA A 380 -29.38 -10.62 35.50
C ALA A 380 -29.56 -12.09 35.86
N ALA A 381 -30.45 -12.78 35.15
CA ALA A 381 -30.64 -14.21 35.39
C ALA A 381 -29.37 -15.00 35.08
N VAL A 382 -28.75 -14.69 33.93
CA VAL A 382 -27.50 -15.36 33.55
C VAL A 382 -26.42 -15.09 34.58
N SER A 383 -26.25 -13.83 34.96
N SER A 383 -26.26 -13.83 34.97
CA SER A 383 -25.25 -13.46 35.95
CA SER A 383 -25.23 -13.47 35.95
C SER A 383 -25.45 -14.22 37.26
C SER A 383 -25.45 -14.20 37.27
N HIS A 384 -26.71 -14.39 37.67
CA HIS A 384 -27.01 -15.04 38.93
C HIS A 384 -26.65 -16.52 38.90
N ALA A 385 -26.83 -17.17 37.75
CA ALA A 385 -26.57 -18.60 37.61
C ALA A 385 -25.09 -18.93 37.42
N LEU A 386 -24.21 -17.95 37.47
CA LEU A 386 -22.80 -18.20 37.19
C LEU A 386 -22.07 -18.72 38.44
N ARG A 387 -21.05 -19.53 38.20
CA ARG A 387 -20.23 -20.15 39.22
C ARG A 387 -18.76 -19.97 38.91
N PRO A 388 -17.92 -19.80 39.93
CA PRO A 388 -16.47 -19.68 39.67
C PRO A 388 -15.95 -20.85 38.85
N GLY A 389 -15.05 -20.54 37.92
CA GLY A 389 -14.61 -21.50 36.94
C GLY A 389 -15.42 -21.51 35.66
N ASP A 390 -16.60 -20.90 35.65
CA ASP A 390 -17.35 -20.73 34.41
C ASP A 390 -16.62 -19.79 33.46
N GLN A 391 -16.86 -19.97 32.17
CA GLN A 391 -16.48 -19.01 31.15
C GLN A 391 -17.74 -18.36 30.60
N LEU A 392 -17.73 -17.03 30.51
CA LEU A 392 -18.86 -16.25 30.05
C LEU A 392 -18.47 -15.52 28.77
N VAL A 393 -19.27 -15.68 27.73
CA VAL A 393 -19.03 -15.06 26.43
C VAL A 393 -20.19 -14.14 26.13
N LEU A 394 -19.89 -12.86 25.92
CA LEU A 394 -20.91 -11.83 25.80
C LEU A 394 -20.89 -11.21 24.41
N GLY A 395 -22.08 -11.07 23.82
CA GLY A 395 -22.21 -10.18 22.68
C GLY A 395 -21.76 -8.78 23.06
N ALA A 396 -20.99 -8.17 22.17
CA ALA A 396 -20.22 -6.99 22.52
C ALA A 396 -21.03 -5.70 22.55
N SER A 397 -22.35 -5.75 22.38
CA SER A 397 -23.17 -4.55 22.40
C SER A 397 -24.02 -4.59 23.66
N ASN A 398 -25.30 -4.97 23.58
CA ASN A 398 -26.21 -4.97 24.72
C ASN A 398 -25.86 -5.99 25.80
N PRO A 399 -25.50 -7.24 25.45
CA PRO A 399 -25.23 -8.22 26.52
C PRO A 399 -24.15 -7.80 27.49
N VAL A 400 -23.04 -7.24 26.99
CA VAL A 400 -21.96 -6.83 27.90
C VAL A 400 -22.39 -5.59 28.69
N ARG A 401 -23.26 -4.75 28.11
CA ARG A 401 -23.77 -3.60 28.87
C ARG A 401 -24.80 -4.04 29.90
N ASP A 402 -25.75 -4.87 29.50
CA ASP A 402 -26.80 -5.30 30.43
C ASP A 402 -26.21 -6.07 31.62
N VAL A 403 -25.19 -6.90 31.36
CA VAL A 403 -24.54 -7.64 32.43
C VAL A 403 -23.81 -6.69 33.37
N ALA A 404 -23.17 -5.65 32.82
CA ALA A 404 -22.55 -4.64 33.67
C ALA A 404 -23.59 -3.87 34.46
N LEU A 405 -24.73 -3.57 33.84
CA LEU A 405 -25.81 -2.90 34.56
C LEU A 405 -26.35 -3.77 35.69
N ALA A 406 -26.52 -5.07 35.43
CA ALA A 406 -26.98 -6.01 36.44
C ALA A 406 -25.99 -6.22 37.57
N GLY A 407 -24.78 -5.65 37.47
CA GLY A 407 -23.83 -5.70 38.55
C GLY A 407 -23.08 -6.99 38.70
N LEU A 408 -22.81 -7.69 37.59
CA LEU A 408 -22.15 -8.99 37.65
C LEU A 408 -20.81 -8.89 38.37
N ASP A 409 -20.56 -9.86 39.25
CA ASP A 409 -19.30 -10.01 39.96
C ASP A 409 -18.46 -11.03 39.19
N THR A 410 -17.36 -10.57 38.60
CA THR A 410 -16.60 -11.38 37.66
C THR A 410 -15.48 -12.19 38.29
N ARG A 411 -15.20 -12.01 39.58
CA ARG A 411 -14.10 -12.73 40.21
C ARG A 411 -14.30 -14.23 40.09
N GLY A 412 -13.26 -14.93 39.65
CA GLY A 412 -13.33 -16.35 39.40
C GLY A 412 -13.96 -16.75 38.09
N ILE A 413 -14.50 -15.80 37.33
CA ILE A 413 -15.10 -16.04 36.03
C ILE A 413 -14.15 -15.53 34.95
N ARG A 414 -14.10 -16.24 33.82
CA ARG A 414 -13.44 -15.76 32.62
C ARG A 414 -14.46 -15.20 31.67
N VAL A 415 -14.43 -13.89 31.47
CA VAL A 415 -15.40 -13.19 30.64
C VAL A 415 -14.72 -12.83 29.33
N ARG A 416 -15.32 -13.26 28.22
CA ARG A 416 -14.81 -12.98 26.89
C ARG A 416 -15.83 -12.17 26.12
N SER A 417 -15.34 -11.20 25.34
CA SER A 417 -16.20 -10.42 24.47
C SER A 417 -15.32 -9.72 23.43
N ASN A 418 -15.81 -9.66 22.20
CA ASN A 418 -15.06 -9.08 21.09
C ASN A 418 -15.12 -7.55 21.18
N ARG A 419 -14.43 -7.02 22.18
CA ARG A 419 -14.48 -5.59 22.47
C ARG A 419 -13.50 -4.77 21.65
N GLY A 420 -12.69 -5.42 20.79
CA GLY A 420 -11.77 -4.66 19.96
C GLY A 420 -12.48 -3.67 19.05
N VAL A 421 -13.42 -4.17 18.24
CA VAL A 421 -14.27 -3.31 17.42
C VAL A 421 -15.75 -3.47 17.75
N ALA A 422 -16.11 -4.47 18.56
CA ALA A 422 -17.48 -4.66 19.04
C ALA A 422 -18.46 -4.83 17.89
N GLY A 423 -18.01 -5.50 16.84
CA GLY A 423 -18.84 -5.75 15.69
C GLY A 423 -19.86 -6.83 15.94
N ILE A 424 -20.80 -6.94 15.01
CA ILE A 424 -21.85 -7.95 15.10
C ILE A 424 -21.34 -9.32 14.67
N ASP A 425 -20.31 -9.36 13.83
CA ASP A 425 -19.93 -10.58 13.14
C ASP A 425 -19.28 -11.59 14.09
N GLY A 426 -19.58 -12.87 13.85
CA GLY A 426 -18.81 -13.97 14.40
C GLY A 426 -18.99 -14.25 15.88
N THR A 427 -20.03 -13.70 16.51
CA THR A 427 -20.19 -13.90 17.95
C THR A 427 -20.41 -15.37 18.30
N VAL A 428 -21.21 -16.07 17.48
CA VAL A 428 -21.46 -17.49 17.74
C VAL A 428 -20.17 -18.30 17.60
N SER A 429 -19.44 -18.07 16.51
CA SER A 429 -18.17 -18.78 16.30
C SER A 429 -17.18 -18.46 17.41
N THR A 430 -17.15 -17.22 17.88
CA THR A 430 -16.24 -16.86 18.96
C THR A 430 -16.57 -17.63 20.23
N ALA A 431 -17.85 -17.74 20.57
CA ALA A 431 -18.24 -18.51 21.74
C ALA A 431 -17.87 -19.98 21.59
N ILE A 432 -18.12 -20.54 20.41
CA ILE A 432 -17.78 -21.95 20.16
C ILE A 432 -16.29 -22.16 20.28
N GLY A 433 -15.49 -21.27 19.68
CA GLY A 433 -14.05 -21.39 19.76
C GLY A 433 -13.52 -21.21 21.17
N ALA A 434 -14.11 -20.29 21.93
CA ALA A 434 -13.68 -20.06 23.31
C ALA A 434 -13.98 -21.28 24.18
N ALA A 435 -15.14 -21.89 23.98
CA ALA A 435 -15.48 -23.10 24.73
C ALA A 435 -14.50 -24.23 24.41
N LEU A 436 -14.22 -24.44 23.13
CA LEU A 436 -13.33 -25.52 22.71
C LEU A 436 -11.94 -25.34 23.33
N ALA A 437 -11.39 -24.13 23.24
CA ALA A 437 -10.06 -23.88 23.79
C ALA A 437 -10.08 -23.98 25.32
N TYR A 438 -11.14 -23.48 25.95
CA TYR A 438 -11.23 -23.49 27.41
C TYR A 438 -11.31 -24.92 27.93
N GLU A 439 -12.13 -25.76 27.30
CA GLU A 439 -12.21 -27.16 27.68
C GLU A 439 -10.88 -27.86 27.44
N GLY A 440 -10.22 -27.56 26.30
CA GLY A 440 -8.96 -28.21 26.00
C GLY A 440 -7.89 -27.92 27.03
N ALA A 441 -7.81 -26.67 27.49
CA ALA A 441 -6.87 -26.33 28.56
C ALA A 441 -7.22 -27.07 29.85
N HIS A 442 -8.51 -27.23 30.13
CA HIS A 442 -8.91 -27.97 31.33
C HIS A 442 -8.57 -29.44 31.23
N GLU A 443 -8.64 -30.02 30.04
CA GLU A 443 -8.29 -31.42 29.88
C GLU A 443 -6.84 -31.68 30.26
N ARG A 444 -5.96 -30.73 29.95
CA ARG A 444 -4.54 -30.86 30.24
C ARG A 444 -4.21 -30.61 31.71
N THR A 445 -5.17 -30.16 32.52
CA THR A 445 -4.94 -30.12 33.97
C THR A 445 -4.61 -31.50 34.52
N GLY A 446 -5.16 -32.55 33.89
CA GLY A 446 -5.17 -33.86 34.47
C GLY A 446 -6.37 -34.14 35.34
N SER A 447 -7.22 -33.14 35.57
CA SER A 447 -8.39 -33.32 36.42
C SER A 447 -9.41 -34.21 35.72
N PRO A 448 -9.99 -35.19 36.41
CA PRO A 448 -11.08 -35.96 35.82
C PRO A 448 -12.43 -35.26 35.90
N ASP A 449 -12.47 -34.04 36.42
CA ASP A 449 -13.70 -33.26 36.49
C ASP A 449 -14.36 -33.21 35.12
N SER A 450 -15.69 -33.05 35.13
CA SER A 450 -16.39 -32.69 33.92
C SER A 450 -15.87 -31.36 33.41
N PRO A 451 -16.01 -31.09 32.11
CA PRO A 451 -15.48 -29.83 31.58
C PRO A 451 -16.19 -28.64 32.19
N PRO A 452 -15.49 -27.53 32.40
CA PRO A 452 -16.14 -26.33 32.89
C PRO A 452 -17.15 -25.80 31.88
N ARG A 453 -18.13 -25.07 32.38
CA ARG A 453 -19.19 -24.55 31.52
C ARG A 453 -18.75 -23.29 30.81
N THR A 454 -19.14 -23.17 29.55
CA THR A 454 -19.14 -21.90 28.83
C THR A 454 -20.58 -21.50 28.57
N ILE A 455 -20.95 -20.31 29.03
CA ILE A 455 -22.28 -19.76 28.84
C ILE A 455 -22.15 -18.48 28.04
N ALA A 456 -22.83 -18.42 26.90
CA ALA A 456 -22.81 -17.25 26.04
C ALA A 456 -24.17 -16.54 26.12
N LEU A 457 -24.13 -15.21 26.14
CA LEU A 457 -25.33 -14.38 26.14
C LEU A 457 -25.31 -13.51 24.90
N ILE A 458 -26.27 -13.73 24.00
CA ILE A 458 -26.30 -13.09 22.69
C ILE A 458 -27.72 -12.60 22.43
N GLY A 459 -27.84 -11.42 21.81
CA GLY A 459 -29.13 -10.95 21.36
C GLY A 459 -29.58 -11.69 20.11
N ASP A 460 -30.88 -11.62 19.84
CA ASP A 460 -31.44 -12.38 18.72
C ASP A 460 -30.88 -11.90 17.39
N LEU A 461 -30.70 -10.59 17.22
CA LEU A 461 -30.16 -10.07 15.96
C LEU A 461 -28.75 -10.56 15.74
N THR A 462 -27.92 -10.56 16.80
CA THR A 462 -26.56 -11.09 16.68
C THR A 462 -26.59 -12.58 16.36
N PHE A 463 -27.45 -13.33 17.03
CA PHE A 463 -27.51 -14.77 16.80
C PHE A 463 -27.90 -15.10 15.38
N VAL A 464 -28.94 -14.43 14.86
CA VAL A 464 -29.37 -14.67 13.49
C VAL A 464 -28.25 -14.31 12.52
N HIS A 465 -27.59 -13.18 12.75
CA HIS A 465 -26.56 -12.71 11.84
C HIS A 465 -25.43 -13.73 11.69
N ASP A 466 -25.00 -14.32 12.81
CA ASP A 466 -23.93 -15.32 12.79
C ASP A 466 -24.46 -16.74 13.01
N SER A 467 -25.72 -17.00 12.67
CA SER A 467 -26.28 -18.32 12.92
C SER A 467 -25.50 -19.42 12.20
N SER A 468 -24.95 -19.12 11.01
CA SER A 468 -24.17 -20.12 10.31
C SER A 468 -22.84 -20.43 11.00
N GLY A 469 -22.48 -19.66 12.02
CA GLY A 469 -21.39 -20.04 12.89
C GLY A 469 -21.69 -21.27 13.72
N LEU A 470 -22.97 -21.62 13.87
CA LEU A 470 -23.34 -22.86 14.54
C LEU A 470 -22.84 -24.08 13.79
N LEU A 471 -22.70 -23.97 12.47
CA LEU A 471 -22.41 -25.14 11.64
C LEU A 471 -21.09 -25.76 12.04
N ILE A 472 -21.15 -27.02 12.50
CA ILE A 472 -19.96 -27.82 12.77
C ILE A 472 -20.15 -29.15 12.05
N GLY A 473 -19.25 -29.43 11.11
CA GLY A 473 -19.28 -30.67 10.36
C GLY A 473 -19.25 -31.89 11.26
N PRO A 474 -19.83 -33.00 10.79
CA PRO A 474 -19.89 -34.21 11.62
C PRO A 474 -18.53 -34.68 12.12
N THR A 475 -17.46 -34.45 11.35
CA THR A 475 -16.13 -34.87 11.76
C THR A 475 -15.43 -33.89 12.68
N GLU A 476 -16.02 -32.70 12.89
CA GLU A 476 -15.23 -31.65 13.53
C GLU A 476 -15.53 -31.56 15.02
N PRO A 477 -14.56 -31.06 15.79
CA PRO A 477 -14.74 -30.96 17.25
C PRO A 477 -15.98 -30.16 17.62
N ILE A 478 -16.71 -30.67 18.61
CA ILE A 478 -17.89 -30.01 19.16
C ILE A 478 -17.59 -29.60 20.59
N PRO A 479 -17.98 -28.41 21.03
CA PRO A 479 -17.84 -28.07 22.46
C PRO A 479 -18.61 -29.06 23.32
N ARG A 480 -18.08 -29.36 24.48
CA ARG A 480 -18.72 -30.27 25.35
C ARG A 480 -19.69 -29.64 26.33
N SER A 481 -19.46 -28.39 26.69
CA SER A 481 -20.26 -27.73 27.68
C SER A 481 -20.50 -26.26 27.32
N LEU A 482 -21.14 -26.03 26.18
CA LEU A 482 -21.47 -24.68 25.72
C LEU A 482 -22.98 -24.50 25.67
N THR A 483 -23.48 -23.46 26.33
CA THR A 483 -24.88 -23.06 26.26
C THR A 483 -24.96 -21.64 25.73
N ILE A 484 -25.61 -21.46 24.59
CA ILE A 484 -25.82 -20.15 24.00
C ILE A 484 -27.19 -19.66 24.45
N VAL A 485 -27.22 -18.60 25.25
CA VAL A 485 -28.47 -18.01 25.70
C VAL A 485 -28.81 -16.85 24.76
N VAL A 486 -29.92 -16.99 24.02
CA VAL A 486 -30.35 -15.96 23.09
C VAL A 486 -31.48 -15.17 23.74
N SER A 487 -31.21 -13.91 24.05
CA SER A 487 -32.23 -12.99 24.56
C SER A 487 -32.94 -12.36 23.37
N ASN A 488 -34.20 -12.72 23.16
CA ASN A 488 -34.91 -12.41 21.92
C ASN A 488 -36.04 -11.41 22.21
N ASP A 489 -35.78 -10.14 21.91
CA ASP A 489 -36.82 -9.12 21.83
C ASP A 489 -37.13 -8.73 20.39
N ASN A 490 -36.68 -9.55 19.44
CA ASN A 490 -36.96 -9.37 18.01
C ASN A 490 -36.58 -7.98 17.51
N ASP A 507 -31.18 8.08 10.78
CA ASP A 507 -30.78 7.47 9.51
C ASP A 507 -31.94 6.69 8.90
N VAL A 508 -31.96 6.64 7.57
CA VAL A 508 -32.97 5.87 6.85
C VAL A 508 -32.73 4.38 7.03
N SER A 509 -31.47 3.96 7.18
CA SER A 509 -31.16 2.55 7.32
C SER A 509 -31.83 1.93 8.54
N SER A 510 -32.29 2.76 9.49
CA SER A 510 -32.98 2.27 10.67
C SER A 510 -34.39 1.79 10.39
N ARG A 511 -34.89 1.95 9.15
CA ARG A 511 -36.29 1.66 8.87
C ARG A 511 -36.62 0.20 9.13
N ILE A 512 -35.67 -0.71 8.85
CA ILE A 512 -35.90 -2.13 9.08
C ILE A 512 -36.13 -2.42 10.55
N PHE A 513 -35.49 -1.65 11.44
CA PHE A 513 -35.76 -1.72 12.86
C PHE A 513 -37.15 -1.18 13.14
N HIS A 517 -37.46 -8.64 12.66
CA HIS A 517 -36.92 -9.56 11.65
C HIS A 517 -37.81 -10.79 11.53
N ASP A 518 -38.30 -11.29 12.67
CA ASP A 518 -39.37 -12.28 12.71
C ASP A 518 -38.93 -13.63 12.14
N VAL A 519 -37.71 -14.05 12.47
CA VAL A 519 -37.18 -15.34 12.01
C VAL A 519 -37.11 -16.29 13.21
N ASP A 520 -37.41 -17.56 12.96
CA ASP A 520 -37.55 -18.53 14.05
C ASP A 520 -36.17 -19.04 14.46
N VAL A 521 -35.83 -18.84 15.73
CA VAL A 521 -34.53 -19.28 16.23
C VAL A 521 -34.44 -20.80 16.20
N GLY A 522 -35.49 -21.49 16.65
CA GLY A 522 -35.49 -22.94 16.59
C GLY A 522 -35.36 -23.48 15.18
N ALA A 523 -35.93 -22.78 14.20
CA ALA A 523 -35.79 -23.21 12.81
C ALA A 523 -34.32 -23.13 12.37
N LEU A 524 -33.63 -22.05 12.74
CA LEU A 524 -32.20 -21.96 12.44
C LEU A 524 -31.42 -23.09 13.11
N CYS A 525 -31.73 -23.38 14.37
CA CYS A 525 -31.03 -24.44 15.07
C CYS A 525 -31.31 -25.80 14.46
N ARG A 526 -32.51 -26.00 13.93
CA ARG A 526 -32.79 -27.22 13.17
C ARG A 526 -31.95 -27.27 11.91
N ALA A 527 -31.73 -26.12 11.26
CA ALA A 527 -30.94 -26.09 10.04
C ALA A 527 -29.51 -26.55 10.30
N TYR A 528 -28.94 -26.17 11.44
CA TYR A 528 -27.55 -26.49 11.76
C TYR A 528 -27.44 -27.59 12.81
N HIS A 529 -28.48 -28.42 12.95
CA HIS A 529 -28.52 -29.59 13.84
C HIS A 529 -27.91 -29.29 15.21
N VAL A 530 -28.49 -28.31 15.90
CA VAL A 530 -28.11 -27.95 17.26
C VAL A 530 -29.34 -28.04 18.14
N GLU A 531 -29.19 -28.67 19.30
CA GLU A 531 -30.27 -28.72 20.28
C GLU A 531 -30.67 -27.32 20.71
N SER A 532 -31.96 -27.04 20.68
CA SER A 532 -32.45 -25.72 21.07
C SER A 532 -33.74 -25.87 21.87
N ARG A 533 -33.94 -24.93 22.79
CA ARG A 533 -35.08 -24.92 23.68
C ARG A 533 -35.50 -23.48 23.90
N GLN A 534 -36.80 -23.30 24.15
CA GLN A 534 -37.36 -21.98 24.46
C GLN A 534 -37.92 -22.04 25.87
N ILE A 535 -37.45 -21.13 26.73
CA ILE A 535 -37.74 -21.19 28.16
C ILE A 535 -38.03 -19.80 28.70
N GLU A 536 -38.72 -19.78 29.83
CA GLU A 536 -38.96 -18.56 30.59
C GLU A 536 -37.71 -18.19 31.39
N VAL A 537 -37.67 -16.94 31.85
CA VAL A 537 -36.45 -16.43 32.48
C VAL A 537 -36.18 -17.11 33.83
N ASP A 538 -37.22 -17.55 34.54
CA ASP A 538 -36.98 -18.23 35.81
C ASP A 538 -36.52 -19.66 35.61
N GLU A 539 -36.80 -20.25 34.45
CA GLU A 539 -36.28 -21.58 34.11
C GLU A 539 -34.82 -21.56 33.71
N LEU A 540 -34.19 -20.38 33.63
CA LEU A 540 -32.86 -20.28 33.05
C LEU A 540 -31.81 -20.91 33.95
N GLY A 541 -31.64 -20.37 35.15
CA GLY A 541 -30.69 -20.88 36.12
C GLY A 541 -30.76 -22.39 36.33
N PRO A 542 -31.96 -22.92 36.58
CA PRO A 542 -32.08 -24.38 36.69
C PRO A 542 -31.69 -25.12 35.41
N THR A 543 -32.10 -24.62 34.25
CA THR A 543 -31.75 -25.29 32.99
C THR A 543 -30.25 -25.27 32.76
N LEU A 544 -29.60 -24.13 33.06
CA LEU A 544 -28.15 -24.04 32.90
C LEU A 544 -27.43 -25.03 33.79
N ASP A 545 -28.01 -25.35 34.96
CA ASP A 545 -27.32 -26.25 35.88
C ASP A 545 -27.40 -27.70 35.44
N GLN A 546 -28.44 -28.07 34.71
CA GLN A 546 -28.54 -29.43 34.19
C GLN A 546 -27.39 -29.66 33.21
N PRO A 547 -26.52 -30.65 33.45
CA PRO A 547 -25.33 -30.81 32.61
C PRO A 547 -25.68 -31.22 31.17
N ALA A 549 -25.43 -31.57 27.37
CA ALA A 549 -26.02 -31.91 26.09
C ALA A 549 -25.13 -31.43 24.94
N GLY A 550 -23.84 -31.25 25.25
CA GLY A 550 -22.88 -30.82 24.26
C GLY A 550 -22.97 -29.33 23.95
N MET A 551 -23.59 -29.01 22.82
CA MET A 551 -23.89 -27.63 22.43
C MET A 551 -25.39 -27.47 22.38
N ARG A 552 -25.90 -26.35 22.89
CA ARG A 552 -27.33 -26.13 22.86
C ARG A 552 -27.63 -24.65 22.97
N VAL A 553 -28.80 -24.27 22.47
CA VAL A 553 -29.27 -22.89 22.48
C VAL A 553 -30.52 -22.81 23.35
N LEU A 554 -30.51 -21.88 24.29
CA LEU A 554 -31.68 -21.57 25.10
C LEU A 554 -32.18 -20.19 24.69
N GLU A 555 -33.37 -20.15 24.09
CA GLU A 555 -33.99 -18.90 23.65
C GLU A 555 -34.95 -18.41 24.72
N VAL A 556 -34.80 -17.15 25.11
CA VAL A 556 -35.65 -16.52 26.11
C VAL A 556 -36.30 -15.30 25.46
N LYS A 557 -37.62 -15.34 25.30
CA LYS A 557 -38.33 -14.18 24.79
C LYS A 557 -38.30 -13.05 25.81
N ALA A 558 -38.10 -11.83 25.32
CA ALA A 558 -38.03 -10.66 26.18
C ALA A 558 -38.81 -9.52 25.55
N ASP A 559 -39.27 -8.61 26.40
CA ASP A 559 -39.98 -7.42 25.97
C ASP A 559 -39.01 -6.24 25.86
N ARG A 560 -39.15 -5.47 24.78
CA ARG A 560 -38.42 -4.22 24.66
C ARG A 560 -39.32 -3.00 24.65
N SER A 561 -40.65 -3.19 24.62
CA SER A 561 -41.56 -2.05 24.65
C SER A 561 -41.46 -1.29 25.96
N SER A 562 -41.33 -2.01 27.07
CA SER A 562 -41.24 -1.40 28.39
C SER A 562 -39.82 -0.99 28.76
N LEU A 563 -38.87 -1.09 27.83
CA LEU A 563 -37.47 -0.86 28.17
C LEU A 563 -37.23 0.57 28.63
N ARG A 564 -37.86 1.55 27.97
CA ARG A 564 -37.56 2.95 28.29
C ARG A 564 -38.02 3.32 29.70
N GLN A 565 -39.19 2.85 30.12
CA GLN A 565 -39.64 3.19 31.47
C GLN A 565 -38.91 2.39 32.54
N LEU A 566 -38.39 1.21 32.20
CA LEU A 566 -37.52 0.50 33.14
C LEU A 566 -36.23 1.27 33.39
N HIS A 567 -35.58 1.73 32.32
CA HIS A 567 -34.36 2.51 32.47
C HIS A 567 -34.64 3.84 33.17
N ALA A 568 -35.76 4.47 32.85
CA ALA A 568 -36.13 5.71 33.52
C ALA A 568 -36.35 5.49 35.02
N ALA A 569 -36.99 4.38 35.38
CA ALA A 569 -37.19 4.06 36.79
C ALA A 569 -35.86 3.87 37.51
N ILE A 570 -34.91 3.23 36.84
CA ILE A 570 -33.58 3.04 37.44
C ILE A 570 -32.90 4.39 37.63
N LYS A 571 -32.88 5.21 36.58
CA LYS A 571 -32.28 6.54 36.68
C LYS A 571 -32.93 7.37 37.78
N ALA A 572 -34.26 7.38 37.82
CA ALA A 572 -34.97 8.18 38.81
C ALA A 572 -34.70 7.70 40.22
N ALA A 573 -34.41 6.41 40.40
CA ALA A 573 -34.25 5.82 41.72
C ALA A 573 -32.87 6.01 42.32
N LEU A 574 -31.93 6.60 41.59
CA LEU A 574 -30.59 6.82 42.14
C LEU A 574 -30.60 7.89 43.22
N MET B 21 25.24 -21.03 -18.10
CA MET B 21 24.92 -19.63 -17.84
C MET B 21 24.06 -19.53 -16.58
N ASN B 22 24.54 -18.80 -15.57
CA ASN B 22 23.84 -18.75 -14.30
C ASN B 22 22.51 -18.02 -14.44
N PRO B 23 21.58 -18.23 -13.50
CA PRO B 23 20.21 -17.74 -13.71
C PRO B 23 20.09 -16.22 -13.77
N SER B 24 20.83 -15.49 -12.93
CA SER B 24 20.75 -14.03 -12.97
C SER B 24 21.21 -13.49 -14.32
N THR B 25 22.26 -14.07 -14.88
CA THR B 25 22.76 -13.62 -16.18
C THR B 25 21.78 -13.96 -17.29
N THR B 26 21.21 -15.16 -17.26
CA THR B 26 20.21 -15.56 -18.26
C THR B 26 19.02 -14.62 -18.24
N GLN B 27 18.46 -14.37 -17.05
CA GLN B 27 17.27 -13.54 -16.93
C GLN B 27 17.55 -12.11 -17.40
N ALA B 28 18.70 -11.56 -17.01
CA ALA B 28 19.03 -10.20 -17.39
C ALA B 28 19.16 -10.06 -18.90
N ARG B 29 19.82 -11.03 -19.55
CA ARG B 29 20.01 -10.95 -20.99
C ARG B 29 18.68 -11.08 -21.73
N VAL B 30 17.77 -11.91 -21.21
CA VAL B 30 16.45 -12.04 -21.83
C VAL B 30 15.68 -10.74 -21.72
N VAL B 31 15.67 -10.14 -20.53
CA VAL B 31 14.93 -8.90 -20.31
C VAL B 31 15.45 -7.79 -21.21
N VAL B 32 16.77 -7.60 -21.22
CA VAL B 32 17.36 -6.55 -22.04
C VAL B 32 17.05 -6.77 -23.51
N ASP B 33 17.13 -8.02 -23.98
CA ASP B 33 16.82 -8.31 -25.37
C ASP B 33 15.36 -7.97 -25.70
N GLU B 34 14.45 -8.31 -24.79
CA GLU B 34 13.04 -8.07 -25.05
C GLU B 34 12.71 -6.58 -25.01
N LEU B 35 13.37 -5.84 -24.12
CA LEU B 35 13.19 -4.39 -24.10
C LEU B 35 13.64 -3.77 -25.40
N ILE B 36 14.78 -4.23 -25.94
CA ILE B 36 15.26 -3.72 -27.22
C ILE B 36 14.24 -4.02 -28.32
N ARG B 37 13.72 -5.25 -28.35
CA ARG B 37 12.69 -5.61 -29.31
C ARG B 37 11.45 -4.75 -29.18
N GLY B 38 11.23 -4.14 -28.02
CA GLY B 38 10.08 -3.29 -27.77
C GLY B 38 10.25 -1.83 -28.12
N GLY B 39 11.38 -1.45 -28.70
CA GLY B 39 11.62 -0.08 -29.12
C GLY B 39 12.47 0.75 -28.18
N VAL B 40 13.03 0.16 -27.13
CA VAL B 40 13.90 0.90 -26.23
C VAL B 40 15.24 1.13 -26.95
N ARG B 41 15.53 2.38 -27.26
CA ARG B 41 16.78 2.75 -27.93
CA ARG B 41 16.78 2.73 -27.92
C ARG B 41 17.82 3.31 -26.97
N ASP B 42 17.41 3.82 -25.81
CA ASP B 42 18.30 4.43 -24.83
C ASP B 42 18.00 3.89 -23.44
N VAL B 43 19.06 3.63 -22.67
CA VAL B 43 18.94 3.18 -21.29
C VAL B 43 19.88 4.00 -20.42
N VAL B 44 19.36 4.50 -19.30
CA VAL B 44 20.16 5.17 -18.28
C VAL B 44 20.51 4.14 -17.20
N LEU B 45 21.78 4.12 -16.79
CA LEU B 45 22.25 3.16 -15.81
C LEU B 45 22.97 3.87 -14.68
N CYS B 46 22.63 3.50 -13.45
CA CYS B 46 23.33 3.97 -12.27
C CYS B 46 24.06 2.81 -11.60
N PRO B 47 25.23 3.06 -11.03
CA PRO B 47 26.09 1.94 -10.58
C PRO B 47 25.58 1.26 -9.33
N GLY B 48 25.88 -0.03 -9.25
CA GLY B 48 25.62 -0.81 -8.06
C GLY B 48 26.10 -2.22 -8.28
N SER B 49 25.99 -3.03 -7.24
CA SER B 49 26.32 -4.45 -7.32
C SER B 49 25.10 -5.32 -7.57
N ARG B 50 23.98 -5.06 -6.88
CA ARG B 50 22.81 -5.90 -7.06
C ARG B 50 22.24 -5.79 -8.47
N ASN B 51 22.48 -4.68 -9.17
CA ASN B 51 22.03 -4.54 -10.55
C ASN B 51 23.10 -4.95 -11.55
N ALA B 52 24.19 -5.56 -11.09
CA ALA B 52 25.24 -6.02 -12.00
C ALA B 52 24.72 -6.89 -13.14
N PRO B 53 23.81 -7.85 -12.93
CA PRO B 53 23.29 -8.60 -14.09
C PRO B 53 22.70 -7.69 -15.16
N LEU B 54 21.95 -6.67 -14.77
CA LEU B 54 21.42 -5.73 -15.74
C LEU B 54 22.53 -4.91 -16.37
N ALA B 55 23.52 -4.47 -15.58
CA ALA B 55 24.59 -3.63 -16.10
C ALA B 55 25.42 -4.37 -17.14
N PHE B 56 25.70 -5.66 -16.90
CA PHE B 56 26.48 -6.44 -17.86
C PHE B 56 25.72 -6.61 -19.16
N ALA B 57 24.45 -6.99 -19.07
CA ALA B 57 23.65 -7.20 -20.29
C ALA B 57 23.43 -5.91 -21.04
N LEU B 58 23.28 -4.78 -20.32
CA LEU B 58 23.10 -3.50 -20.99
C LEU B 58 24.38 -3.06 -21.68
N GLN B 59 25.53 -3.32 -21.06
CA GLN B 59 26.80 -2.94 -21.68
C GLN B 59 27.05 -3.74 -22.96
N ASP B 60 26.68 -5.02 -22.96
CA ASP B 60 26.73 -5.82 -24.18
C ASP B 60 25.91 -5.19 -25.29
N ALA B 61 24.65 -4.88 -25.00
CA ALA B 61 23.76 -4.29 -26.00
C ALA B 61 24.32 -2.97 -26.53
N ASP B 62 24.98 -2.19 -25.67
CA ASP B 62 25.63 -0.97 -26.13
C ASP B 62 26.83 -1.29 -27.01
N ARG B 63 27.65 -2.26 -26.60
CA ARG B 63 28.78 -2.69 -27.42
C ARG B 63 28.32 -3.16 -28.79
N SER B 64 27.21 -3.91 -28.85
CA SER B 64 26.66 -4.39 -30.10
C SER B 64 26.01 -3.27 -30.92
N GLY B 65 25.82 -2.09 -30.34
CA GLY B 65 25.13 -1.01 -31.02
C GLY B 65 23.62 -1.15 -31.03
N ARG B 66 23.06 -2.07 -30.24
CA ARG B 66 21.61 -2.24 -30.21
C ARG B 66 20.93 -1.14 -29.41
N ILE B 67 21.62 -0.59 -28.42
CA ILE B 67 21.13 0.55 -27.64
C ILE B 67 22.28 1.52 -27.42
N ARG B 68 21.94 2.69 -26.89
CA ARG B 68 22.94 3.63 -26.41
C ARG B 68 22.80 3.74 -24.90
N LEU B 69 23.88 3.43 -24.19
CA LEU B 69 23.90 3.43 -22.74
C LEU B 69 24.37 4.78 -22.22
N HIS B 70 23.74 5.26 -21.15
CA HIS B 70 24.13 6.50 -20.49
C HIS B 70 24.27 6.23 -19.00
N VAL B 71 25.50 6.24 -18.50
CA VAL B 71 25.76 5.99 -17.09
C VAL B 71 25.73 7.30 -16.33
N ARG B 72 25.04 7.32 -15.20
CA ARG B 72 25.00 8.49 -14.33
C ARG B 72 25.20 8.05 -12.89
N ILE B 73 25.59 9.01 -12.06
CA ILE B 73 25.93 8.74 -10.67
C ILE B 73 24.74 9.01 -9.74
N ASP B 74 23.96 10.06 -10.01
CA ASP B 74 22.86 10.49 -9.16
C ASP B 74 21.55 9.99 -9.74
N GLU B 75 20.88 9.08 -9.03
CA GLU B 75 19.67 8.45 -9.54
C GLU B 75 18.56 9.45 -9.79
N ARG B 76 18.46 10.49 -8.95
CA ARG B 76 17.35 11.44 -9.10
C ARG B 76 17.43 12.17 -10.43
N THR B 77 18.58 12.79 -10.71
CA THR B 77 18.72 13.49 -11.99
C THR B 77 18.86 12.51 -13.16
N ALA B 78 19.29 11.27 -12.90
CA ALA B 78 19.28 10.25 -13.95
C ALA B 78 17.87 9.98 -14.44
N GLY B 79 16.88 10.05 -13.54
CA GLY B 79 15.51 9.86 -13.96
C GLY B 79 15.03 10.93 -14.92
N TYR B 80 15.43 12.18 -14.68
CA TYR B 80 15.06 13.26 -15.59
C TYR B 80 15.83 13.18 -16.90
N LEU B 81 17.07 12.66 -16.85
CA LEU B 81 17.76 12.35 -18.09
C LEU B 81 16.96 11.37 -18.94
N ALA B 82 16.42 10.33 -18.28
CA ALA B 82 15.59 9.36 -19.00
C ALA B 82 14.31 10.01 -19.49
N ILE B 83 13.76 10.95 -18.72
CA ILE B 83 12.58 11.69 -19.19
C ILE B 83 12.93 12.48 -20.45
N GLY B 84 14.08 13.16 -20.43
CA GLY B 84 14.51 13.88 -21.61
C GLY B 84 14.71 12.97 -22.81
N LEU B 85 15.34 11.82 -22.59
CA LEU B 85 15.54 10.86 -23.68
C LEU B 85 14.21 10.36 -24.23
N ALA B 86 13.15 10.36 -23.43
CA ALA B 86 11.87 9.87 -23.89
C ALA B 86 11.10 10.94 -24.65
N ILE B 87 11.09 12.18 -24.15
CA ILE B 87 10.32 13.22 -24.82
C ILE B 87 11.05 13.78 -26.04
N GLY B 88 12.36 13.58 -26.14
CA GLY B 88 13.08 14.10 -27.29
C GLY B 88 12.69 13.42 -28.59
N ALA B 89 12.40 12.12 -28.53
CA ALA B 89 12.08 11.35 -29.72
C ALA B 89 10.84 10.48 -29.59
N GLY B 90 10.24 10.39 -28.40
CA GLY B 90 8.97 9.68 -28.25
C GLY B 90 9.07 8.20 -28.00
N ALA B 91 10.23 7.68 -27.63
CA ALA B 91 10.38 6.26 -27.40
C ALA B 91 10.37 5.95 -25.91
N PRO B 92 10.03 4.71 -25.54
CA PRO B 92 10.17 4.32 -24.14
C PRO B 92 11.64 4.27 -23.74
N VAL B 93 11.92 4.67 -22.51
CA VAL B 93 13.29 4.75 -22.00
C VAL B 93 13.34 4.08 -20.64
N CYS B 94 14.38 3.26 -20.42
CA CYS B 94 14.59 2.61 -19.14
C CYS B 94 15.67 3.34 -18.35
N VAL B 95 15.49 3.39 -17.03
CA VAL B 95 16.55 3.74 -16.10
C VAL B 95 16.71 2.56 -15.16
N ALA B 96 17.96 2.12 -14.97
CA ALA B 96 18.25 0.94 -14.17
C ALA B 96 19.15 1.31 -13.00
N MET B 97 18.85 0.77 -11.83
CA MET B 97 19.62 1.11 -10.64
C MET B 97 19.56 -0.05 -9.64
N THR B 98 20.37 0.06 -8.59
CA THR B 98 20.48 -0.95 -7.57
C THR B 98 19.35 -0.81 -6.55
N SER B 99 19.35 -1.67 -5.54
CA SER B 99 18.27 -1.70 -4.56
C SER B 99 18.47 -0.62 -3.50
N GLY B 100 17.37 -0.26 -2.84
CA GLY B 100 17.43 0.66 -1.73
C GLY B 100 17.04 2.09 -2.08
N THR B 101 17.73 3.06 -1.48
CA THR B 101 17.39 4.47 -1.72
C THR B 101 17.65 4.88 -3.16
N ALA B 102 18.47 4.13 -3.90
CA ALA B 102 18.62 4.38 -5.33
C ALA B 102 17.26 4.33 -6.02
N VAL B 103 16.42 3.38 -5.64
CA VAL B 103 15.07 3.30 -6.20
C VAL B 103 14.22 4.46 -5.71
N ALA B 104 14.29 4.76 -4.41
CA ALA B 104 13.52 5.87 -3.85
C ALA B 104 13.87 7.19 -4.53
N ASN B 105 15.10 7.34 -5.00
CA ASN B 105 15.51 8.57 -5.65
C ASN B 105 14.85 8.77 -7.01
N LEU B 106 14.18 7.76 -7.56
CA LEU B 106 13.45 7.94 -8.81
C LEU B 106 12.07 8.52 -8.60
N GLY B 107 11.66 8.72 -7.34
CA GLY B 107 10.37 9.26 -7.00
C GLY B 107 9.99 10.52 -7.75
N PRO B 108 10.83 11.56 -7.69
CA PRO B 108 10.48 12.81 -8.40
C PRO B 108 10.25 12.64 -9.89
N ALA B 109 11.14 11.93 -10.59
CA ALA B 109 10.95 11.75 -12.03
C ALA B 109 9.70 10.93 -12.33
N VAL B 110 9.39 9.95 -11.48
CA VAL B 110 8.19 9.14 -11.68
C VAL B 110 6.94 10.00 -11.60
N VAL B 111 6.89 10.90 -10.61
CA VAL B 111 5.74 11.79 -10.48
C VAL B 111 5.60 12.67 -11.71
N GLU B 112 6.71 13.26 -12.15
CA GLU B 112 6.69 14.08 -13.36
C GLU B 112 6.23 13.26 -14.57
N ALA B 113 6.78 12.05 -14.72
CA ALA B 113 6.39 11.20 -15.84
C ALA B 113 4.93 10.80 -15.78
N ASN B 114 4.37 10.66 -14.57
CA ASN B 114 2.97 10.31 -14.44
C ASN B 114 2.07 11.39 -15.02
N TYR B 115 2.28 12.64 -14.59
CA TYR B 115 1.38 13.71 -15.00
C TYR B 115 1.67 14.22 -16.40
N ALA B 116 2.91 14.05 -16.87
CA ALA B 116 3.25 14.42 -18.24
C ALA B 116 3.11 13.26 -19.22
N ARG B 117 2.75 12.07 -18.73
CA ARG B 117 2.50 10.89 -19.56
C ARG B 117 3.73 10.50 -20.38
N VAL B 118 4.82 10.26 -19.67
CA VAL B 118 6.12 9.94 -20.26
C VAL B 118 6.38 8.46 -20.07
N PRO B 119 6.70 7.70 -21.12
CA PRO B 119 6.96 6.26 -20.96
C PRO B 119 8.30 5.97 -20.29
N LEU B 120 8.35 6.09 -18.98
CA LEU B 120 9.58 5.90 -18.20
C LEU B 120 9.51 4.57 -17.47
N ILE B 121 10.45 3.68 -17.76
CA ILE B 121 10.48 2.37 -17.14
C ILE B 121 11.57 2.36 -16.07
N VAL B 122 11.15 2.21 -14.81
CA VAL B 122 12.08 2.15 -13.68
C VAL B 122 12.44 0.68 -13.48
N LEU B 123 13.64 0.30 -13.92
CA LEU B 123 14.11 -1.09 -13.90
C LEU B 123 15.04 -1.25 -12.71
N SER B 124 14.47 -1.65 -11.58
CA SER B 124 15.21 -1.73 -10.32
C SER B 124 15.60 -3.17 -10.03
N ALA B 125 16.87 -3.39 -9.71
CA ALA B 125 17.29 -4.65 -9.13
C ALA B 125 16.96 -4.67 -7.65
N ASN B 126 16.78 -5.88 -7.12
CA ASN B 126 16.34 -6.04 -5.75
C ASN B 126 17.01 -7.27 -5.16
N ARG B 127 17.18 -7.26 -3.84
CA ARG B 127 17.43 -8.50 -3.12
C ARG B 127 16.20 -9.39 -3.28
N PRO B 128 16.36 -10.70 -3.10
CA PRO B 128 15.19 -11.58 -3.09
C PRO B 128 14.19 -11.10 -2.05
N TYR B 129 12.89 -11.21 -2.39
CA TYR B 129 11.86 -10.72 -1.48
C TYR B 129 11.86 -11.48 -0.15
N GLU B 130 12.41 -12.70 -0.14
CA GLU B 130 12.50 -13.47 1.09
C GLU B 130 13.39 -12.82 2.13
N LEU B 131 14.29 -11.90 1.73
CA LEU B 131 15.17 -11.23 2.66
C LEU B 131 14.54 -10.00 3.29
N LEU B 132 13.39 -9.56 2.79
CA LEU B 132 12.69 -8.42 3.37
C LEU B 132 12.29 -8.72 4.80
N GLY B 133 12.65 -7.82 5.71
CA GLY B 133 12.38 -8.02 7.11
C GLY B 133 13.40 -8.85 7.87
N THR B 134 14.50 -9.26 7.23
CA THR B 134 15.54 -10.04 7.88
C THR B 134 16.69 -9.16 8.39
N GLY B 135 16.66 -7.86 8.13
CA GLY B 135 17.79 -7.01 8.42
C GLY B 135 18.87 -7.02 7.36
N ALA B 136 18.63 -7.67 6.22
CA ALA B 136 19.61 -7.72 5.15
C ALA B 136 20.00 -6.31 4.70
N ASN B 137 21.27 -6.15 4.39
CA ASN B 137 21.80 -4.86 3.99
C ASN B 137 21.08 -4.32 2.76
N GLN B 138 20.84 -3.01 2.76
CA GLN B 138 20.42 -2.28 1.56
C GLN B 138 19.13 -2.85 0.96
N THR B 139 18.17 -3.17 1.82
CA THR B 139 16.95 -3.84 1.41
C THR B 139 15.74 -3.12 2.01
N MET B 140 14.70 -2.94 1.20
CA MET B 140 13.54 -2.17 1.63
C MET B 140 12.30 -2.62 0.85
N GLU B 141 11.15 -2.11 1.30
CA GLU B 141 9.86 -2.37 0.65
C GLU B 141 9.85 -1.66 -0.71
N GLN B 142 10.42 -2.34 -1.70
CA GLN B 142 10.66 -1.72 -3.00
C GLN B 142 9.44 -1.80 -3.90
N LEU B 143 8.86 -3.00 -4.04
CA LEU B 143 7.72 -3.19 -4.91
C LEU B 143 6.49 -2.52 -4.31
N GLY B 144 5.84 -1.68 -5.10
CA GLY B 144 4.77 -0.85 -4.60
C GLY B 144 5.20 0.49 -4.04
N TYR B 145 6.50 0.78 -4.03
CA TYR B 145 7.00 2.01 -3.44
C TYR B 145 6.34 3.24 -4.07
N PHE B 146 6.07 3.19 -5.37
CA PHE B 146 5.59 4.35 -6.09
C PHE B 146 4.08 4.49 -6.05
N GLY B 147 3.38 3.56 -5.40
CA GLY B 147 1.94 3.70 -5.22
C GLY B 147 1.20 3.80 -6.54
N THR B 148 0.27 4.73 -6.61
CA THR B 148 -0.57 4.92 -7.79
C THR B 148 0.04 5.89 -8.79
N GLN B 149 1.31 6.26 -8.62
CA GLN B 149 1.97 7.12 -9.60
C GLN B 149 2.34 6.37 -10.86
N VAL B 150 2.55 5.05 -10.77
CA VAL B 150 2.96 4.27 -11.94
C VAL B 150 1.74 3.63 -12.58
N ARG B 151 1.86 3.36 -13.89
CA ARG B 151 0.81 2.67 -14.61
C ARG B 151 0.74 1.20 -14.23
N ALA B 152 1.86 0.65 -13.78
CA ALA B 152 1.89 -0.73 -13.30
C ALA B 152 3.13 -0.93 -12.43
N SER B 153 3.00 -1.80 -11.43
CA SER B 153 4.11 -2.27 -10.61
CA SER B 153 4.11 -2.27 -10.62
C SER B 153 4.24 -3.77 -10.85
N ILE B 154 5.27 -4.17 -11.59
CA ILE B 154 5.41 -5.54 -12.06
C ILE B 154 6.73 -6.11 -11.55
N SER B 155 6.68 -7.35 -11.06
CA SER B 155 7.86 -8.05 -10.57
C SER B 155 8.08 -9.30 -11.42
N LEU B 156 9.29 -9.45 -11.93
CA LEU B 156 9.74 -10.77 -12.33
C LEU B 156 9.88 -11.66 -11.09
N GLY B 157 9.81 -12.96 -11.32
CA GLY B 157 10.18 -13.88 -10.27
C GLY B 157 11.68 -13.88 -10.05
N LEU B 158 12.07 -14.46 -8.91
CA LEU B 158 13.47 -14.81 -8.74
C LEU B 158 13.80 -15.95 -9.69
N ALA B 159 14.93 -15.84 -10.37
CA ALA B 159 15.28 -16.82 -11.41
C ALA B 159 15.66 -18.15 -10.77
N GLU B 160 14.96 -19.21 -11.16
CA GLU B 160 15.23 -20.53 -10.63
C GLU B 160 16.35 -21.21 -11.42
N ASP B 161 17.10 -22.06 -10.74
CA ASP B 161 18.05 -22.94 -11.42
C ASP B 161 17.28 -24.18 -11.83
N ALA B 162 16.60 -24.09 -12.98
CA ALA B 162 15.76 -25.17 -13.49
C ALA B 162 15.92 -25.22 -15.01
N PRO B 163 17.01 -25.82 -15.49
CA PRO B 163 17.26 -25.81 -16.94
C PRO B 163 16.16 -26.41 -17.79
N GLU B 164 15.44 -27.41 -17.25
CA GLU B 164 14.31 -27.97 -17.99
C GLU B 164 13.16 -26.97 -18.07
N ARG B 165 13.07 -26.05 -17.12
CA ARG B 165 12.08 -24.98 -17.16
C ARG B 165 12.52 -23.78 -18.00
N THR B 166 13.63 -23.90 -18.74
CA THR B 166 14.22 -22.73 -19.40
C THR B 166 13.27 -22.14 -20.43
N SER B 167 12.63 -22.98 -21.25
CA SER B 167 11.71 -22.48 -22.26
C SER B 167 10.49 -21.81 -21.62
N ALA B 168 9.99 -22.38 -20.52
CA ALA B 168 8.85 -21.77 -19.83
C ALA B 168 9.24 -20.44 -19.21
N LEU B 169 10.42 -20.36 -18.60
CA LEU B 169 10.85 -19.12 -17.97
C LEU B 169 11.12 -18.03 -19.00
N ASN B 170 11.64 -18.41 -20.18
CA ASN B 170 11.87 -17.44 -21.24
C ASN B 170 10.56 -16.79 -21.68
N ALA B 171 9.50 -17.58 -21.78
CA ALA B 171 8.21 -17.04 -22.22
C ALA B 171 7.63 -16.10 -21.17
N THR B 172 7.65 -16.50 -19.90
CA THR B 172 7.08 -15.66 -18.85
C THR B 172 7.88 -14.37 -18.65
N TRP B 173 9.20 -14.45 -18.74
CA TRP B 173 10.03 -13.26 -18.62
C TRP B 173 9.75 -12.28 -19.76
N ARG B 174 9.76 -12.78 -21.00
CA ARG B 174 9.51 -11.91 -22.14
C ARG B 174 8.08 -11.36 -22.13
N SER B 175 7.13 -12.17 -21.67
CA SER B 175 5.75 -11.70 -21.57
C SER B 175 5.63 -10.57 -20.55
N ALA B 176 6.24 -10.74 -19.38
CA ALA B 176 6.22 -9.68 -18.37
C ALA B 176 6.88 -8.42 -18.89
N THR B 177 7.99 -8.55 -19.61
CA THR B 177 8.64 -7.40 -20.20
C THR B 177 7.70 -6.69 -21.18
N CYS B 178 6.91 -7.46 -21.93
CA CYS B 178 5.98 -6.85 -22.88
C CYS B 178 4.83 -6.17 -22.16
N ARG B 179 4.36 -6.74 -21.05
CA ARG B 179 3.36 -6.06 -20.24
C ARG B 179 3.90 -4.73 -19.73
N VAL B 180 5.17 -4.70 -19.35
CA VAL B 180 5.79 -3.46 -18.88
C VAL B 180 5.79 -2.41 -19.98
N LEU B 181 6.24 -2.81 -21.18
CA LEU B 181 6.34 -1.86 -22.29
C LEU B 181 4.97 -1.36 -22.69
N ALA B 182 3.97 -2.25 -22.74
CA ALA B 182 2.63 -1.85 -23.14
C ALA B 182 2.04 -0.83 -22.16
N ALA B 183 2.23 -1.08 -20.86
CA ALA B 183 1.73 -0.13 -19.86
C ALA B 183 2.44 1.21 -19.97
N ALA B 184 3.74 1.19 -20.23
CA ALA B 184 4.51 2.43 -20.26
C ALA B 184 4.18 3.28 -21.48
N THR B 185 4.06 2.65 -22.65
CA THR B 185 3.72 3.40 -23.86
C THR B 185 2.22 3.64 -24.00
N GLY B 186 1.41 3.04 -23.13
CA GLY B 186 -0.03 3.16 -23.29
C GLY B 186 -0.54 2.46 -24.54
N ALA B 187 0.10 1.36 -24.92
CA ALA B 187 -0.26 0.66 -26.15
C ALA B 187 -1.71 0.21 -26.13
N ARG B 188 -2.22 -0.17 -24.95
CA ARG B 188 -3.62 -0.56 -24.82
C ARG B 188 -4.47 0.49 -24.13
N THR B 189 -3.89 1.39 -23.33
CA THR B 189 -4.66 2.35 -22.56
C THR B 189 -4.73 3.73 -23.19
N ALA B 190 -3.83 4.06 -24.11
CA ALA B 190 -3.65 5.41 -24.65
C ALA B 190 -3.24 6.41 -23.57
N ASN B 191 -2.73 5.93 -22.44
CA ASN B 191 -2.30 6.78 -21.32
C ASN B 191 -0.90 6.34 -20.91
N ALA B 192 0.10 6.77 -21.69
CA ALA B 192 1.49 6.44 -21.38
C ALA B 192 1.87 7.01 -20.01
N GLY B 193 2.91 6.42 -19.43
CA GLY B 193 3.37 6.82 -18.12
C GLY B 193 4.45 5.92 -17.57
N PRO B 194 4.87 6.17 -16.33
CA PRO B 194 5.96 5.39 -15.76
C PRO B 194 5.50 4.02 -15.27
N VAL B 195 6.43 3.07 -15.30
CA VAL B 195 6.19 1.71 -14.86
C VAL B 195 7.36 1.28 -13.98
N HIS B 196 7.04 0.62 -12.87
CA HIS B 196 8.06 0.03 -12.00
C HIS B 196 8.21 -1.44 -12.35
N PHE B 197 9.42 -1.83 -12.75
CA PHE B 197 9.76 -3.19 -13.16
C PHE B 197 10.85 -3.66 -12.19
N ASP B 198 10.44 -4.35 -11.13
CA ASP B 198 11.34 -4.78 -10.07
C ASP B 198 11.83 -6.20 -10.37
N ILE B 199 13.14 -6.41 -10.26
CA ILE B 199 13.72 -7.71 -10.57
C ILE B 199 14.57 -8.20 -9.40
N PRO B 200 14.06 -9.13 -8.59
CA PRO B 200 14.87 -9.70 -7.52
C PRO B 200 15.97 -10.60 -8.08
N LEU B 201 17.17 -10.43 -7.54
CA LEU B 201 18.35 -11.11 -8.07
C LEU B 201 19.19 -11.62 -6.91
N ARG B 202 19.80 -12.78 -7.09
CA ARG B 202 20.68 -13.35 -6.09
C ARG B 202 21.93 -13.89 -6.76
N GLU B 203 22.94 -14.16 -5.93
CA GLU B 203 24.24 -14.63 -6.38
C GLU B 203 24.12 -15.99 -7.08
N PRO B 204 24.97 -16.22 -8.10
CA PRO B 204 25.98 -15.30 -8.62
C PRO B 204 25.38 -14.16 -9.46
N LEU B 205 25.94 -12.96 -9.30
CA LEU B 205 25.45 -11.78 -9.99
C LEU B 205 26.26 -11.44 -11.24
N VAL B 206 27.44 -12.03 -11.40
CA VAL B 206 28.30 -11.76 -12.56
C VAL B 206 28.27 -12.96 -13.49
N PRO B 207 28.54 -12.78 -14.78
CA PRO B 207 28.47 -13.93 -15.71
C PRO B 207 29.54 -14.96 -15.41
N ASP B 208 29.22 -16.22 -15.73
CA ASP B 208 30.16 -17.31 -15.56
C ASP B 208 31.25 -17.24 -16.63
N PRO B 209 32.39 -17.88 -16.37
CA PRO B 209 33.44 -17.94 -17.41
C PRO B 209 32.96 -18.68 -18.65
N GLU B 210 33.14 -18.06 -19.80
CA GLU B 210 32.90 -18.72 -21.07
C GLU B 210 34.01 -19.74 -21.31
N PRO B 211 33.67 -21.00 -21.61
CA PRO B 211 32.49 -21.79 -21.99
C PRO B 211 31.18 -21.03 -22.22
N VAL B 215 23.62 -20.64 -24.36
CA VAL B 215 23.10 -19.58 -25.22
C VAL B 215 21.90 -18.91 -24.55
N THR B 216 21.73 -17.62 -24.81
CA THR B 216 20.58 -16.90 -24.31
C THR B 216 19.32 -17.42 -24.99
N PRO B 217 18.28 -17.80 -24.25
CA PRO B 217 17.04 -18.26 -24.88
C PRO B 217 16.51 -17.22 -25.85
N PRO B 218 16.13 -17.63 -27.05
CA PRO B 218 15.83 -16.65 -28.10
C PRO B 218 14.41 -16.12 -27.98
N GLY B 219 14.22 -14.92 -28.53
CA GLY B 219 12.91 -14.34 -28.67
C GLY B 219 12.23 -14.83 -29.93
N ARG B 220 11.22 -14.07 -30.36
CA ARG B 220 10.49 -14.42 -31.58
C ARG B 220 11.38 -14.26 -32.81
N PRO B 221 11.05 -14.93 -33.90
CA PRO B 221 11.81 -14.75 -35.14
C PRO B 221 11.64 -13.34 -35.70
N ALA B 222 12.65 -12.90 -36.45
CA ALA B 222 12.66 -11.61 -37.14
C ALA B 222 12.68 -10.43 -36.17
N GLY B 223 13.24 -10.64 -34.98
CA GLY B 223 13.36 -9.57 -34.01
C GLY B 223 12.05 -9.02 -33.47
N LYS B 224 10.95 -9.74 -33.67
CA LYS B 224 9.66 -9.26 -33.23
CA LYS B 224 9.65 -9.25 -33.23
C LYS B 224 9.55 -9.30 -31.71
N PRO B 225 8.69 -8.46 -31.12
CA PRO B 225 8.43 -8.57 -29.68
C PRO B 225 7.68 -9.86 -29.38
N TRP B 226 7.92 -10.39 -28.17
CA TRP B 226 7.39 -11.70 -27.82
C TRP B 226 5.87 -11.73 -27.90
N THR B 227 5.22 -10.74 -27.29
CA THR B 227 3.78 -10.53 -27.43
C THR B 227 3.58 -9.18 -28.10
N TYR B 228 3.10 -9.20 -29.34
CA TYR B 228 2.96 -7.97 -30.12
C TYR B 228 1.65 -7.29 -29.78
N THR B 229 1.72 -6.06 -29.30
CA THR B 229 0.52 -5.26 -29.02
C THR B 229 0.62 -3.97 -29.82
N PRO B 230 -0.21 -3.78 -30.86
CA PRO B 230 -0.07 -2.58 -31.67
C PRO B 230 -0.58 -1.36 -30.93
N PRO B 231 -0.08 -0.17 -31.25
CA PRO B 231 -0.56 1.04 -30.58
C PRO B 231 -2.04 1.26 -30.85
N VAL B 232 -2.80 1.47 -29.77
CA VAL B 232 -4.24 1.60 -29.87
C VAL B 232 -4.60 2.94 -30.54
N THR B 233 -5.71 2.93 -31.27
CA THR B 233 -6.35 4.16 -31.72
C THR B 233 -7.52 4.42 -30.78
N PHE B 234 -7.40 5.46 -29.97
CA PHE B 234 -8.44 5.87 -29.03
C PHE B 234 -9.23 7.00 -29.66
N ASP B 235 -10.53 6.83 -29.77
CA ASP B 235 -11.36 7.75 -30.55
C ASP B 235 -12.66 8.04 -29.81
N GLN B 236 -13.00 9.33 -29.73
CA GLN B 236 -14.23 9.78 -29.07
C GLN B 236 -14.64 11.10 -29.69
N PRO B 237 -15.42 11.05 -30.78
CA PRO B 237 -15.81 12.28 -31.45
C PRO B 237 -16.86 13.05 -30.65
N LEU B 238 -16.81 14.37 -30.77
CA LEU B 238 -17.68 15.26 -30.02
C LEU B 238 -18.24 16.33 -30.94
N ASP B 239 -19.56 16.57 -30.84
CA ASP B 239 -20.22 17.60 -31.63
C ASP B 239 -19.94 18.98 -31.05
N ILE B 240 -19.43 19.88 -31.88
CA ILE B 240 -19.19 21.26 -31.48
C ILE B 240 -19.63 22.20 -32.61
N ASP B 241 -20.40 23.22 -32.27
CA ASP B 241 -20.88 24.22 -33.22
C ASP B 241 -19.93 25.43 -33.18
N LEU B 242 -19.21 25.65 -34.28
CA LEU B 242 -18.20 26.71 -34.34
C LEU B 242 -18.78 28.10 -34.56
N SER B 243 -20.08 28.22 -34.84
CA SER B 243 -20.68 29.54 -35.02
C SER B 243 -20.64 30.34 -33.72
N VAL B 244 -20.81 29.67 -32.58
CA VAL B 244 -20.66 30.34 -31.29
C VAL B 244 -19.25 30.88 -31.18
N ASP B 245 -19.12 32.12 -30.68
CA ASP B 245 -17.81 32.75 -30.52
C ASP B 245 -16.94 31.85 -29.66
N THR B 246 -15.91 31.27 -30.28
CA THR B 246 -15.12 30.21 -29.66
C THR B 246 -13.66 30.62 -29.57
N VAL B 247 -13.04 30.32 -28.43
CA VAL B 247 -11.59 30.38 -28.26
C VAL B 247 -11.10 28.98 -27.94
N VAL B 248 -9.96 28.62 -28.52
CA VAL B 248 -9.29 27.36 -28.23
C VAL B 248 -8.13 27.65 -27.27
N ILE B 249 -8.10 26.91 -26.16
CA ILE B 249 -6.98 26.95 -25.23
C ILE B 249 -6.33 25.56 -25.24
N SER B 250 -5.07 25.50 -25.63
CA SER B 250 -4.35 24.24 -25.78
C SER B 250 -3.18 24.21 -24.81
N GLY B 251 -3.09 23.15 -24.02
CA GLY B 251 -2.02 23.02 -23.07
C GLY B 251 -1.16 21.78 -23.31
N HIS B 252 -0.42 21.37 -22.28
CA HIS B 252 0.51 20.26 -22.41
C HIS B 252 -0.21 18.99 -22.85
N GLY B 253 0.38 18.31 -23.82
CA GLY B 253 -0.16 17.06 -24.32
C GLY B 253 -1.31 17.19 -25.28
N ALA B 254 -1.62 18.40 -25.75
CA ALA B 254 -2.74 18.59 -26.65
C ALA B 254 -2.50 17.90 -27.98
N GLY B 255 -3.59 17.49 -28.63
CA GLY B 255 -3.52 16.93 -29.95
C GLY B 255 -3.53 18.00 -31.02
N VAL B 256 -3.49 17.55 -32.27
CA VAL B 256 -3.49 18.43 -33.44
C VAL B 256 -4.85 18.27 -34.12
N HIS B 257 -5.55 19.38 -34.30
CA HIS B 257 -6.91 19.37 -34.85
C HIS B 257 -6.99 20.28 -36.06
N PRO B 258 -6.94 19.75 -37.29
CA PRO B 258 -7.01 20.62 -38.46
C PRO B 258 -8.31 21.39 -38.57
N ASN B 259 -9.44 20.80 -38.17
CA ASN B 259 -10.74 21.47 -38.31
C ASN B 259 -10.96 22.58 -37.30
N LEU B 260 -10.03 22.78 -36.36
CA LEU B 260 -10.07 23.92 -35.45
C LEU B 260 -9.00 24.95 -35.74
N ALA B 261 -8.28 24.79 -36.87
CA ALA B 261 -7.13 25.64 -37.15
C ALA B 261 -7.52 27.10 -37.32
N ALA B 262 -8.72 27.38 -37.82
CA ALA B 262 -9.13 28.74 -38.08
C ALA B 262 -9.42 29.53 -36.81
N LEU B 263 -9.62 28.85 -35.69
CA LEU B 263 -10.12 29.48 -34.48
C LEU B 263 -9.02 30.26 -33.75
N PRO B 264 -9.39 31.30 -33.00
CA PRO B 264 -8.42 31.97 -32.14
C PRO B 264 -7.95 31.05 -31.03
N THR B 265 -6.63 30.89 -30.91
CA THR B 265 -6.05 29.84 -30.09
C THR B 265 -5.01 30.41 -29.14
N VAL B 266 -5.27 30.29 -27.84
CA VAL B 266 -4.25 30.54 -26.82
C VAL B 266 -3.53 29.22 -26.59
N ALA B 267 -2.28 29.13 -27.05
CA ALA B 267 -1.53 27.88 -27.01
C ALA B 267 -0.31 28.02 -26.11
N GLU B 268 -0.20 27.12 -25.13
CA GLU B 268 1.00 27.02 -24.33
C GLU B 268 2.19 26.66 -25.22
N PRO B 269 3.41 27.01 -24.80
CA PRO B 269 4.58 26.75 -25.65
C PRO B 269 4.80 25.28 -25.99
N THR B 270 4.41 24.35 -25.12
CA THR B 270 4.58 22.93 -25.40
C THR B 270 3.42 22.34 -26.20
N ALA B 271 2.38 23.12 -26.47
CA ALA B 271 1.28 22.60 -27.26
C ALA B 271 1.63 22.69 -28.75
N PRO B 272 1.26 21.68 -29.54
CA PRO B 272 1.45 21.78 -30.99
C PRO B 272 0.40 22.66 -31.64
N ARG B 273 0.85 23.52 -32.53
CA ARG B 273 -0.05 24.44 -33.22
C ARG B 273 -0.84 23.69 -34.29
N SER B 274 -2.15 23.94 -34.33
CA SER B 274 -2.98 23.42 -35.42
C SER B 274 -3.17 24.42 -36.55
N GLY B 275 -2.94 25.71 -36.30
CA GLY B 275 -3.15 26.71 -37.33
C GLY B 275 -2.27 27.94 -37.21
N ASP B 276 -2.73 29.06 -37.75
CA ASP B 276 -1.98 30.31 -37.77
C ASP B 276 -2.90 31.46 -37.39
N ASN B 277 -3.68 31.29 -36.32
CA ASN B 277 -4.51 32.36 -35.77
C ASN B 277 -4.22 32.47 -34.28
N PRO B 278 -3.02 32.90 -33.92
CA PRO B 278 -2.64 32.93 -32.51
C PRO B 278 -3.39 34.02 -31.75
N LEU B 279 -3.65 33.75 -30.47
CA LEU B 279 -4.23 34.72 -29.56
C LEU B 279 -3.36 34.78 -28.31
N HIS B 280 -2.82 35.97 -28.05
CA HIS B 280 -1.91 36.14 -26.93
C HIS B 280 -2.63 35.87 -25.61
N PRO B 281 -1.97 35.23 -24.64
CA PRO B 281 -2.64 34.98 -23.35
C PRO B 281 -3.15 36.24 -22.67
N LEU B 282 -2.42 37.35 -22.80
CA LEU B 282 -2.88 38.60 -22.20
C LEU B 282 -4.14 39.13 -22.87
N ALA B 283 -4.41 38.74 -24.11
CA ALA B 283 -5.61 39.20 -24.79
C ALA B 283 -6.86 38.55 -24.25
N LEU B 284 -6.74 37.35 -23.69
CA LEU B 284 -7.91 36.55 -23.33
C LEU B 284 -8.84 37.22 -22.33
N PRO B 285 -8.37 37.80 -21.21
CA PRO B 285 -9.32 38.43 -20.28
C PRO B 285 -9.99 39.68 -20.83
N LEU B 286 -9.51 40.22 -21.94
CA LEU B 286 -10.12 41.39 -22.57
C LEU B 286 -11.18 41.03 -23.59
N LEU B 287 -11.45 39.73 -23.77
CA LEU B 287 -12.44 39.24 -24.70
C LEU B 287 -13.54 38.50 -23.94
N ARG B 288 -14.66 38.28 -24.61
CA ARG B 288 -15.82 37.58 -24.04
C ARG B 288 -16.20 36.42 -24.93
N PRO B 289 -15.43 35.34 -24.92
CA PRO B 289 -15.82 34.14 -25.67
C PRO B 289 -17.08 33.53 -25.08
N GLN B 290 -17.91 32.94 -25.94
CA GLN B 290 -19.14 32.30 -25.50
C GLN B 290 -18.99 30.80 -25.29
N GLN B 291 -17.89 30.21 -25.75
CA GLN B 291 -17.59 28.81 -25.44
C GLN B 291 -16.10 28.58 -25.66
N VAL B 292 -15.56 27.59 -24.95
CA VAL B 292 -14.13 27.30 -24.94
C VAL B 292 -13.91 25.86 -25.36
N ILE B 293 -12.95 25.64 -26.25
CA ILE B 293 -12.44 24.32 -26.58
C ILE B 293 -11.08 24.19 -25.90
N MET B 294 -10.96 23.24 -24.99
CA MET B 294 -9.75 23.03 -24.21
C MET B 294 -9.05 21.78 -24.73
N LEU B 295 -7.78 21.94 -25.11
CA LEU B 295 -6.97 20.84 -25.63
C LEU B 295 -5.85 20.53 -24.66
N GLY B 296 -5.65 19.24 -24.41
CA GLY B 296 -4.59 18.84 -23.51
C GLY B 296 -4.86 19.30 -22.08
N ARG B 297 -3.78 19.60 -21.37
CA ARG B 297 -3.82 19.98 -19.95
C ARG B 297 -3.25 21.38 -19.82
N PRO B 298 -4.09 22.43 -19.93
CA PRO B 298 -3.57 23.79 -19.80
C PRO B 298 -3.47 24.26 -18.37
N THR B 299 -2.24 24.49 -17.89
CA THR B 299 -2.01 24.95 -16.53
C THR B 299 -1.17 26.20 -16.45
N LEU B 300 -0.70 26.74 -17.58
CA LEU B 300 0.36 27.74 -17.53
C LEU B 300 -0.15 29.10 -17.06
N HIS B 301 -1.21 29.60 -17.70
CA HIS B 301 -1.53 31.01 -17.61
C HIS B 301 -2.61 31.30 -16.57
N ARG B 302 -2.48 32.46 -15.93
CA ARG B 302 -3.39 32.91 -14.89
CA ARG B 302 -3.39 32.91 -14.89
C ARG B 302 -4.69 33.46 -15.47
N PRO B 303 -4.72 34.06 -16.73
CA PRO B 303 -6.03 34.43 -17.28
C PRO B 303 -6.76 33.20 -17.81
N VAL B 304 -6.00 32.19 -18.22
CA VAL B 304 -6.60 30.92 -18.61
C VAL B 304 -7.22 30.24 -17.39
N SER B 305 -6.46 30.16 -16.30
CA SER B 305 -7.01 29.62 -15.05
C SER B 305 -8.23 30.41 -14.60
N VAL B 306 -8.19 31.73 -14.73
CA VAL B 306 -9.30 32.57 -14.29
C VAL B 306 -10.56 32.28 -15.10
N LEU B 307 -10.42 32.20 -16.43
CA LEU B 307 -11.61 32.06 -17.27
C LEU B 307 -12.22 30.67 -17.13
N LEU B 308 -11.39 29.62 -17.11
CA LEU B 308 -11.91 28.28 -16.87
C LEU B 308 -12.49 28.17 -15.47
N ALA B 309 -12.13 29.08 -14.56
CA ALA B 309 -12.81 29.14 -13.27
C ALA B 309 -14.21 29.70 -13.40
N ASP B 310 -14.48 30.48 -14.44
CA ASP B 310 -15.81 31.05 -14.65
C ASP B 310 -16.78 29.91 -14.99
N ALA B 311 -17.66 29.59 -14.06
CA ALA B 311 -18.59 28.47 -14.22
C ALA B 311 -19.66 28.73 -15.29
N GLU B 312 -19.74 29.94 -15.84
CA GLU B 312 -20.75 30.23 -16.84
C GLU B 312 -20.29 29.97 -18.28
N VAL B 313 -18.99 29.87 -18.51
CA VAL B 313 -18.45 29.65 -19.85
C VAL B 313 -18.43 28.14 -20.11
N PRO B 314 -19.20 27.63 -21.07
CA PRO B 314 -19.15 26.19 -21.37
C PRO B 314 -17.81 25.82 -22.01
N VAL B 315 -17.22 24.72 -21.54
CA VAL B 315 -15.92 24.25 -21.99
C VAL B 315 -16.09 22.86 -22.59
N PHE B 316 -15.35 22.59 -23.67
CA PHE B 316 -15.29 21.27 -24.28
C PHE B 316 -13.84 20.80 -24.24
N ALA B 317 -13.62 19.63 -23.64
CA ALA B 317 -12.29 19.11 -23.40
C ALA B 317 -11.99 18.03 -24.44
N LEU B 318 -10.97 18.28 -25.26
CA LEU B 318 -10.51 17.32 -26.25
C LEU B 318 -9.10 16.87 -25.86
N THR B 319 -8.93 15.56 -25.67
CA THR B 319 -7.68 15.00 -25.18
C THR B 319 -7.27 13.82 -26.03
N THR B 320 -5.97 13.56 -26.09
CA THR B 320 -5.46 12.40 -26.83
C THR B 320 -5.69 11.09 -26.08
N GLY B 321 -5.94 11.14 -24.77
CA GLY B 321 -6.13 9.95 -23.99
C GLY B 321 -7.32 10.04 -23.05
N PRO B 322 -7.50 9.01 -22.22
CA PRO B 322 -8.70 8.97 -21.35
C PRO B 322 -8.73 10.04 -20.27
N ARG B 323 -7.59 10.57 -19.84
CA ARG B 323 -7.58 11.62 -18.85
C ARG B 323 -8.11 12.92 -19.44
N TRP B 324 -8.79 13.71 -18.62
CA TRP B 324 -9.18 15.05 -19.03
C TRP B 324 -9.05 15.97 -17.82
N PRO B 325 -8.58 17.20 -18.03
CA PRO B 325 -8.18 18.04 -16.90
C PRO B 325 -9.36 18.52 -16.08
N ASP B 326 -9.08 18.83 -14.81
CA ASP B 326 -10.09 19.31 -13.88
C ASP B 326 -10.02 20.83 -13.67
N VAL B 327 -9.33 21.54 -14.56
CA VAL B 327 -9.12 22.97 -14.37
C VAL B 327 -10.41 23.77 -14.51
N SER B 328 -11.41 23.25 -15.20
CA SER B 328 -12.70 23.91 -15.34
C SER B 328 -13.80 23.07 -14.71
N GLY B 329 -14.67 23.74 -13.96
CA GLY B 329 -15.85 23.10 -13.44
C GLY B 329 -17.04 23.08 -14.36
N ASN B 330 -16.91 23.63 -15.57
CA ASN B 330 -18.01 23.71 -16.52
C ASN B 330 -17.68 23.00 -17.83
N SER B 331 -16.97 21.88 -17.73
CA SER B 331 -16.74 21.04 -18.91
C SER B 331 -18.04 20.33 -19.26
N GLN B 332 -18.62 20.70 -20.41
CA GLN B 332 -19.88 20.08 -20.82
C GLN B 332 -19.67 18.67 -21.32
N ALA B 333 -18.55 18.39 -21.96
CA ALA B 333 -18.32 17.10 -22.59
C ALA B 333 -16.84 16.90 -22.84
N THR B 334 -16.47 15.65 -23.11
CA THR B 334 -15.11 15.27 -23.43
C THR B 334 -15.07 14.57 -24.79
N GLY B 335 -13.89 14.60 -25.41
CA GLY B 335 -13.70 13.89 -26.66
C GLY B 335 -12.23 13.81 -27.00
N THR B 336 -11.94 13.16 -28.12
CA THR B 336 -10.62 13.21 -28.72
C THR B 336 -10.55 14.09 -29.95
N ARG B 337 -11.68 14.37 -30.58
CA ARG B 337 -11.72 15.19 -31.79
C ARG B 337 -13.09 15.84 -31.89
N ALA B 338 -13.14 16.96 -32.61
CA ALA B 338 -14.37 17.69 -32.81
C ALA B 338 -15.02 17.28 -34.14
N VAL B 339 -16.33 17.12 -34.10
CA VAL B 339 -17.16 17.03 -35.30
C VAL B 339 -17.85 18.39 -35.42
N THR B 340 -17.34 19.23 -36.33
CA THR B 340 -17.71 20.63 -36.35
C THR B 340 -18.85 20.90 -37.31
N THR B 341 -19.77 21.77 -36.88
CA THR B 341 -20.74 22.40 -37.76
C THR B 341 -20.61 23.90 -37.62
N GLY B 342 -21.12 24.63 -38.62
CA GLY B 342 -21.01 26.07 -38.61
C GLY B 342 -19.60 26.55 -38.90
N ALA B 343 -19.40 27.84 -38.63
CA ALA B 343 -18.14 28.52 -38.88
C ALA B 343 -18.09 29.76 -38.02
N PRO B 344 -16.89 30.27 -37.69
CA PRO B 344 -16.80 31.42 -36.79
C PRO B 344 -17.31 32.69 -37.44
N ARG B 345 -17.96 33.53 -36.65
CA ARG B 345 -18.36 34.85 -37.12
C ARG B 345 -17.12 35.61 -37.59
N PRO B 346 -17.12 36.18 -38.80
CA PRO B 346 -15.97 36.99 -39.24
C PRO B 346 -15.67 38.15 -38.32
N ALA B 347 -16.69 38.76 -37.70
CA ALA B 347 -16.45 39.83 -36.75
C ALA B 347 -15.69 39.32 -35.53
N TRP B 348 -16.07 38.15 -35.02
CA TRP B 348 -15.38 37.56 -33.88
C TRP B 348 -13.91 37.29 -34.20
N LEU B 349 -13.64 36.73 -35.38
CA LEU B 349 -12.26 36.49 -35.79
C LEU B 349 -11.49 37.80 -35.91
N ASP B 350 -12.10 38.82 -36.52
CA ASP B 350 -11.45 40.13 -36.61
C ASP B 350 -11.15 40.69 -35.23
N ARG B 351 -12.09 40.54 -34.29
CA ARG B 351 -11.91 41.10 -32.95
C ARG B 351 -10.74 40.44 -32.23
N CYS B 352 -10.69 39.11 -32.24
CA CYS B 352 -9.61 38.40 -31.55
C CYS B 352 -8.27 38.68 -32.19
N ALA B 353 -8.22 38.71 -33.53
CA ALA B 353 -6.97 39.03 -34.21
C ALA B 353 -6.47 40.42 -33.83
N ALA B 354 -7.39 41.39 -33.76
CA ALA B 354 -7.01 42.75 -33.37
C ALA B 354 -6.44 42.78 -31.96
N MET B 355 -7.10 42.09 -31.02
CA MET B 355 -6.63 42.10 -29.64
C MET B 355 -5.29 41.40 -29.50
N ASN B 356 -5.05 40.36 -30.30
CA ASN B 356 -3.75 39.68 -30.28
C ASN B 356 -2.64 40.62 -30.73
N ARG B 357 -2.82 41.28 -31.88
CA ARG B 357 -1.86 42.27 -32.34
C ARG B 357 -1.62 43.33 -31.27
N HIS B 358 -2.68 43.74 -30.57
CA HIS B 358 -2.56 44.77 -29.55
C HIS B 358 -1.70 44.30 -28.38
N ALA B 359 -1.92 43.06 -27.94
CA ALA B 359 -1.15 42.53 -26.82
C ALA B 359 0.33 42.39 -27.17
N ILE B 360 0.62 41.88 -28.37
CA ILE B 360 2.01 41.75 -28.82
C ILE B 360 2.69 43.10 -28.82
N ALA B 361 2.01 44.13 -29.34
CA ALA B 361 2.60 45.46 -29.39
C ALA B 361 2.86 46.01 -27.99
N ALA B 362 1.93 45.78 -27.06
CA ALA B 362 2.11 46.27 -25.70
C ALA B 362 3.34 45.65 -25.05
N VAL B 363 3.50 44.32 -25.19
CA VAL B 363 4.68 43.65 -24.64
C VAL B 363 5.95 44.18 -25.28
N ARG B 364 5.94 44.34 -26.61
CA ARG B 364 7.14 44.80 -27.30
C ARG B 364 7.51 46.23 -26.93
N GLU B 365 6.50 47.11 -26.84
CA GLU B 365 6.78 48.50 -26.49
C GLU B 365 7.40 48.61 -25.10
N GLN B 366 6.79 47.96 -24.10
CA GLN B 366 7.28 48.09 -22.74
C GLN B 366 8.65 47.47 -22.57
N LEU B 367 8.97 46.41 -23.34
CA LEU B 367 10.30 45.82 -23.27
C LEU B 367 11.37 46.82 -23.72
N ALA B 368 11.11 47.50 -24.84
CA ALA B 368 12.06 48.51 -25.32
C ALA B 368 12.15 49.69 -24.35
N ALA B 369 11.01 50.14 -23.84
CA ALA B 369 10.97 51.24 -22.89
C ALA B 369 11.53 50.88 -21.53
N HIS B 370 11.93 49.63 -21.32
CA HIS B 370 12.56 49.22 -20.07
C HIS B 370 14.06 49.21 -20.27
N PRO B 371 14.83 49.93 -19.44
CA PRO B 371 16.27 50.05 -19.69
C PRO B 371 17.04 48.79 -19.34
N LEU B 372 16.76 48.25 -18.16
CA LEU B 372 17.53 47.12 -17.65
C LEU B 372 17.08 45.82 -18.29
N THR B 373 18.04 44.90 -18.43
CA THR B 373 17.75 43.57 -18.92
C THR B 373 17.00 42.76 -17.88
N THR B 374 15.88 42.17 -18.29
CA THR B 374 15.12 41.26 -17.46
C THR B 374 15.13 39.88 -18.09
N GLY B 375 14.67 38.89 -17.32
CA GLY B 375 14.49 37.55 -17.87
C GLY B 375 13.53 37.53 -19.04
N LEU B 376 12.56 38.45 -19.05
CA LEU B 376 11.67 38.57 -20.20
C LEU B 376 12.44 39.01 -21.44
N HIS B 377 13.42 39.90 -21.27
CA HIS B 377 14.25 40.30 -22.39
C HIS B 377 15.07 39.11 -22.91
N VAL B 378 15.70 38.38 -22.00
CA VAL B 378 16.47 37.19 -22.38
C VAL B 378 15.58 36.20 -23.12
N ALA B 379 14.36 36.00 -22.62
CA ALA B 379 13.46 35.04 -23.25
C ALA B 379 13.04 35.50 -24.64
N ALA B 380 12.80 36.81 -24.81
CA ALA B 380 12.47 37.32 -26.14
C ALA B 380 13.64 37.19 -27.09
N ALA B 381 14.86 37.41 -26.60
CA ALA B 381 16.04 37.26 -27.44
C ALA B 381 16.22 35.81 -27.89
N VAL B 382 16.06 34.86 -26.97
CA VAL B 382 16.11 33.45 -27.33
C VAL B 382 15.01 33.12 -28.32
N SER B 383 13.81 33.65 -28.10
CA SER B 383 12.68 33.40 -28.98
CA SER B 383 12.69 33.37 -28.99
C SER B 383 13.00 33.82 -30.41
N HIS B 384 13.59 35.00 -30.57
CA HIS B 384 13.89 35.50 -31.90
C HIS B 384 15.01 34.69 -32.57
N ALA B 385 15.91 34.11 -31.77
CA ALA B 385 17.06 33.41 -32.34
C ALA B 385 16.70 32.03 -32.86
N LEU B 386 15.52 31.51 -32.52
CA LEU B 386 15.14 30.17 -32.93
C LEU B 386 14.82 30.11 -34.42
N ARG B 387 15.13 28.97 -35.02
CA ARG B 387 14.78 28.70 -36.41
C ARG B 387 14.21 27.30 -36.53
N PRO B 388 13.35 27.06 -37.53
CA PRO B 388 12.68 25.75 -37.64
C PRO B 388 13.66 24.59 -37.61
N GLY B 389 13.21 23.48 -37.02
CA GLY B 389 14.06 22.35 -36.77
C GLY B 389 14.74 22.38 -35.42
N ASP B 390 14.81 23.55 -34.77
CA ASP B 390 15.35 23.63 -33.43
C ASP B 390 14.45 22.89 -32.45
N GLN B 391 15.06 22.39 -31.39
CA GLN B 391 14.35 21.91 -30.21
C GLN B 391 14.59 22.90 -29.08
N LEU B 392 13.51 23.32 -28.42
CA LEU B 392 13.59 24.27 -27.33
C LEU B 392 13.17 23.57 -26.04
N VAL B 393 14.05 23.62 -25.04
CA VAL B 393 13.78 23.05 -23.72
C VAL B 393 13.67 24.20 -22.73
N LEU B 394 12.54 24.26 -22.01
CA LEU B 394 12.21 25.38 -21.16
C LEU B 394 12.09 24.94 -19.71
N GLY B 395 12.76 25.65 -18.82
CA GLY B 395 12.53 25.49 -17.39
C GLY B 395 11.06 25.73 -17.11
N ALA B 396 10.46 24.89 -16.26
CA ALA B 396 9.01 24.86 -16.13
C ALA B 396 8.43 26.02 -15.33
N SER B 397 9.26 26.92 -14.80
CA SER B 397 8.73 28.02 -14.01
C SER B 397 8.69 29.31 -14.83
N ASN B 398 9.67 30.19 -14.63
CA ASN B 398 9.66 31.48 -15.33
C ASN B 398 9.91 31.36 -16.82
N PRO B 399 10.90 30.59 -17.29
CA PRO B 399 11.18 30.57 -18.75
C PRO B 399 9.98 30.24 -19.62
N VAL B 400 9.19 29.23 -19.28
CA VAL B 400 8.05 28.88 -20.13
C VAL B 400 7.01 29.98 -20.12
N ARG B 401 6.83 30.65 -18.97
CA ARG B 401 5.94 31.79 -18.91
C ARG B 401 6.48 32.96 -19.72
N ASP B 402 7.78 33.24 -19.60
CA ASP B 402 8.37 34.39 -20.29
C ASP B 402 8.31 34.22 -21.80
N VAL B 403 8.58 32.99 -22.28
CA VAL B 403 8.54 32.73 -23.72
C VAL B 403 7.13 32.94 -24.26
N ALA B 404 6.12 32.51 -23.50
CA ALA B 404 4.74 32.75 -23.90
C ALA B 404 4.39 34.23 -23.85
N LEU B 405 4.91 34.94 -22.84
CA LEU B 405 4.71 36.38 -22.76
C LEU B 405 5.30 37.08 -23.97
N ALA B 406 6.51 36.67 -24.37
CA ALA B 406 7.17 37.21 -25.56
C ALA B 406 6.52 36.76 -26.85
N GLY B 407 5.49 35.92 -26.79
CA GLY B 407 4.73 35.57 -27.98
C GLY B 407 5.47 34.70 -28.98
N LEU B 408 6.32 33.80 -28.50
CA LEU B 408 7.07 32.92 -29.39
C LEU B 408 6.13 32.15 -30.33
N ASP B 409 6.54 32.05 -31.58
CA ASP B 409 5.85 31.22 -32.57
C ASP B 409 6.52 29.85 -32.56
N THR B 410 5.80 28.83 -32.09
CA THR B 410 6.36 27.50 -31.92
C THR B 410 6.29 26.65 -33.18
N ARG B 411 5.67 27.13 -34.25
CA ARG B 411 5.49 26.33 -35.46
C ARG B 411 6.85 25.91 -36.03
N GLY B 412 6.98 24.62 -36.32
CA GLY B 412 8.25 24.08 -36.77
C GLY B 412 9.30 23.92 -35.69
N ILE B 413 8.99 24.29 -34.45
CA ILE B 413 9.88 24.13 -33.32
C ILE B 413 9.31 23.03 -32.44
N ARG B 414 10.18 22.20 -31.88
CA ARG B 414 9.79 21.22 -30.87
C ARG B 414 10.13 21.78 -29.50
N VAL B 415 9.12 21.96 -28.68
CA VAL B 415 9.24 22.61 -27.38
C VAL B 415 9.01 21.58 -26.29
N ARG B 416 9.97 21.43 -25.39
CA ARG B 416 9.90 20.48 -24.29
C ARG B 416 9.94 21.22 -22.97
N SER B 417 9.12 20.76 -22.02
CA SER B 417 9.12 21.32 -20.67
C SER B 417 8.43 20.33 -19.74
N ASN B 418 8.99 20.17 -18.54
CA ASN B 418 8.45 19.26 -17.54
C ASN B 418 7.21 19.88 -16.88
N ARG B 419 6.14 19.92 -17.67
CA ARG B 419 4.88 20.51 -17.23
C ARG B 419 4.01 19.57 -16.40
N GLY B 420 4.45 18.33 -16.18
CA GLY B 420 3.71 17.39 -15.38
C GLY B 420 3.39 17.94 -14.00
N VAL B 421 4.44 18.21 -13.22
CA VAL B 421 4.31 18.87 -11.92
C VAL B 421 5.16 20.13 -11.82
N ALA B 422 5.97 20.43 -12.84
CA ALA B 422 6.71 21.69 -12.93
C ALA B 422 7.65 21.89 -11.74
N GLY B 423 8.31 20.81 -11.32
CA GLY B 423 9.38 20.94 -10.35
C GLY B 423 10.63 21.53 -10.98
N ILE B 424 11.57 21.91 -10.13
CA ILE B 424 12.87 22.40 -10.60
C ILE B 424 13.92 21.30 -10.64
N ASP B 425 13.63 20.13 -10.10
CA ASP B 425 14.57 19.02 -10.18
C ASP B 425 14.77 18.60 -11.64
N GLY B 426 16.03 18.32 -11.98
CA GLY B 426 16.33 17.61 -13.21
C GLY B 426 16.18 18.38 -14.51
N THR B 427 16.04 19.71 -14.46
CA THR B 427 15.85 20.46 -15.69
C THR B 427 17.06 20.36 -16.62
N VAL B 428 18.27 20.39 -16.04
CA VAL B 428 19.49 20.28 -16.85
C VAL B 428 19.57 18.90 -17.49
N SER B 429 19.28 17.86 -16.71
CA SER B 429 19.33 16.50 -17.23
C SER B 429 18.27 16.29 -18.32
N THR B 430 17.08 16.87 -18.14
CA THR B 430 16.05 16.74 -19.15
C THR B 430 16.47 17.39 -20.46
N ALA B 431 17.13 18.54 -20.38
CA ALA B 431 17.63 19.19 -21.60
C ALA B 431 18.70 18.34 -22.27
N ILE B 432 19.62 17.78 -21.48
CA ILE B 432 20.68 16.94 -22.03
C ILE B 432 20.09 15.69 -22.67
N GLY B 433 19.11 15.07 -22.01
CA GLY B 433 18.50 13.88 -22.56
C GLY B 433 17.69 14.16 -23.81
N ALA B 434 16.94 15.28 -23.83
CA ALA B 434 16.15 15.61 -25.01
C ALA B 434 17.04 15.90 -26.21
N ALA B 435 18.19 16.56 -25.98
CA ALA B 435 19.12 16.80 -27.07
C ALA B 435 19.69 15.49 -27.60
N LEU B 436 20.08 14.59 -26.69
CA LEU B 436 20.66 13.31 -27.11
C LEU B 436 19.67 12.51 -27.94
N ALA B 437 18.41 12.43 -27.50
CA ALA B 437 17.41 11.67 -28.23
C ALA B 437 17.04 12.36 -29.53
N TYR B 438 16.94 13.69 -29.52
CA TYR B 438 16.60 14.43 -30.73
C TYR B 438 17.69 14.27 -31.79
N GLU B 439 18.94 14.47 -31.40
CA GLU B 439 20.06 14.25 -32.31
C GLU B 439 20.10 12.81 -32.80
N GLY B 440 19.70 11.86 -31.95
CA GLY B 440 19.71 10.46 -32.37
C GLY B 440 18.67 10.15 -33.42
N ALA B 441 17.47 10.73 -33.29
CA ALA B 441 16.45 10.54 -34.32
C ALA B 441 16.89 11.15 -35.65
N HIS B 442 17.74 12.17 -35.60
CA HIS B 442 18.27 12.76 -36.82
C HIS B 442 19.24 11.80 -37.52
N GLU B 443 20.06 11.10 -36.74
CA GLU B 443 21.08 10.22 -37.31
C GLU B 443 20.45 9.10 -38.14
N ARG B 444 19.30 8.58 -37.69
CA ARG B 444 18.64 7.50 -38.41
C ARG B 444 17.98 7.95 -39.69
N THR B 445 17.87 9.26 -39.92
CA THR B 445 17.39 9.75 -41.20
C THR B 445 18.36 9.35 -42.31
N GLY B 446 19.62 9.75 -42.18
CA GLY B 446 20.67 9.32 -43.08
C GLY B 446 21.76 10.32 -43.36
N SER B 447 21.58 11.57 -42.93
CA SER B 447 22.33 12.64 -43.55
C SER B 447 23.22 13.38 -42.56
N PRO B 448 24.51 13.56 -42.88
CA PRO B 448 24.89 14.91 -42.52
C PRO B 448 24.29 15.93 -43.48
N ASP B 449 23.19 16.52 -43.04
CA ASP B 449 23.18 17.96 -42.88
C ASP B 449 23.34 17.92 -41.37
N SER B 450 24.07 18.87 -40.80
CA SER B 450 24.58 18.76 -39.44
C SER B 450 23.46 18.54 -38.41
N PRO B 451 23.77 18.09 -37.20
CA PRO B 451 22.70 17.74 -36.25
C PRO B 451 21.92 18.97 -35.81
N PRO B 452 20.61 18.83 -35.62
CA PRO B 452 19.78 20.00 -35.28
C PRO B 452 20.13 20.54 -33.91
N ARG B 453 19.73 21.80 -33.69
CA ARG B 453 20.06 22.52 -32.47
C ARG B 453 19.04 22.22 -31.37
N THR B 454 19.55 22.10 -30.15
CA THR B 454 18.72 22.13 -28.95
C THR B 454 19.17 23.30 -28.09
N ILE B 455 18.25 24.20 -27.79
CA ILE B 455 18.52 25.37 -26.98
C ILE B 455 17.64 25.30 -25.73
N ALA B 456 18.26 25.43 -24.57
CA ALA B 456 17.56 25.39 -23.30
C ALA B 456 17.59 26.76 -22.64
N LEU B 457 16.46 27.16 -22.05
CA LEU B 457 16.35 28.41 -21.31
C LEU B 457 15.99 28.06 -19.87
N ILE B 458 16.90 28.36 -18.94
CA ILE B 458 16.79 27.93 -17.56
C ILE B 458 17.17 29.09 -16.66
N GLY B 459 16.44 29.26 -15.56
CA GLY B 459 16.82 30.26 -14.58
C GLY B 459 18.02 29.82 -13.76
N ASP B 460 18.63 30.79 -13.08
CA ASP B 460 19.86 30.50 -12.34
C ASP B 460 19.60 29.58 -11.15
N LEU B 461 18.46 29.77 -10.47
CA LEU B 461 18.15 28.90 -9.34
C LEU B 461 17.90 27.47 -9.79
N THR B 462 17.14 27.30 -10.88
CA THR B 462 16.94 25.98 -11.46
C THR B 462 18.26 25.38 -11.92
N PHE B 463 19.11 26.19 -12.56
CA PHE B 463 20.38 25.69 -13.05
C PHE B 463 21.28 25.26 -11.91
N VAL B 464 21.39 26.08 -10.87
CA VAL B 464 22.22 25.73 -9.72
C VAL B 464 21.68 24.47 -9.06
N HIS B 465 20.37 24.36 -8.93
CA HIS B 465 19.77 23.22 -8.24
C HIS B 465 20.08 21.91 -8.94
N ASP B 466 20.05 21.91 -10.28
CA ASP B 466 20.36 20.71 -11.05
C ASP B 466 21.70 20.82 -11.79
N SER B 467 22.66 21.55 -11.22
CA SER B 467 23.94 21.69 -11.89
C SER B 467 24.67 20.36 -12.00
N SER B 468 24.47 19.45 -11.04
CA SER B 468 25.08 18.13 -11.15
C SER B 468 24.49 17.30 -12.29
N GLY B 469 23.38 17.74 -12.86
CA GLY B 469 22.90 17.14 -14.10
C GLY B 469 23.81 17.38 -15.27
N LEU B 470 24.68 18.39 -15.17
CA LEU B 470 25.68 18.62 -16.22
C LEU B 470 26.69 17.50 -16.29
N LEU B 471 26.91 16.80 -15.17
CA LEU B 471 28.00 15.83 -15.09
C LEU B 471 27.77 14.66 -16.03
N ILE B 472 28.65 14.51 -17.00
CA ILE B 472 28.66 13.37 -17.91
C ILE B 472 30.07 12.78 -17.87
N GLY B 473 30.16 11.50 -17.53
CA GLY B 473 31.44 10.83 -17.44
C GLY B 473 32.18 10.80 -18.76
N PRO B 474 33.51 10.77 -18.71
CA PRO B 474 34.32 10.81 -19.94
C PRO B 474 33.97 9.75 -20.97
N THR B 475 33.36 8.65 -20.53
CA THR B 475 33.04 7.55 -21.42
C THR B 475 31.61 7.61 -21.96
N GLU B 476 30.82 8.60 -21.57
CA GLU B 476 29.39 8.60 -21.83
C GLU B 476 29.02 9.58 -22.95
N PRO B 477 27.87 9.36 -23.60
CA PRO B 477 27.46 10.23 -24.71
C PRO B 477 27.28 11.68 -24.26
N ILE B 478 27.76 12.58 -25.11
CA ILE B 478 27.64 14.03 -24.88
C ILE B 478 26.79 14.59 -26.01
N PRO B 479 25.85 15.50 -25.73
CA PRO B 479 25.05 16.08 -26.82
C PRO B 479 25.94 16.76 -27.85
N ARG B 480 25.56 16.61 -29.11
CA ARG B 480 26.37 17.19 -30.18
C ARG B 480 26.11 18.68 -30.34
N SER B 481 24.88 19.15 -30.08
CA SER B 481 24.53 20.55 -30.31
C SER B 481 23.51 20.98 -29.25
N LEU B 482 23.99 21.23 -28.04
CA LEU B 482 23.15 21.69 -26.94
C LEU B 482 23.75 22.95 -26.35
N THR B 483 22.97 24.03 -26.33
CA THR B 483 23.34 25.27 -25.66
C THR B 483 22.33 25.56 -24.58
N ILE B 484 22.79 25.71 -23.34
CA ILE B 484 21.95 26.03 -22.20
C ILE B 484 22.10 27.51 -21.92
N VAL B 485 21.03 28.27 -22.11
CA VAL B 485 21.01 29.69 -21.78
C VAL B 485 20.53 29.83 -20.34
N VAL B 486 21.39 30.33 -19.47
CA VAL B 486 21.05 30.56 -18.07
C VAL B 486 20.75 32.04 -17.92
N SER B 487 19.49 32.37 -17.63
CA SER B 487 19.08 33.75 -17.34
C SER B 487 19.23 33.96 -15.84
N ASN B 488 20.30 34.64 -15.45
CA ASN B 488 20.70 34.74 -14.04
C ASN B 488 20.30 36.11 -13.50
N ASP B 489 19.16 36.16 -12.81
CA ASP B 489 18.81 37.31 -11.99
C ASP B 489 19.15 37.11 -10.52
N ASN B 490 20.09 36.19 -10.23
CA ASN B 490 20.60 35.96 -8.88
C ASN B 490 19.49 35.62 -7.90
N GLY B 491 18.68 34.63 -8.26
CA GLY B 491 17.61 34.18 -7.40
C GLY B 491 16.22 34.44 -7.96
N SER B 506 5.41 34.64 1.59
CA SER B 506 4.99 35.27 2.85
C SER B 506 5.48 34.48 4.05
N ASP B 507 5.65 33.18 3.89
CA ASP B 507 6.09 32.34 4.99
C ASP B 507 7.59 32.50 5.24
N VAL B 508 8.04 31.96 6.37
CA VAL B 508 9.42 32.19 6.81
C VAL B 508 10.43 31.55 5.87
N SER B 509 10.04 30.49 5.17
CA SER B 509 10.96 29.82 4.26
C SER B 509 11.45 30.73 3.14
N SER B 510 10.68 31.77 2.81
CA SER B 510 11.07 32.68 1.74
C SER B 510 12.26 33.56 2.10
N ARG B 511 12.70 33.54 3.37
CA ARG B 511 13.90 34.27 3.74
C ARG B 511 15.11 33.81 2.94
N ILE B 512 15.06 32.60 2.39
CA ILE B 512 16.14 32.10 1.56
C ILE B 512 16.29 32.93 0.29
N PHE B 513 15.21 33.61 -0.13
CA PHE B 513 15.25 34.47 -1.30
C PHE B 513 15.57 35.92 -0.96
N GLY B 514 15.73 36.25 0.32
CA GLY B 514 16.06 37.61 0.68
C GLY B 514 17.39 38.09 0.15
N THR B 515 18.27 37.15 -0.23
CA THR B 515 19.61 37.47 -0.68
C THR B 515 19.90 36.76 -2.00
N PRO B 516 20.67 37.40 -2.90
CA PRO B 516 21.19 36.66 -4.05
C PRO B 516 22.07 35.52 -3.59
N HIS B 517 21.88 34.35 -4.23
CA HIS B 517 22.60 33.15 -3.79
C HIS B 517 24.10 33.27 -3.98
N ASP B 518 24.53 34.05 -4.98
CA ASP B 518 25.94 34.35 -5.28
C ASP B 518 26.71 33.16 -5.84
N VAL B 519 26.04 32.07 -6.23
CA VAL B 519 26.74 30.91 -6.77
C VAL B 519 27.41 31.30 -8.08
N ASP B 520 28.69 30.96 -8.19
CA ASP B 520 29.47 31.21 -9.40
C ASP B 520 29.08 30.18 -10.45
N VAL B 521 28.28 30.61 -11.43
CA VAL B 521 27.85 29.70 -12.49
C VAL B 521 29.06 29.20 -13.28
N GLY B 522 30.02 30.08 -13.53
CA GLY B 522 31.21 29.66 -14.27
C GLY B 522 32.00 28.61 -13.52
N ALA B 523 32.12 28.75 -12.19
CA ALA B 523 32.78 27.72 -11.39
C ALA B 523 32.01 26.41 -11.44
N LEU B 524 30.67 26.48 -11.39
CA LEU B 524 29.86 25.28 -11.52
C LEU B 524 30.14 24.56 -12.84
N CYS B 525 30.22 25.31 -13.94
CA CYS B 525 30.51 24.69 -15.22
C CYS B 525 31.94 24.18 -15.27
N ARG B 526 32.88 24.91 -14.66
CA ARG B 526 34.25 24.42 -14.55
C ARG B 526 34.30 23.11 -13.76
N ALA B 527 33.52 23.03 -12.67
CA ALA B 527 33.52 21.82 -11.83
C ALA B 527 33.12 20.59 -12.63
N TYR B 528 32.12 20.71 -13.50
CA TYR B 528 31.64 19.59 -14.29
C TYR B 528 32.21 19.59 -15.71
N HIS B 529 33.34 20.28 -15.90
CA HIS B 529 34.06 20.35 -17.18
C HIS B 529 33.12 20.56 -18.36
N VAL B 530 32.38 21.66 -18.30
CA VAL B 530 31.48 22.09 -19.37
C VAL B 530 31.85 23.51 -19.76
N GLU B 531 31.95 23.75 -21.07
CA GLU B 531 32.32 25.08 -21.56
C GLU B 531 31.22 26.09 -21.27
N SER B 532 31.61 27.26 -20.77
CA SER B 532 30.65 28.31 -20.44
C SER B 532 31.19 29.66 -20.86
N ARG B 533 30.27 30.57 -21.18
CA ARG B 533 30.58 31.95 -21.48
C ARG B 533 29.51 32.84 -20.87
N GLN B 534 29.93 33.98 -20.32
CA GLN B 534 29.01 34.98 -19.81
C GLN B 534 28.92 36.12 -20.82
N ILE B 535 27.71 36.37 -21.34
CA ILE B 535 27.52 37.32 -22.42
C ILE B 535 26.33 38.22 -22.12
N GLU B 536 26.25 39.31 -22.88
CA GLU B 536 25.13 40.24 -22.85
C GLU B 536 24.04 39.78 -23.81
N VAL B 537 22.83 40.29 -23.57
CA VAL B 537 21.66 39.84 -24.34
C VAL B 537 21.85 40.12 -25.83
N ASP B 538 22.35 41.30 -26.16
CA ASP B 538 22.57 41.63 -27.57
C ASP B 538 23.52 40.64 -28.24
N GLU B 539 24.47 40.09 -27.49
CA GLU B 539 25.38 39.09 -28.03
C GLU B 539 24.76 37.71 -28.15
N LEU B 540 23.56 37.49 -27.60
CA LEU B 540 23.04 36.13 -27.48
C LEU B 540 22.69 35.55 -28.84
N GLY B 541 21.92 36.29 -29.65
CA GLY B 541 21.58 35.87 -30.99
C GLY B 541 22.77 35.47 -31.85
N PRO B 542 23.76 36.36 -31.98
CA PRO B 542 24.95 35.99 -32.76
C PRO B 542 25.68 34.78 -32.19
N THR B 543 25.77 34.69 -30.86
CA THR B 543 26.49 33.57 -30.25
C THR B 543 25.74 32.26 -30.41
N LEU B 544 24.40 32.30 -30.41
CA LEU B 544 23.65 31.08 -30.70
C LEU B 544 23.89 30.62 -32.13
N ASP B 545 24.20 31.55 -33.04
CA ASP B 545 24.48 31.18 -34.43
C ASP B 545 25.75 30.36 -34.55
N GLN B 546 26.75 30.64 -33.71
CA GLN B 546 28.03 29.93 -33.79
C GLN B 546 27.91 28.55 -33.14
N ALA B 549 30.96 23.72 -30.32
CA ALA B 549 31.41 23.69 -28.94
C ALA B 549 30.79 22.51 -28.19
N GLY B 550 29.91 21.78 -28.88
CA GLY B 550 29.33 20.56 -28.34
C GLY B 550 28.17 20.78 -27.40
N MET B 551 28.46 20.81 -26.10
CA MET B 551 27.52 21.21 -25.07
C MET B 551 28.12 22.42 -24.36
N ARG B 552 27.33 23.47 -24.17
CA ARG B 552 27.88 24.70 -23.61
C ARG B 552 26.78 25.46 -22.88
N VAL B 553 27.23 26.33 -21.98
CA VAL B 553 26.36 27.16 -21.14
C VAL B 553 26.66 28.61 -21.46
N LEU B 554 25.62 29.37 -21.82
CA LEU B 554 25.72 30.80 -22.02
C LEU B 554 24.96 31.50 -20.90
N GLU B 555 25.68 32.20 -20.03
CA GLU B 555 25.09 32.88 -18.90
C GLU B 555 24.83 34.33 -19.27
N VAL B 556 23.57 34.77 -19.15
CA VAL B 556 23.17 36.14 -19.42
C VAL B 556 22.69 36.74 -18.11
N LYS B 557 23.45 37.66 -17.55
CA LYS B 557 23.02 38.36 -16.35
C LYS B 557 21.80 39.21 -16.66
N ALA B 558 20.85 39.22 -15.73
CA ALA B 558 19.64 40.01 -15.86
C ALA B 558 19.26 40.55 -14.49
N ASP B 559 18.32 41.48 -14.46
CA ASP B 559 17.93 42.17 -13.23
C ASP B 559 16.53 41.76 -12.80
N ARG B 560 16.39 41.52 -11.50
CA ARG B 560 15.15 41.06 -10.89
C ARG B 560 14.33 42.19 -10.27
N SER B 561 14.98 43.29 -9.89
CA SER B 561 14.30 44.34 -9.14
C SER B 561 13.24 45.05 -9.99
N SER B 562 13.53 45.29 -11.26
CA SER B 562 12.72 46.16 -12.09
C SER B 562 11.56 45.45 -12.80
N LEU B 563 11.21 44.21 -12.41
CA LEU B 563 10.32 43.41 -13.24
C LEU B 563 8.86 43.62 -12.85
N ARG B 564 8.58 43.70 -11.56
CA ARG B 564 7.22 43.97 -11.12
C ARG B 564 6.69 45.24 -11.78
N GLN B 565 7.56 46.24 -11.92
CA GLN B 565 7.22 47.44 -12.65
C GLN B 565 7.04 47.16 -14.14
N LEU B 566 7.89 46.31 -14.72
CA LEU B 566 7.77 46.01 -16.15
C LEU B 566 6.45 45.30 -16.45
N HIS B 567 6.08 44.33 -15.62
CA HIS B 567 4.77 43.69 -15.81
C HIS B 567 3.64 44.68 -15.58
N ALA B 568 3.81 45.62 -14.65
CA ALA B 568 2.80 46.65 -14.45
C ALA B 568 2.65 47.51 -15.70
N ALA B 569 3.77 47.88 -16.32
CA ALA B 569 3.72 48.70 -17.53
C ALA B 569 3.01 47.94 -18.66
N ILE B 570 3.28 46.65 -18.79
CA ILE B 570 2.64 45.85 -19.84
C ILE B 570 1.12 45.82 -19.64
N LYS B 571 0.69 45.53 -18.40
CA LYS B 571 -0.73 45.44 -18.11
C LYS B 571 -1.43 46.78 -18.33
N ALA B 572 -0.78 47.88 -17.97
CA ALA B 572 -1.40 49.19 -18.13
C ALA B 572 -1.50 49.58 -19.60
N ALA B 573 -0.61 49.08 -20.45
CA ALA B 573 -0.60 49.41 -21.86
C ALA B 573 -1.60 48.60 -22.68
N LEU B 574 -2.42 47.78 -22.04
CA LEU B 574 -3.41 46.98 -22.75
C LEU B 574 -4.74 47.71 -22.85
N ASN C 22 -7.75 33.56 14.72
CA ASN C 22 -7.92 32.33 13.96
C ASN C 22 -7.67 31.11 14.85
N PRO C 23 -8.64 30.19 14.88
CA PRO C 23 -8.42 28.93 15.61
C PRO C 23 -7.23 28.15 15.10
N SER C 24 -6.94 28.21 13.81
CA SER C 24 -5.79 27.49 13.26
C SER C 24 -4.48 28.08 13.76
N THR C 25 -4.42 29.40 13.94
CA THR C 25 -3.22 30.01 14.50
C THR C 25 -3.01 29.58 15.96
N THR C 26 -4.10 29.50 16.73
CA THR C 26 -4.00 29.03 18.11
C THR C 26 -3.55 27.58 18.16
N GLN C 27 -4.17 26.73 17.34
CA GLN C 27 -3.77 25.32 17.28
C GLN C 27 -2.31 25.17 16.91
N ALA C 28 -1.84 25.95 15.94
CA ALA C 28 -0.45 25.86 15.51
C ALA C 28 0.50 26.26 16.63
N ARG C 29 0.11 27.23 17.46
CA ARG C 29 0.97 27.67 18.55
C ARG C 29 1.03 26.61 19.65
N VAL C 30 -0.09 25.94 19.91
CA VAL C 30 -0.11 24.88 20.92
C VAL C 30 0.77 23.72 20.48
N VAL C 31 0.70 23.34 19.20
CA VAL C 31 1.46 22.20 18.70
C VAL C 31 2.96 22.46 18.76
N VAL C 32 3.38 23.64 18.29
CA VAL C 32 4.81 23.98 18.32
C VAL C 32 5.31 23.98 19.76
N ASP C 33 4.53 24.56 20.69
CA ASP C 33 4.95 24.58 22.08
C ASP C 33 5.13 23.18 22.63
N GLU C 34 4.21 22.27 22.30
CA GLU C 34 4.30 20.91 22.82
C GLU C 34 5.45 20.15 22.16
N LEU C 35 5.70 20.42 20.88
CA LEU C 35 6.86 19.84 20.22
C LEU C 35 8.15 20.27 20.91
N ILE C 36 8.22 21.54 21.31
CA ILE C 36 9.41 22.03 22.01
C ILE C 36 9.54 21.38 23.38
N ARG C 37 8.41 21.22 24.08
CA ARG C 37 8.43 20.49 25.35
C ARG C 37 8.84 19.03 25.15
N GLY C 38 8.61 18.49 23.95
CA GLY C 38 9.02 17.14 23.62
C GLY C 38 10.47 17.00 23.21
N GLY C 39 11.22 18.09 23.22
CA GLY C 39 12.63 18.03 22.90
C GLY C 39 13.00 18.37 21.47
N VAL C 40 12.05 18.86 20.67
CA VAL C 40 12.38 19.28 19.31
C VAL C 40 13.16 20.58 19.39
N ARG C 41 14.40 20.55 18.87
CA ARG C 41 15.22 21.75 18.82
C ARG C 41 15.39 22.30 17.42
N ASP C 42 15.23 21.48 16.39
CA ASP C 42 15.48 21.89 15.01
C ASP C 42 14.34 21.45 14.10
N VAL C 43 13.97 22.32 13.18
CA VAL C 43 12.96 22.07 12.17
C VAL C 43 13.54 22.46 10.81
N VAL C 44 13.27 21.65 9.80
CA VAL C 44 13.75 21.90 8.43
C VAL C 44 12.57 22.28 7.56
N LEU C 45 12.73 23.36 6.78
CA LEU C 45 11.71 23.83 5.87
C LEU C 45 12.23 23.99 4.44
N CYS C 46 11.32 23.94 3.48
CA CYS C 46 11.66 24.23 2.10
C CYS C 46 10.56 25.14 1.55
N PRO C 47 10.96 26.17 0.78
CA PRO C 47 9.98 27.04 0.12
C PRO C 47 9.06 26.21 -0.77
N GLY C 48 7.77 26.53 -0.78
CA GLY C 48 6.83 25.60 -1.38
C GLY C 48 5.68 26.28 -2.11
N SER C 49 4.90 25.44 -2.79
CA SER C 49 3.69 25.90 -3.47
C SER C 49 2.75 26.61 -2.53
N ARG C 50 2.66 26.13 -1.29
CA ARG C 50 1.88 26.82 -0.27
CA ARG C 50 1.88 26.83 -0.29
C ARG C 50 2.69 26.93 1.01
N ASN C 51 2.11 27.67 1.95
CA ASN C 51 2.77 27.92 3.23
C ASN C 51 3.03 26.61 3.97
N ALA C 52 4.12 26.59 4.72
CA ALA C 52 4.48 25.41 5.48
C ALA C 52 3.46 25.16 6.59
N PRO C 53 3.30 23.92 7.03
CA PRO C 53 2.48 23.66 8.21
C PRO C 53 3.11 24.33 9.42
N LEU C 54 2.26 24.94 10.25
CA LEU C 54 2.67 25.61 11.49
C LEU C 54 3.63 26.77 11.22
N ALA C 55 3.54 27.38 10.03
CA ALA C 55 4.61 28.25 9.54
C ALA C 55 4.86 29.44 10.45
N PHE C 56 3.80 30.09 10.92
CA PHE C 56 3.98 31.30 11.72
C PHE C 56 4.40 30.96 13.15
N ALA C 57 3.79 29.93 13.74
CA ALA C 57 4.19 29.51 15.08
C ALA C 57 5.66 29.11 15.12
N LEU C 58 6.14 28.43 14.08
CA LEU C 58 7.56 28.11 13.99
C LEU C 58 8.42 29.35 13.86
N GLN C 59 7.96 30.33 13.06
CA GLN C 59 8.70 31.58 12.93
C GLN C 59 8.75 32.33 14.25
N ASP C 60 7.62 32.39 14.96
CA ASP C 60 7.61 32.99 16.29
C ASP C 60 8.61 32.30 17.21
N ALA C 61 8.64 30.97 17.19
CA ALA C 61 9.54 30.22 18.07
C ALA C 61 11.00 30.42 17.67
N ASP C 62 11.27 30.55 16.37
CA ASP C 62 12.64 30.76 15.91
C ASP C 62 13.17 32.12 16.36
N ARG C 63 12.35 33.16 16.26
CA ARG C 63 12.77 34.48 16.73
C ARG C 63 13.02 34.47 18.24
N SER C 64 12.18 33.75 18.99
CA SER C 64 12.38 33.66 20.44
C SER C 64 13.63 32.87 20.80
N GLY C 65 14.14 32.05 19.89
CA GLY C 65 15.23 31.16 20.21
C GLY C 65 14.82 29.90 20.93
N ARG C 66 13.52 29.61 20.99
CA ARG C 66 13.06 28.34 21.55
C ARG C 66 13.34 27.17 20.61
N ILE C 67 13.46 27.45 19.31
CA ILE C 67 13.66 26.43 18.29
C ILE C 67 14.52 27.05 17.21
N ARG C 68 15.12 26.21 16.36
CA ARG C 68 16.01 26.66 15.31
C ARG C 68 15.52 26.14 13.97
N LEU C 69 15.33 27.05 13.02
CA LEU C 69 14.85 26.71 11.69
C LEU C 69 16.02 26.58 10.73
N HIS C 70 15.91 25.63 9.80
CA HIS C 70 16.87 25.45 8.72
C HIS C 70 16.11 25.38 7.40
N VAL C 71 16.47 26.26 6.46
CA VAL C 71 15.80 26.34 5.17
C VAL C 71 16.74 25.83 4.09
N ARG C 72 16.18 25.03 3.17
CA ARG C 72 16.91 24.54 2.01
C ARG C 72 16.01 24.59 0.78
N ILE C 73 16.63 24.69 -0.39
CA ILE C 73 15.87 24.65 -1.63
C ILE C 73 15.71 23.20 -2.10
N ASP C 74 16.73 22.38 -1.91
CA ASP C 74 16.71 20.98 -2.34
C ASP C 74 15.97 20.16 -1.29
N GLU C 75 14.81 19.63 -1.67
CA GLU C 75 13.98 18.90 -0.73
C GLU C 75 14.61 17.57 -0.32
N ARG C 76 15.35 16.93 -1.22
CA ARG C 76 15.99 15.66 -0.87
C ARG C 76 17.09 15.88 0.17
N THR C 77 17.96 16.88 -0.06
CA THR C 77 19.01 17.17 0.91
C THR C 77 18.42 17.69 2.21
N ALA C 78 17.25 18.34 2.15
CA ALA C 78 16.58 18.79 3.36
C ALA C 78 16.20 17.62 4.25
N GLY C 79 15.71 16.54 3.65
CA GLY C 79 15.38 15.36 4.44
C GLY C 79 16.59 14.79 5.15
N TYR C 80 17.73 14.73 4.45
CA TYR C 80 18.93 14.18 5.07
C TYR C 80 19.55 15.15 6.07
N LEU C 81 19.40 16.46 5.84
CA LEU C 81 19.78 17.43 6.87
C LEU C 81 19.04 17.14 8.17
N ALA C 82 17.74 16.86 8.05
CA ALA C 82 16.94 16.56 9.23
C ALA C 82 17.40 15.28 9.92
N ILE C 83 17.82 14.27 9.14
CA ILE C 83 18.35 13.05 9.73
C ILE C 83 19.62 13.35 10.51
N GLY C 84 20.52 14.15 9.93
CA GLY C 84 21.74 14.53 10.63
C GLY C 84 21.43 15.29 11.90
N LEU C 85 20.49 16.24 11.83
CA LEU C 85 20.09 17.00 13.02
C LEU C 85 19.52 16.09 14.12
N ALA C 86 19.04 14.91 13.76
CA ALA C 86 18.48 14.00 14.76
C ALA C 86 19.52 13.05 15.34
N ILE C 87 20.43 12.53 14.50
CA ILE C 87 21.43 11.61 15.01
C ILE C 87 22.60 12.33 15.67
N GLY C 88 22.76 13.63 15.39
CA GLY C 88 23.87 14.36 16.00
C GLY C 88 23.80 14.38 17.51
N ALA C 89 22.60 14.51 18.07
CA ALA C 89 22.42 14.53 19.51
C ALA C 89 21.27 13.65 20.00
N GLY C 90 20.58 12.94 19.11
CA GLY C 90 19.53 12.02 19.54
C GLY C 90 18.18 12.65 19.76
N ALA C 91 17.90 13.82 19.14
CA ALA C 91 16.64 14.49 19.41
C ALA C 91 15.68 14.33 18.25
N PRO C 92 14.37 14.36 18.51
CA PRO C 92 13.40 14.35 17.42
C PRO C 92 13.51 15.63 16.61
N VAL C 93 13.37 15.50 15.29
CA VAL C 93 13.50 16.61 14.36
C VAL C 93 12.31 16.64 13.43
N CYS C 94 11.81 17.84 13.15
CA CYS C 94 10.68 18.02 12.24
C CYS C 94 11.16 18.50 10.88
N VAL C 95 10.47 18.02 9.84
CA VAL C 95 10.61 18.52 8.48
C VAL C 95 9.21 18.76 7.94
N ALA C 96 8.99 19.93 7.34
CA ALA C 96 7.66 20.36 6.92
C ALA C 96 7.57 20.32 5.40
N MET C 97 6.74 19.42 4.88
CA MET C 97 6.61 19.19 3.45
C MET C 97 5.50 20.07 2.88
N THR C 98 5.84 20.83 1.83
CA THR C 98 5.00 21.95 1.41
C THR C 98 4.90 22.08 -0.11
N SER C 99 5.06 20.98 -0.86
CA SER C 99 5.08 21.09 -2.30
C SER C 99 4.63 19.79 -2.94
N GLY C 100 4.47 19.84 -4.26
CA GLY C 100 4.07 18.69 -5.05
C GLY C 100 5.15 17.66 -5.30
N THR C 101 6.41 18.00 -5.00
CA THR C 101 7.53 17.08 -5.10
C THR C 101 8.06 16.65 -3.74
N ALA C 102 7.48 17.17 -2.65
CA ALA C 102 8.06 16.98 -1.32
C ALA C 102 8.05 15.51 -0.92
N VAL C 103 6.92 14.83 -1.08
CA VAL C 103 6.83 13.42 -0.73
C VAL C 103 7.86 12.61 -1.51
N ALA C 104 7.98 12.87 -2.81
CA ALA C 104 8.94 12.15 -3.63
C ALA C 104 10.37 12.39 -3.18
N ASN C 105 10.71 13.64 -2.90
CA ASN C 105 12.09 13.97 -2.54
C ASN C 105 12.43 13.53 -1.12
N LEU C 106 11.44 13.43 -0.24
CA LEU C 106 11.72 13.02 1.14
C LEU C 106 11.81 11.51 1.29
N GLY C 107 11.35 10.76 0.31
CA GLY C 107 11.38 9.31 0.33
C GLY C 107 12.68 8.69 0.82
N PRO C 108 13.80 9.03 0.18
CA PRO C 108 15.09 8.49 0.63
C PRO C 108 15.36 8.68 2.11
N ALA C 109 15.15 9.89 2.63
CA ALA C 109 15.43 10.13 4.04
C ALA C 109 14.45 9.40 4.94
N VAL C 110 13.18 9.33 4.53
CA VAL C 110 12.18 8.64 5.35
C VAL C 110 12.50 7.15 5.44
N VAL C 111 12.92 6.56 4.32
CA VAL C 111 13.28 5.14 4.34
C VAL C 111 14.48 4.91 5.25
N GLU C 112 15.51 5.77 5.14
CA GLU C 112 16.66 5.67 6.03
C GLU C 112 16.24 5.85 7.49
N ALA C 113 15.33 6.80 7.75
CA ALA C 113 14.85 7.00 9.10
C ALA C 113 14.16 5.75 9.63
N ASN C 114 13.38 5.08 8.79
CA ASN C 114 12.74 3.84 9.19
C ASN C 114 13.79 2.79 9.57
N TYR C 115 14.73 2.55 8.66
CA TYR C 115 15.62 1.41 8.85
C TYR C 115 16.73 1.70 9.87
N ALA C 116 17.09 2.96 10.05
CA ALA C 116 18.07 3.33 11.07
C ALA C 116 17.41 3.81 12.35
N ARG C 117 16.07 3.83 12.41
CA ARG C 117 15.32 4.19 13.60
C ARG C 117 15.66 5.61 14.06
N VAL C 118 15.38 6.56 13.19
CA VAL C 118 15.68 7.98 13.42
C VAL C 118 14.37 8.70 13.69
N PRO C 119 14.27 9.45 14.80
CA PRO C 119 13.01 10.15 15.12
C PRO C 119 12.75 11.35 14.22
N LEU C 120 12.14 11.11 13.06
CA LEU C 120 11.89 12.14 12.05
C LEU C 120 10.39 12.35 11.93
N ILE C 121 9.93 13.57 12.23
CA ILE C 121 8.51 13.91 12.18
C ILE C 121 8.25 14.70 10.91
N VAL C 122 7.45 14.14 10.02
CA VAL C 122 7.11 14.74 8.73
C VAL C 122 5.79 15.48 8.90
N LEU C 123 5.84 16.80 8.82
CA LEU C 123 4.65 17.65 8.98
C LEU C 123 4.01 17.92 7.63
N SER C 124 2.69 17.79 7.57
CA SER C 124 1.90 18.16 6.39
C SER C 124 0.70 18.96 6.84
N ALA C 125 0.00 19.54 5.86
CA ALA C 125 -1.18 20.38 6.11
C ALA C 125 -2.19 20.15 4.99
N ASN C 126 -3.05 19.15 5.17
CA ASN C 126 -4.13 18.91 4.22
C ASN C 126 -5.14 20.03 4.22
N ARG C 127 -5.89 20.13 3.14
CA ARG C 127 -6.95 21.13 3.03
C ARG C 127 -8.28 20.41 2.84
N PRO C 128 -9.03 20.20 3.92
CA PRO C 128 -10.27 19.42 3.82
C PRO C 128 -11.33 20.08 2.97
N TYR C 129 -11.21 21.36 2.65
CA TYR C 129 -12.20 22.05 1.83
C TYR C 129 -11.90 21.96 0.34
N GLU C 130 -10.83 21.27 -0.04
CA GLU C 130 -10.44 21.15 -1.44
C GLU C 130 -10.62 19.71 -1.91
N LEU C 131 -10.79 19.56 -3.22
CA LEU C 131 -10.98 18.25 -3.80
C LEU C 131 -9.67 17.45 -3.74
N LEU C 132 -9.83 16.13 -3.81
CA LEU C 132 -8.72 15.20 -3.85
C LEU C 132 -9.01 14.10 -4.86
N GLY C 133 -7.98 13.69 -5.59
CA GLY C 133 -8.08 12.58 -6.50
C GLY C 133 -8.50 12.91 -7.92
N THR C 134 -8.84 14.16 -8.20
CA THR C 134 -9.24 14.55 -9.55
C THR C 134 -8.09 15.06 -10.39
N GLY C 135 -6.92 15.26 -9.81
CA GLY C 135 -5.79 15.77 -10.56
C GLY C 135 -4.60 16.00 -9.67
N ALA C 136 -3.59 16.64 -10.26
CA ALA C 136 -2.34 16.89 -9.53
C ALA C 136 -2.60 17.75 -8.31
N ASN C 137 -2.02 17.33 -7.18
CA ASN C 137 -2.21 17.97 -5.89
C ASN C 137 -0.93 18.71 -5.53
N GLN C 138 -1.03 20.03 -5.38
CA GLN C 138 0.15 20.84 -5.08
C GLN C 138 0.59 20.65 -3.64
N THR C 139 -0.34 20.36 -2.75
CA THR C 139 0.01 20.25 -1.34
C THR C 139 0.68 18.91 -1.04
N MET C 140 0.19 17.81 -1.62
CA MET C 140 0.77 16.49 -1.42
C MET C 140 0.49 15.54 -2.58
N GLU C 141 1.55 15.01 -3.19
CA GLU C 141 1.47 13.93 -4.17
C GLU C 141 1.95 12.64 -3.49
N GLN C 142 1.05 11.72 -3.21
CA GLN C 142 1.43 10.55 -2.42
C GLN C 142 1.97 9.42 -3.30
N LEU C 143 3.06 8.83 -2.84
CA LEU C 143 3.58 7.58 -3.34
C LEU C 143 3.07 6.47 -2.42
N GLY C 144 3.74 5.32 -2.40
CA GLY C 144 3.25 4.22 -1.61
C GLY C 144 4.03 3.91 -0.35
N TYR C 145 5.07 4.70 -0.05
CA TYR C 145 6.00 4.31 1.00
C TYR C 145 5.54 4.71 2.40
N PHE C 146 4.60 5.66 2.53
CA PHE C 146 4.15 6.03 3.87
C PHE C 146 3.44 4.88 4.57
N GLY C 147 2.73 4.05 3.81
CA GLY C 147 2.13 2.87 4.40
C GLY C 147 3.14 1.94 5.03
N THR C 148 4.34 1.85 4.46
CA THR C 148 5.32 0.86 4.89
C THR C 148 6.38 1.42 5.83
N GLN C 149 6.64 2.73 5.83
CA GLN C 149 7.85 3.24 6.46
C GLN C 149 7.63 3.91 7.81
N VAL C 150 6.44 4.46 8.11
CA VAL C 150 6.29 5.32 9.28
C VAL C 150 5.77 4.51 10.47
N ARG C 151 6.14 4.97 11.68
CA ARG C 151 5.65 4.35 12.90
C ARG C 151 4.20 4.71 13.18
N ALA C 152 3.74 5.86 12.68
CA ALA C 152 2.40 6.34 12.96
C ALA C 152 2.02 7.41 11.95
N SER C 153 0.72 7.52 11.69
CA SER C 153 0.16 8.53 10.81
C SER C 153 -0.99 9.18 11.58
N ILE C 154 -0.74 10.37 12.10
CA ILE C 154 -1.68 11.06 12.98
C ILE C 154 -2.07 12.39 12.35
N SER C 155 -3.37 12.67 12.33
CA SER C 155 -3.92 13.91 11.80
C SER C 155 -4.68 14.62 12.89
N LEU C 156 -4.29 15.86 13.18
CA LEU C 156 -5.12 16.70 14.04
C LEU C 156 -6.43 17.01 13.35
N GLY C 157 -7.43 17.32 14.17
CA GLY C 157 -8.66 17.85 13.64
C GLY C 157 -8.46 19.22 13.02
N LEU C 158 -9.38 19.56 12.12
CA LEU C 158 -9.51 20.94 11.70
C LEU C 158 -9.87 21.78 12.92
N ALA C 159 -9.16 22.88 13.12
CA ALA C 159 -9.38 23.72 14.29
C ALA C 159 -10.66 24.53 14.11
N GLU C 160 -11.59 24.39 15.04
CA GLU C 160 -12.85 25.12 15.00
C GLU C 160 -12.81 26.30 15.95
N ASP C 161 -13.59 27.33 15.63
CA ASP C 161 -13.79 28.45 16.54
C ASP C 161 -14.86 28.03 17.54
N ALA C 162 -14.41 27.63 18.73
CA ALA C 162 -15.29 27.32 19.85
C ALA C 162 -14.63 27.80 21.13
N PRO C 163 -14.63 29.12 21.37
CA PRO C 163 -13.95 29.66 22.57
C PRO C 163 -14.33 28.97 23.86
N GLU C 164 -15.54 28.42 23.96
CA GLU C 164 -15.97 27.74 25.18
C GLU C 164 -15.36 26.35 25.34
N ARG C 165 -14.64 25.86 24.32
CA ARG C 165 -14.04 24.53 24.37
C ARG C 165 -12.51 24.59 24.33
N THR C 166 -11.92 25.74 24.68
CA THR C 166 -10.48 25.93 24.47
C THR C 166 -9.66 25.00 25.35
N SER C 167 -10.08 24.77 26.60
CA SER C 167 -9.35 23.87 27.47
C SER C 167 -9.37 22.44 26.94
N ALA C 168 -10.52 21.99 26.45
CA ALA C 168 -10.62 20.63 25.92
C ALA C 168 -9.79 20.49 24.64
N LEU C 169 -9.84 21.49 23.76
CA LEU C 169 -9.08 21.41 22.52
C LEU C 169 -7.58 21.46 22.79
N ASN C 170 -7.15 22.33 23.71
CA ASN C 170 -5.75 22.37 24.11
C ASN C 170 -5.29 21.02 24.62
N ALA C 171 -6.14 20.35 25.41
CA ALA C 171 -5.79 19.02 25.90
C ALA C 171 -5.72 18.01 24.76
N THR C 172 -6.66 18.08 23.82
CA THR C 172 -6.67 17.15 22.70
C THR C 172 -5.45 17.37 21.80
N TRP C 173 -5.12 18.63 21.50
CA TRP C 173 -4.01 18.92 20.60
C TRP C 173 -2.68 18.53 21.21
N ARG C 174 -2.47 18.84 22.50
CA ARG C 174 -1.21 18.49 23.15
C ARG C 174 -1.08 16.99 23.38
N SER C 175 -2.22 16.30 23.60
CA SER C 175 -2.18 14.85 23.73
C SER C 175 -1.74 14.20 22.43
N ALA C 176 -2.36 14.60 21.30
CA ALA C 176 -1.99 14.02 20.02
C ALA C 176 -0.54 14.35 19.66
N THR C 177 -0.09 15.56 19.97
CA THR C 177 1.30 15.91 19.70
C THR C 177 2.24 15.02 20.49
N CYS C 178 1.88 14.68 21.74
CA CYS C 178 2.71 13.77 22.51
C CYS C 178 2.67 12.35 21.94
N ARG C 179 1.58 11.96 21.30
CA ARG C 179 1.53 10.68 20.61
C ARG C 179 2.50 10.67 19.44
N VAL C 180 2.52 11.74 18.65
CA VAL C 180 3.46 11.86 17.54
C VAL C 180 4.89 11.74 18.04
N LEU C 181 5.21 12.45 19.12
CA LEU C 181 6.58 12.45 19.64
C LEU C 181 6.96 11.08 20.19
N ALA C 182 6.04 10.45 20.93
CA ALA C 182 6.34 9.14 21.51
C ALA C 182 6.55 8.10 20.42
N ALA C 183 5.73 8.12 19.36
CA ALA C 183 5.91 7.18 18.27
C ALA C 183 7.24 7.40 17.56
N ALA C 184 7.62 8.68 17.37
CA ALA C 184 8.86 8.98 16.66
C ALA C 184 10.09 8.60 17.49
N THR C 185 10.11 8.94 18.77
CA THR C 185 11.26 8.64 19.61
C THR C 185 11.26 7.22 20.15
N GLY C 186 10.19 6.45 19.94
CA GLY C 186 10.10 5.13 20.53
C GLY C 186 9.98 5.14 22.03
N ALA C 187 9.29 6.16 22.58
CA ALA C 187 9.25 6.34 24.03
C ALA C 187 8.68 5.12 24.74
N ARG C 188 7.63 4.51 24.17
CA ARG C 188 7.04 3.31 24.76
C ARG C 188 7.35 2.04 23.98
N THR C 189 7.80 2.15 22.72
CA THR C 189 8.03 1.00 21.87
C THR C 189 9.49 0.58 21.78
N ALA C 190 10.43 1.46 22.15
CA ALA C 190 11.85 1.26 21.89
C ALA C 190 12.13 1.05 20.40
N ASN C 191 11.28 1.66 19.54
CA ASN C 191 11.35 1.47 18.09
C ASN C 191 11.18 2.84 17.41
N ALA C 192 12.19 3.70 17.58
CA ALA C 192 12.14 5.02 16.98
C ALA C 192 12.04 4.92 15.45
N GLY C 193 11.53 5.98 14.84
CA GLY C 193 11.35 6.02 13.41
C GLY C 193 10.56 7.23 12.96
N PRO C 194 10.30 7.32 11.65
CA PRO C 194 9.57 8.46 11.12
C PRO C 194 8.08 8.37 11.39
N VAL C 195 7.47 9.55 11.52
CA VAL C 195 6.04 9.68 11.82
C VAL C 195 5.47 10.76 10.90
N HIS C 196 4.26 10.53 10.41
CA HIS C 196 3.54 11.50 9.58
C HIS C 196 2.52 12.23 10.45
N PHE C 197 2.69 13.55 10.57
CA PHE C 197 1.86 14.38 11.43
C PHE C 197 1.22 15.47 10.58
N ASP C 198 -0.10 15.38 10.39
CA ASP C 198 -0.83 16.32 9.56
C ASP C 198 -1.62 17.30 10.42
N ILE C 199 -1.42 18.59 10.17
CA ILE C 199 -2.22 19.64 10.77
C ILE C 199 -3.02 20.30 9.66
N PRO C 200 -4.28 19.91 9.45
CA PRO C 200 -5.04 20.44 8.30
C PRO C 200 -5.35 21.92 8.45
N LEU C 201 -5.56 22.56 7.31
CA LEU C 201 -5.78 24.00 7.25
C LEU C 201 -6.95 24.33 6.34
N ARG C 202 -7.68 25.38 6.72
CA ARG C 202 -8.70 25.99 5.88
C ARG C 202 -8.14 27.31 5.37
N GLU C 203 -7.96 27.41 4.05
CA GLU C 203 -7.18 28.49 3.47
C GLU C 203 -8.05 29.59 2.85
N PRO C 204 -7.76 30.86 3.18
CA PRO C 204 -6.70 31.28 4.10
C PRO C 204 -7.11 31.15 5.56
N VAL C 215 -2.86 35.17 23.17
CA VAL C 215 -2.57 34.32 24.31
C VAL C 215 -2.76 32.86 23.93
N THR C 216 -1.74 32.04 24.18
CA THR C 216 -1.75 30.61 23.84
C THR C 216 -2.15 29.79 25.04
N PRO C 217 -3.17 28.94 24.92
CA PRO C 217 -3.56 28.05 26.04
C PRO C 217 -2.36 27.28 26.55
N PRO C 218 -2.19 27.22 27.86
CA PRO C 218 -0.92 26.76 28.43
C PRO C 218 -0.78 25.25 28.41
N GLY C 219 0.48 24.81 28.49
CA GLY C 219 0.81 23.42 28.73
C GLY C 219 0.92 23.15 30.22
N ARG C 220 1.59 22.04 30.54
CA ARG C 220 1.78 21.67 31.93
C ARG C 220 2.72 22.65 32.63
N PRO C 221 2.61 22.75 33.96
CA PRO C 221 3.58 23.56 34.70
C PRO C 221 4.99 23.01 34.54
N ALA C 222 5.97 23.92 34.62
CA ALA C 222 7.40 23.59 34.64
C ALA C 222 7.88 22.97 33.33
N GLY C 223 7.30 23.39 32.20
CA GLY C 223 7.75 22.92 30.90
C GLY C 223 7.56 21.45 30.61
N LYS C 224 6.71 20.77 31.37
CA LYS C 224 6.55 19.33 31.23
C LYS C 224 5.76 18.99 29.97
N PRO C 225 6.04 17.83 29.35
CA PRO C 225 5.17 17.35 28.28
C PRO C 225 3.79 17.02 28.81
N TRP C 226 2.78 17.24 27.96
CA TRP C 226 1.39 17.05 28.37
C TRP C 226 1.15 15.64 28.88
N THR C 227 1.52 14.64 28.07
CA THR C 227 1.49 13.24 28.48
C THR C 227 2.93 12.80 28.67
N TYR C 228 3.30 12.53 29.91
CA TYR C 228 4.67 12.16 30.24
C TYR C 228 4.86 10.66 30.06
N THR C 229 5.89 10.27 29.33
CA THR C 229 6.22 8.86 29.16
C THR C 229 7.50 8.56 29.93
N PRO C 230 7.41 7.98 31.12
CA PRO C 230 8.61 7.65 31.90
C PRO C 230 9.38 6.49 31.28
N PRO C 231 10.61 6.25 31.72
CA PRO C 231 11.45 5.23 31.06
C PRO C 231 10.79 3.86 31.01
N VAL C 232 10.97 3.20 29.88
CA VAL C 232 10.50 1.82 29.69
C VAL C 232 11.71 0.92 29.55
N THR C 233 11.52 -0.34 29.95
CA THR C 233 12.49 -1.39 29.68
C THR C 233 11.79 -2.56 29.00
N PHE C 234 12.41 -3.07 27.93
CA PHE C 234 12.03 -4.34 27.32
C PHE C 234 13.10 -5.34 27.74
N ASP C 235 12.71 -6.34 28.53
CA ASP C 235 13.66 -7.29 29.11
C ASP C 235 13.43 -8.68 28.50
N GLN C 236 14.44 -9.18 27.78
CA GLN C 236 14.44 -10.54 27.25
C GLN C 236 15.80 -11.16 27.51
N PRO C 237 16.01 -11.71 28.70
CA PRO C 237 17.33 -12.27 29.02
C PRO C 237 17.53 -13.64 28.38
N LEU C 238 18.77 -13.91 27.99
CA LEU C 238 19.17 -15.18 27.41
C LEU C 238 20.33 -15.77 28.19
N ASP C 239 20.22 -17.04 28.53
CA ASP C 239 21.32 -17.75 29.18
C ASP C 239 22.39 -18.08 28.14
N ILE C 240 23.63 -17.67 28.41
CA ILE C 240 24.75 -17.86 27.50
C ILE C 240 25.98 -18.26 28.30
N ASP C 241 26.60 -19.37 27.91
CA ASP C 241 27.80 -19.88 28.56
C ASP C 241 29.03 -19.28 27.87
N LEU C 242 29.75 -18.42 28.57
CA LEU C 242 30.89 -17.74 27.97
C LEU C 242 32.16 -18.57 27.97
N SER C 243 32.16 -19.75 28.59
CA SER C 243 33.35 -20.61 28.51
C SER C 243 33.48 -21.22 27.12
N VAL C 244 32.35 -21.41 26.42
CA VAL C 244 32.39 -21.73 25.00
C VAL C 244 33.10 -20.60 24.27
N ASP C 245 33.99 -20.97 23.33
CA ASP C 245 34.74 -19.96 22.57
C ASP C 245 33.78 -19.02 21.85
N THR C 246 33.73 -17.77 22.30
CA THR C 246 32.72 -16.81 21.87
C THR C 246 33.36 -15.57 21.27
N VAL C 247 32.77 -15.09 20.18
CA VAL C 247 33.08 -13.77 19.62
C VAL C 247 31.81 -12.94 19.66
N VAL C 248 31.99 -11.63 19.90
CA VAL C 248 30.90 -10.68 19.82
C VAL C 248 31.02 -9.91 18.52
N ILE C 249 29.94 -9.86 17.76
CA ILE C 249 29.81 -9.01 16.59
C ILE C 249 28.77 -7.95 16.92
N SER C 250 29.17 -6.68 16.89
CA SER C 250 28.29 -5.57 17.23
C SER C 250 28.15 -4.65 16.03
N GLY C 251 26.90 -4.47 15.58
CA GLY C 251 26.62 -3.65 14.42
C GLY C 251 25.82 -2.40 14.73
N HIS C 252 25.09 -1.90 13.75
CA HIS C 252 24.38 -0.64 13.90
C HIS C 252 23.25 -0.78 14.92
N GLY C 253 23.20 0.14 15.88
CA GLY C 253 22.18 0.13 16.90
C GLY C 253 22.44 -0.81 18.06
N ALA C 254 23.65 -1.36 18.16
CA ALA C 254 23.97 -2.27 19.24
C ALA C 254 23.92 -1.57 20.59
N GLY C 255 23.51 -2.31 21.61
CA GLY C 255 23.52 -1.81 22.97
C GLY C 255 24.86 -2.04 23.65
N VAL C 256 24.96 -1.55 24.87
CA VAL C 256 26.15 -1.69 25.69
C VAL C 256 25.91 -2.79 26.72
N HIS C 257 26.78 -3.78 26.76
CA HIS C 257 26.63 -4.93 27.65
C HIS C 257 27.89 -5.09 28.49
N PRO C 258 27.90 -4.57 29.73
CA PRO C 258 29.09 -4.71 30.57
C PRO C 258 29.51 -6.15 30.83
N ASN C 259 28.56 -7.09 30.92
CA ASN C 259 28.97 -8.47 31.17
C ASN C 259 29.61 -9.13 29.95
N LEU C 260 29.66 -8.45 28.81
CA LEU C 260 30.34 -8.97 27.62
C LEU C 260 31.64 -8.23 27.31
N ALA C 261 32.12 -7.40 28.25
CA ALA C 261 33.21 -6.49 27.94
C ALA C 261 34.53 -7.22 27.70
N ALA C 262 34.72 -8.39 28.31
CA ALA C 262 35.99 -9.10 28.16
C ALA C 262 36.11 -9.84 26.83
N LEU C 263 35.00 -10.07 26.14
CA LEU C 263 35.00 -10.95 24.99
C LEU C 263 35.66 -10.29 23.78
N PRO C 264 36.30 -11.09 22.92
CA PRO C 264 36.78 -10.55 21.65
C PRO C 264 35.62 -10.04 20.82
N THR C 265 35.72 -8.80 20.36
CA THR C 265 34.59 -8.07 19.82
C THR C 265 34.95 -7.44 18.49
N VAL C 266 34.18 -7.76 17.45
CA VAL C 266 34.34 -7.19 16.12
C VAL C 266 33.27 -6.11 16.00
N ALA C 267 33.65 -4.88 16.30
CA ALA C 267 32.71 -3.77 16.41
C ALA C 267 32.73 -2.93 15.15
N GLU C 268 31.55 -2.76 14.53
CA GLU C 268 31.42 -1.79 13.45
C GLU C 268 31.67 -0.38 13.99
N PRO C 269 32.05 0.55 13.12
CA PRO C 269 32.38 1.89 13.61
C PRO C 269 31.26 2.58 14.35
N THR C 270 30.00 2.37 13.96
CA THR C 270 28.88 3.02 14.65
C THR C 270 28.42 2.25 15.88
N ALA C 271 29.07 1.14 16.23
CA ALA C 271 28.64 0.44 17.42
C ALA C 271 29.35 1.01 18.65
N PRO C 272 28.62 1.21 19.75
CA PRO C 272 29.29 1.60 20.99
C PRO C 272 30.04 0.43 21.58
N ARG C 273 31.17 0.73 22.22
CA ARG C 273 32.04 -0.29 22.79
C ARG C 273 31.63 -0.61 24.21
N SER C 274 31.34 -1.89 24.47
CA SER C 274 31.17 -2.32 25.84
C SER C 274 32.50 -2.42 26.55
N GLY C 275 33.53 -2.92 25.86
CA GLY C 275 34.79 -3.22 26.53
C GLY C 275 36.05 -2.85 25.77
N ASP C 276 37.15 -3.54 26.09
CA ASP C 276 38.49 -3.15 25.67
C ASP C 276 39.24 -4.31 25.04
N ASN C 277 38.54 -5.26 24.42
CA ASN C 277 39.16 -6.43 23.80
C ASN C 277 38.77 -6.47 22.32
N PRO C 278 39.31 -5.58 21.50
CA PRO C 278 38.90 -5.52 20.10
C PRO C 278 39.48 -6.66 19.29
N LEU C 279 38.71 -7.11 18.29
CA LEU C 279 39.14 -8.16 17.37
C LEU C 279 38.99 -7.63 15.95
N HIS C 280 40.11 -7.57 15.23
CA HIS C 280 40.12 -6.97 13.91
C HIS C 280 39.23 -7.78 12.95
N PRO C 281 38.48 -7.11 12.08
CA PRO C 281 37.60 -7.85 11.15
C PRO C 281 38.33 -8.87 10.30
N LEU C 282 39.57 -8.57 9.90
CA LEU C 282 40.33 -9.50 9.06
C LEU C 282 40.87 -10.68 9.86
N ALA C 283 40.93 -10.58 11.18
CA ALA C 283 41.34 -11.70 12.02
C ALA C 283 40.25 -12.75 12.16
N LEU C 284 38.99 -12.36 11.95
CA LEU C 284 37.87 -13.28 12.16
C LEU C 284 37.94 -14.56 11.35
N PRO C 285 38.28 -14.57 10.06
CA PRO C 285 38.37 -15.85 9.33
C PRO C 285 39.54 -16.72 9.78
N LEU C 286 40.53 -16.14 10.45
CA LEU C 286 41.64 -16.91 10.99
C LEU C 286 41.28 -17.63 12.27
N LEU C 287 40.02 -17.53 12.71
CA LEU C 287 39.58 -18.08 13.97
C LEU C 287 38.43 -19.05 13.74
N ARG C 288 38.15 -19.86 14.75
CA ARG C 288 37.03 -20.80 14.74
C ARG C 288 36.20 -20.56 15.99
N PRO C 289 35.38 -19.51 16.01
CA PRO C 289 34.47 -19.31 17.14
C PRO C 289 33.51 -20.48 17.26
N GLN C 290 33.21 -20.85 18.52
CA GLN C 290 32.23 -21.90 18.77
C GLN C 290 30.82 -21.36 18.93
N GLN C 291 30.67 -20.09 19.30
CA GLN C 291 29.37 -19.43 19.31
C GLN C 291 29.57 -17.94 19.13
N VAL C 292 28.51 -17.26 18.74
CA VAL C 292 28.53 -15.84 18.41
C VAL C 292 27.43 -15.12 19.17
N ILE C 293 27.75 -13.98 19.74
CA ILE C 293 26.76 -13.05 20.29
C ILE C 293 26.67 -11.87 19.34
N MET C 294 25.49 -11.66 18.74
N MET C 294 25.45 -11.63 18.85
CA MET C 294 25.33 -10.61 17.75
CA MET C 294 25.12 -10.66 17.82
C MET C 294 24.52 -9.47 18.35
C MET C 294 24.48 -9.46 18.48
N LEU C 295 25.14 -8.29 18.43
CA LEU C 295 24.57 -7.09 19.00
C LEU C 295 24.19 -6.12 17.88
N GLY C 296 22.95 -5.69 17.87
CA GLY C 296 22.59 -4.75 16.83
C GLY C 296 22.46 -5.45 15.49
N ARG C 297 22.64 -4.66 14.44
CA ARG C 297 22.43 -5.13 13.09
C ARG C 297 23.75 -5.13 12.32
N PRO C 298 24.26 -6.29 11.91
CA PRO C 298 25.52 -6.32 11.15
C PRO C 298 25.27 -5.90 9.71
N THR C 299 26.11 -4.99 9.22
CA THR C 299 26.06 -4.62 7.82
C THR C 299 27.39 -4.72 7.10
N LEU C 300 28.47 -5.04 7.79
CA LEU C 300 29.80 -5.02 7.19
C LEU C 300 30.45 -6.39 7.23
N HIS C 301 31.32 -6.64 6.24
CA HIS C 301 32.28 -7.74 6.21
C HIS C 301 31.66 -9.07 5.82
N ARG C 302 32.05 -9.59 4.65
CA ARG C 302 31.64 -10.93 4.24
C ARG C 302 32.00 -12.01 5.24
N PRO C 303 33.18 -11.99 5.91
CA PRO C 303 33.43 -13.02 6.94
C PRO C 303 32.42 -13.00 8.08
N VAL C 304 31.89 -11.84 8.44
CA VAL C 304 30.84 -11.79 9.46
C VAL C 304 29.60 -12.51 8.97
N SER C 305 29.19 -12.21 7.72
CA SER C 305 28.01 -12.86 7.15
C SER C 305 28.21 -14.37 7.06
N VAL C 306 29.40 -14.81 6.68
CA VAL C 306 29.67 -16.25 6.56
C VAL C 306 29.54 -16.92 7.93
N LEU C 307 30.15 -16.33 8.96
CA LEU C 307 30.09 -16.88 10.30
C LEU C 307 28.65 -16.93 10.81
N LEU C 308 27.89 -15.85 10.60
CA LEU C 308 26.53 -15.78 11.12
C LEU C 308 25.64 -16.85 10.48
N ALA C 309 25.95 -17.27 9.26
CA ALA C 309 25.14 -18.26 8.56
C ALA C 309 25.58 -19.69 8.82
N ASP C 310 26.66 -19.91 9.57
CA ASP C 310 27.23 -21.23 9.78
C ASP C 310 26.33 -22.03 10.71
N ALA C 311 25.66 -23.05 10.17
CA ALA C 311 24.69 -23.82 10.94
C ALA C 311 25.32 -24.57 12.11
N GLU C 312 26.64 -24.74 12.12
CA GLU C 312 27.32 -25.38 13.24
C GLU C 312 27.64 -24.41 14.37
N VAL C 313 27.38 -23.12 14.18
CA VAL C 313 27.74 -22.09 15.17
C VAL C 313 26.47 -21.47 15.74
N PRO C 314 26.19 -21.66 17.03
CA PRO C 314 25.04 -21.00 17.64
C PRO C 314 25.21 -19.48 17.66
N VAL C 315 24.15 -18.78 17.26
CA VAL C 315 24.13 -17.32 17.19
C VAL C 315 23.04 -16.80 18.10
N PHE C 316 23.40 -15.89 19.01
CA PHE C 316 22.46 -15.25 19.92
C PHE C 316 22.35 -13.78 19.54
N ALA C 317 21.15 -13.36 19.14
CA ALA C 317 20.91 -12.00 18.69
C ALA C 317 20.38 -11.17 19.86
N LEU C 318 21.15 -10.19 20.31
CA LEU C 318 20.73 -9.26 21.33
C LEU C 318 20.50 -7.89 20.67
N THR C 319 19.24 -7.49 20.54
CA THR C 319 18.89 -6.19 19.98
C THR C 319 17.69 -5.61 20.72
N THR C 320 17.55 -4.30 20.59
CA THR C 320 16.37 -3.59 21.05
C THR C 320 15.34 -3.54 19.93
N GLY C 321 14.07 -3.67 20.28
CA GLY C 321 13.00 -3.42 19.34
C GLY C 321 12.31 -4.65 18.79
N PRO C 322 11.42 -4.42 17.83
CA PRO C 322 10.49 -5.49 17.42
C PRO C 322 11.14 -6.64 16.65
N ARG C 323 12.12 -6.36 15.80
CA ARG C 323 12.65 -7.38 14.90
C ARG C 323 14.10 -7.71 15.25
N TRP C 324 14.53 -8.88 14.78
CA TRP C 324 15.92 -9.27 14.92
C TRP C 324 16.55 -9.51 13.54
N PRO C 325 17.84 -9.22 13.39
CA PRO C 325 18.53 -9.52 12.12
C PRO C 325 18.90 -11.00 12.05
N ASP C 326 18.62 -11.62 10.89
CA ASP C 326 19.03 -13.01 10.65
C ASP C 326 18.76 -13.31 9.17
N VAL C 327 19.75 -12.99 8.32
CA VAL C 327 19.59 -13.19 6.88
C VAL C 327 19.48 -14.67 6.55
N SER C 328 20.34 -15.50 7.14
CA SER C 328 20.32 -16.93 6.81
C SER C 328 19.20 -17.69 7.52
N GLY C 329 18.63 -17.13 8.59
CA GLY C 329 17.71 -17.88 9.42
C GLY C 329 18.37 -18.81 10.42
N ASN C 330 19.65 -18.62 10.68
CA ASN C 330 20.46 -19.57 11.44
C ASN C 330 20.42 -19.32 12.94
N SER C 331 19.88 -18.19 13.39
CA SER C 331 19.99 -17.80 14.79
C SER C 331 19.28 -18.78 15.71
N GLN C 332 19.92 -19.07 16.85
CA GLN C 332 19.36 -19.98 17.84
C GLN C 332 18.35 -19.27 18.75
N ALA C 333 18.60 -18.02 19.10
CA ALA C 333 17.75 -17.31 20.04
C ALA C 333 17.96 -15.81 19.90
N THR C 334 16.92 -15.04 20.24
CA THR C 334 16.99 -13.58 20.24
C THR C 334 16.46 -13.04 21.55
N GLY C 335 17.08 -11.98 22.03
CA GLY C 335 16.64 -11.30 23.24
C GLY C 335 17.17 -9.90 23.28
N THR C 336 17.30 -9.37 24.50
CA THR C 336 17.85 -8.04 24.71
C THR C 336 19.13 -8.02 25.54
N ARG C 337 19.38 -9.04 26.35
CA ARG C 337 20.59 -9.06 27.18
C ARG C 337 20.93 -10.51 27.50
N ALA C 338 22.17 -10.71 27.95
CA ALA C 338 22.68 -12.03 28.28
C ALA C 338 22.82 -12.18 29.79
N VAL C 339 22.40 -13.33 30.30
CA VAL C 339 22.73 -13.75 31.66
C VAL C 339 23.81 -14.81 31.52
N THR C 340 25.02 -14.48 31.95
CA THR C 340 26.21 -15.25 31.61
C THR C 340 26.63 -16.16 32.75
N THR C 341 27.13 -17.34 32.39
CA THR C 341 27.93 -18.18 33.26
C THR C 341 29.29 -18.37 32.62
N GLY C 342 30.27 -18.73 33.44
CA GLY C 342 31.61 -18.97 32.94
C GLY C 342 32.30 -17.71 32.47
N ALA C 343 33.46 -17.92 31.84
CA ALA C 343 34.30 -16.86 31.32
C ALA C 343 35.09 -17.42 30.15
N PRO C 344 35.54 -16.56 29.23
CA PRO C 344 36.32 -17.06 28.09
C PRO C 344 37.63 -17.70 28.55
N ARG C 345 37.98 -18.82 27.93
CA ARG C 345 39.24 -19.48 28.23
C ARG C 345 40.39 -18.53 27.92
N PRO C 346 41.38 -18.41 28.81
CA PRO C 346 42.54 -17.56 28.48
C PRO C 346 43.23 -17.94 27.18
N ALA C 347 43.28 -19.23 26.84
CA ALA C 347 43.88 -19.64 25.58
C ALA C 347 43.07 -19.12 24.40
N TRP C 348 41.74 -19.12 24.52
CA TRP C 348 40.90 -18.55 23.47
C TRP C 348 41.15 -17.06 23.32
N LEU C 349 41.29 -16.34 24.44
CA LEU C 349 41.60 -14.92 24.37
C LEU C 349 42.99 -14.69 23.77
N ASP C 350 43.96 -15.53 24.13
CA ASP C 350 45.30 -15.41 23.56
C ASP C 350 45.25 -15.64 22.06
N ARG C 351 44.52 -16.67 21.62
CA ARG C 351 44.43 -16.96 20.19
C ARG C 351 43.80 -15.80 19.43
N CYS C 352 42.73 -15.22 19.98
CA CYS C 352 42.10 -14.06 19.34
C CYS C 352 43.04 -12.87 19.32
N ALA C 353 43.75 -12.63 20.43
CA ALA C 353 44.69 -11.51 20.48
C ALA C 353 45.81 -11.67 19.46
N ALA C 354 46.28 -12.90 19.27
CA ALA C 354 47.37 -13.15 18.32
C ALA C 354 46.92 -12.88 16.89
N MET C 355 45.75 -13.39 16.51
CA MET C 355 45.26 -13.13 15.17
C MET C 355 44.92 -11.65 14.98
N ASN C 356 44.46 -10.98 16.03
CA ASN C 356 44.25 -9.54 15.97
C ASN C 356 45.56 -8.81 15.66
N ARG C 357 46.66 -9.24 16.30
CA ARG C 357 47.95 -8.63 16.03
C ARG C 357 48.38 -8.84 14.58
N HIS C 358 48.20 -10.06 14.07
CA HIS C 358 48.55 -10.36 12.68
C HIS C 358 47.79 -9.45 11.72
N ALA C 359 46.49 -9.26 11.95
CA ALA C 359 45.68 -8.44 11.05
C ALA C 359 46.13 -6.99 11.08
N ILE C 360 46.36 -6.45 12.27
CA ILE C 360 46.82 -5.07 12.40
C ILE C 360 48.15 -4.88 11.68
N ALA C 361 49.08 -5.82 11.89
CA ALA C 361 50.39 -5.72 11.25
C ALA C 361 50.28 -5.79 9.74
N ALA C 362 49.45 -6.71 9.22
CA ALA C 362 49.31 -6.86 7.78
C ALA C 362 48.81 -5.57 7.14
N VAL C 363 47.80 -4.94 7.75
CA VAL C 363 47.26 -3.71 7.20
C VAL C 363 48.30 -2.60 7.23
N ARG C 364 48.97 -2.42 8.37
CA ARG C 364 49.96 -1.36 8.50
C ARG C 364 51.12 -1.58 7.53
N GLU C 365 51.64 -2.81 7.46
CA GLU C 365 52.82 -3.06 6.66
C GLU C 365 52.52 -2.96 5.16
N GLN C 366 51.37 -3.48 4.73
CA GLN C 366 51.07 -3.44 3.30
C GLN C 366 50.69 -2.04 2.85
N LEU C 367 50.14 -1.21 3.74
CA LEU C 367 49.90 0.19 3.39
C LEU C 367 51.22 0.93 3.20
N ALA C 368 52.15 0.77 4.14
CA ALA C 368 53.46 1.40 4.01
C ALA C 368 54.18 0.90 2.75
N ALA C 369 54.10 -0.39 2.48
CA ALA C 369 54.75 -0.96 1.29
C ALA C 369 54.08 -0.51 0.00
N HIS C 370 52.83 -0.10 0.05
CA HIS C 370 52.09 0.30 -1.15
C HIS C 370 52.52 1.72 -1.54
N PRO C 371 52.81 1.97 -2.82
CA PRO C 371 53.26 3.30 -3.21
C PRO C 371 52.12 4.32 -3.31
N LEU C 372 51.05 3.95 -4.01
CA LEU C 372 49.98 4.89 -4.30
C LEU C 372 49.04 5.05 -3.11
N THR C 373 48.53 6.26 -2.94
CA THR C 373 47.55 6.55 -1.90
C THR C 373 46.18 6.03 -2.34
N THR C 374 45.57 5.21 -1.49
CA THR C 374 44.22 4.72 -1.71
C THR C 374 43.30 5.27 -0.62
N GLY C 375 42.01 4.96 -0.74
CA GLY C 375 41.06 5.35 0.28
C GLY C 375 41.36 4.72 1.63
N LEU C 376 41.96 3.53 1.64
CA LEU C 376 42.37 2.91 2.88
C LEU C 376 43.47 3.70 3.56
N HIS C 377 44.42 4.22 2.77
CA HIS C 377 45.42 5.14 3.31
C HIS C 377 44.75 6.35 3.97
N VAL C 378 43.79 6.95 3.26
CA VAL C 378 43.10 8.13 3.79
C VAL C 378 42.36 7.78 5.08
N ALA C 379 41.73 6.60 5.12
CA ALA C 379 41.00 6.20 6.31
C ALA C 379 41.93 6.06 7.51
N ALA C 380 43.12 5.48 7.29
CA ALA C 380 44.07 5.36 8.39
C ALA C 380 44.52 6.72 8.89
N ALA C 381 44.70 7.67 7.97
CA ALA C 381 45.12 9.01 8.37
C ALA C 381 44.06 9.71 9.20
N VAL C 382 42.78 9.57 8.82
CA VAL C 382 41.71 10.17 9.60
C VAL C 382 41.66 9.56 11.00
N SER C 383 41.80 8.24 11.09
CA SER C 383 41.68 7.55 12.37
C SER C 383 42.75 8.03 13.36
N HIS C 384 44.00 8.13 12.91
N HIS C 384 44.00 8.13 12.92
CA HIS C 384 45.09 8.56 13.77
CA HIS C 384 45.05 8.53 13.84
C HIS C 384 44.93 9.99 14.26
C HIS C 384 44.98 10.00 14.22
N ALA C 385 44.15 10.80 13.54
CA ALA C 385 44.00 12.22 13.85
C ALA C 385 42.84 12.53 14.79
N LEU C 386 41.94 11.58 15.02
CA LEU C 386 40.80 11.83 15.88
C LEU C 386 41.22 11.89 17.34
N ARG C 387 40.36 12.49 18.16
CA ARG C 387 40.58 12.57 19.60
C ARG C 387 39.22 12.56 20.28
N PRO C 388 39.18 12.20 21.57
CA PRO C 388 37.88 12.13 22.27
C PRO C 388 37.11 13.45 22.20
N GLY C 389 35.80 13.33 22.08
CA GLY C 389 34.93 14.45 21.84
C GLY C 389 34.62 14.70 20.38
N ASP C 390 35.43 14.16 19.47
CA ASP C 390 35.17 14.27 18.04
C ASP C 390 33.88 13.53 17.68
N GLN C 391 33.19 14.06 16.68
CA GLN C 391 32.14 13.32 15.98
C GLN C 391 32.69 12.91 14.62
N LEU C 392 32.54 11.63 14.29
CA LEU C 392 32.99 11.10 13.01
C LEU C 392 31.78 10.66 12.20
N VAL C 393 31.65 11.19 10.99
CA VAL C 393 30.56 10.87 10.09
C VAL C 393 31.15 10.11 8.91
N LEU C 394 30.64 8.90 8.65
CA LEU C 394 31.20 8.01 7.66
C LEU C 394 30.22 7.79 6.51
N GLY C 395 30.70 7.99 5.30
CA GLY C 395 29.92 7.63 4.13
C GLY C 395 29.92 6.13 3.90
N ALA C 396 28.98 5.70 3.06
CA ALA C 396 28.90 4.29 2.70
C ALA C 396 30.07 3.95 1.77
N SER C 397 30.01 2.76 1.17
CA SER C 397 31.07 2.25 0.30
C SER C 397 32.33 1.99 1.12
N ASN C 398 33.50 2.22 0.52
CA ASN C 398 34.75 1.89 1.18
C ASN C 398 35.03 2.67 2.48
N PRO C 399 34.71 3.97 2.60
CA PRO C 399 35.09 4.69 3.84
C PRO C 399 34.66 4.03 5.14
N VAL C 400 33.39 3.64 5.28
CA VAL C 400 32.94 3.05 6.54
C VAL C 400 33.65 1.71 6.78
N ARG C 401 33.91 0.97 5.71
CA ARG C 401 34.65 -0.28 5.84
C ARG C 401 36.13 -0.03 6.09
N ASP C 402 36.71 0.97 5.39
CA ASP C 402 38.13 1.24 5.54
C ASP C 402 38.50 1.67 6.95
N VAL C 403 37.60 2.42 7.61
CA VAL C 403 37.87 2.84 8.99
C VAL C 403 37.95 1.63 9.92
N ALA C 404 37.12 0.61 9.68
CA ALA C 404 37.19 -0.61 10.46
C ALA C 404 38.48 -1.37 10.17
N LEU C 405 38.89 -1.40 8.90
CA LEU C 405 40.13 -2.07 8.55
C LEU C 405 41.34 -1.33 9.11
N ALA C 406 41.26 0.01 9.22
CA ALA C 406 42.33 0.78 9.83
C ALA C 406 42.38 0.62 11.35
N GLY C 407 41.44 -0.09 11.94
CA GLY C 407 41.47 -0.36 13.37
C GLY C 407 41.17 0.83 14.25
N LEU C 408 40.22 1.67 13.85
CA LEU C 408 39.88 2.86 14.62
C LEU C 408 39.36 2.49 16.00
N ASP C 409 39.89 3.18 17.01
CA ASP C 409 39.40 3.05 18.39
C ASP C 409 38.29 4.09 18.58
N THR C 410 37.04 3.65 18.62
CA THR C 410 35.90 4.54 18.67
C THR C 410 35.54 5.01 20.08
N ARG C 411 36.25 4.54 21.10
CA ARG C 411 35.93 4.95 22.46
C ARG C 411 36.25 6.43 22.64
N GLY C 412 35.29 7.18 23.20
CA GLY C 412 35.43 8.61 23.38
C GLY C 412 34.92 9.46 22.23
N ILE C 413 34.58 8.84 21.09
CA ILE C 413 34.10 9.59 19.93
C ILE C 413 32.75 9.04 19.52
N ARG C 414 31.96 9.90 18.85
CA ARG C 414 30.66 9.50 18.32
C ARG C 414 30.77 9.29 16.83
N VAL C 415 30.30 8.15 16.36
CA VAL C 415 30.44 7.74 14.98
C VAL C 415 29.05 7.61 14.38
N ARG C 416 28.81 8.35 13.30
CA ARG C 416 27.53 8.34 12.61
C ARG C 416 27.71 7.79 11.20
N SER C 417 26.71 7.05 10.73
CA SER C 417 26.69 6.55 9.36
C SER C 417 25.28 6.08 9.06
N ASN C 418 24.82 6.34 7.83
CA ASN C 418 23.45 6.00 7.44
C ASN C 418 23.40 4.53 7.02
N ARG C 419 23.54 3.66 8.01
CA ARG C 419 23.55 2.21 7.76
C ARG C 419 22.15 1.62 7.61
N GLY C 420 21.10 2.42 7.75
CA GLY C 420 19.75 1.88 7.60
C GLY C 420 19.53 1.25 6.24
N VAL C 421 19.89 1.98 5.18
CA VAL C 421 19.85 1.46 3.82
C VAL C 421 21.18 1.59 3.10
N ALA C 422 22.20 2.18 3.74
CA ALA C 422 23.56 2.26 3.20
C ALA C 422 23.59 3.02 1.88
N GLY C 423 22.79 4.09 1.78
CA GLY C 423 22.78 4.89 0.57
C GLY C 423 23.99 5.82 0.50
N ILE C 424 24.40 6.14 -0.72
CA ILE C 424 25.46 7.12 -0.91
C ILE C 424 24.82 8.48 -1.16
N ASP C 425 23.50 8.56 -1.03
CA ASP C 425 22.81 9.83 -1.19
C ASP C 425 22.72 10.55 0.16
N GLY C 426 22.81 11.88 0.09
CA GLY C 426 22.50 12.72 1.23
C GLY C 426 23.50 12.75 2.36
N THR C 427 24.74 12.29 2.14
CA THR C 427 25.69 12.21 3.24
C THR C 427 26.27 13.58 3.61
N VAL C 428 26.31 14.53 2.68
CA VAL C 428 26.86 15.85 3.00
C VAL C 428 25.94 16.57 3.98
N SER C 429 24.63 16.61 3.68
CA SER C 429 23.69 17.24 4.60
C SER C 429 23.57 16.47 5.91
N THR C 430 23.72 15.15 5.87
CA THR C 430 23.75 14.37 7.11
C THR C 430 24.90 14.84 8.01
N ALA C 431 26.10 14.98 7.43
CA ALA C 431 27.23 15.48 8.19
C ALA C 431 26.98 16.90 8.69
N ILE C 432 26.40 17.76 7.84
CA ILE C 432 26.13 19.13 8.23
C ILE C 432 25.11 19.17 9.36
N GLY C 433 24.02 18.42 9.22
CA GLY C 433 23.03 18.36 10.28
C GLY C 433 23.58 17.77 11.56
N ALA C 434 24.42 16.74 11.45
CA ALA C 434 25.02 16.14 12.63
C ALA C 434 25.93 17.12 13.34
N ALA C 435 26.75 17.86 12.60
CA ALA C 435 27.61 18.86 13.22
C ALA C 435 26.80 19.93 13.92
N LEU C 436 25.73 20.41 13.28
CA LEU C 436 24.92 21.47 13.87
C LEU C 436 24.28 21.03 15.17
N ALA C 437 23.71 19.82 15.19
CA ALA C 437 23.08 19.32 16.42
C ALA C 437 24.12 19.03 17.49
N TYR C 438 25.28 18.51 17.08
CA TYR C 438 26.33 18.20 18.04
C TYR C 438 26.92 19.46 18.65
N GLU C 439 27.15 20.49 17.83
CA GLU C 439 27.62 21.77 18.35
C GLU C 439 26.56 22.43 19.21
N GLY C 440 25.28 22.29 18.82
CA GLY C 440 24.21 22.90 19.59
C GLY C 440 24.10 22.33 20.99
N ALA C 441 24.20 21.00 21.12
CA ALA C 441 24.18 20.38 22.44
C ALA C 441 25.36 20.85 23.28
N HIS C 442 26.51 21.09 22.66
CA HIS C 442 27.69 21.52 23.41
C HIS C 442 27.56 22.95 23.89
N GLU C 443 27.08 23.85 23.03
CA GLU C 443 26.90 25.24 23.43
C GLU C 443 25.98 25.36 24.65
N ARG C 444 25.07 24.41 24.83
CA ARG C 444 24.12 24.48 25.92
C ARG C 444 24.67 23.90 27.23
N THR C 445 25.76 23.14 27.16
CA THR C 445 26.45 22.77 28.40
C THR C 445 26.93 24.02 29.14
N GLY C 446 27.52 24.96 28.41
CA GLY C 446 27.90 26.24 28.97
C GLY C 446 29.39 26.48 29.07
N SER C 447 30.23 25.55 28.62
CA SER C 447 31.66 25.75 28.61
C SER C 447 32.08 26.21 27.22
N PRO C 448 32.46 27.49 27.01
CA PRO C 448 33.05 27.90 25.73
C PRO C 448 34.53 27.56 25.62
N ASP C 449 34.86 26.29 25.83
CA ASP C 449 35.89 25.69 25.01
C ASP C 449 35.34 25.67 23.58
N SER C 450 36.23 25.70 22.60
CA SER C 450 35.77 25.79 21.22
C SER C 450 34.86 24.60 20.89
N PRO C 451 33.92 24.78 19.97
CA PRO C 451 32.96 23.71 19.66
C PRO C 451 33.66 22.43 19.28
N PRO C 452 33.11 21.28 19.67
CA PRO C 452 33.75 20.01 19.36
C PRO C 452 33.71 19.74 17.86
N ARG C 453 34.67 18.94 17.40
CA ARG C 453 34.87 18.74 15.98
C ARG C 453 33.94 17.68 15.42
N THR C 454 33.44 17.92 14.21
CA THR C 454 32.80 16.91 13.39
C THR C 454 33.65 16.71 12.15
N ILE C 455 34.09 15.48 11.91
CA ILE C 455 34.91 15.14 10.75
C ILE C 455 34.17 14.07 9.97
N ALA C 456 33.92 14.34 8.69
CA ALA C 456 33.25 13.40 7.80
C ALA C 456 34.26 12.85 6.80
N LEU C 457 34.18 11.54 6.57
CA LEU C 457 35.01 10.86 5.58
C LEU C 457 34.09 10.19 4.57
N ILE C 458 34.09 10.70 3.34
CA ILE C 458 33.21 10.22 2.28
C ILE C 458 34.01 10.04 1.01
N GLY C 459 33.50 9.16 0.13
CA GLY C 459 34.09 8.97 -1.18
C GLY C 459 33.65 10.05 -2.15
N ASP C 460 34.28 10.04 -3.34
CA ASP C 460 34.02 11.09 -4.31
C ASP C 460 32.60 10.99 -4.89
N LEU C 461 32.15 9.77 -5.21
CA LEU C 461 30.79 9.60 -5.70
C LEU C 461 29.77 10.05 -4.68
N THR C 462 30.00 9.70 -3.41
CA THR C 462 29.14 10.17 -2.33
C THR C 462 29.10 11.69 -2.27
N PHE C 463 30.27 12.33 -2.44
CA PHE C 463 30.31 13.79 -2.40
C PHE C 463 29.53 14.41 -3.55
N VAL C 464 29.74 13.89 -4.77
CA VAL C 464 29.06 14.43 -5.94
C VAL C 464 27.55 14.22 -5.83
N HIS C 465 27.14 13.09 -5.24
CA HIS C 465 25.71 12.79 -5.11
C HIS C 465 24.98 13.88 -4.35
N ASP C 466 25.59 14.39 -3.27
CA ASP C 466 24.93 15.34 -2.39
C ASP C 466 25.65 16.69 -2.33
N SER C 467 26.32 17.07 -3.42
CA SER C 467 27.06 18.33 -3.41
C SER C 467 26.16 19.53 -3.19
N SER C 468 24.88 19.43 -3.58
CA SER C 468 23.95 20.54 -3.39
C SER C 468 23.69 20.84 -1.92
N GLY C 469 24.05 19.92 -1.03
CA GLY C 469 23.92 20.17 0.40
C GLY C 469 24.89 21.23 0.91
N LEU C 470 25.92 21.55 0.13
CA LEU C 470 26.85 22.60 0.52
C LEU C 470 26.26 23.99 0.39
N LEU C 471 25.18 24.13 -0.38
CA LEU C 471 24.55 25.42 -0.64
C LEU C 471 23.71 25.81 0.57
N ILE C 472 24.22 26.74 1.38
CA ILE C 472 23.54 27.18 2.59
C ILE C 472 23.50 28.71 2.59
N GLY C 473 22.29 29.26 2.63
CA GLY C 473 22.12 30.70 2.63
C GLY C 473 22.64 31.33 3.90
N PRO C 474 23.12 32.58 3.79
CA PRO C 474 23.60 33.28 4.99
C PRO C 474 22.54 33.46 6.05
N THR C 475 21.26 33.31 5.70
CA THR C 475 20.19 33.33 6.67
C THR C 475 20.13 32.08 7.53
N GLU C 476 20.83 31.01 7.15
CA GLU C 476 20.62 29.70 7.72
C GLU C 476 21.78 29.29 8.64
N PRO C 477 21.51 28.42 9.62
CA PRO C 477 22.56 27.96 10.53
C PRO C 477 23.66 27.21 9.77
N ILE C 478 24.90 27.50 10.14
CA ILE C 478 26.08 26.92 9.49
C ILE C 478 27.00 26.36 10.56
N PRO C 479 27.55 25.15 10.37
CA PRO C 479 28.45 24.59 11.39
C PRO C 479 29.67 25.46 11.60
N ARG C 480 30.16 25.48 12.84
CA ARG C 480 31.38 26.20 13.16
C ARG C 480 32.63 25.34 13.04
N SER C 481 32.49 24.01 13.00
CA SER C 481 33.63 23.13 13.18
C SER C 481 33.46 21.82 12.41
N LEU C 482 32.99 21.91 11.16
CA LEU C 482 32.82 20.73 10.31
C LEU C 482 33.90 20.67 9.26
N THR C 483 34.55 19.51 9.15
CA THR C 483 35.53 19.23 8.11
C THR C 483 35.09 17.98 7.36
N ILE C 484 34.90 18.11 6.05
CA ILE C 484 34.49 17.00 5.19
C ILE C 484 35.72 16.55 4.42
N VAL C 485 36.23 15.36 4.73
CA VAL C 485 37.34 14.76 3.98
C VAL C 485 36.76 13.94 2.84
N VAL C 486 37.08 14.32 1.62
CA VAL C 486 36.66 13.57 0.43
C VAL C 486 37.88 12.79 -0.08
N SER C 487 37.85 11.48 0.13
CA SER C 487 38.84 10.59 -0.48
C SER C 487 38.40 10.31 -1.91
N ASN C 488 39.11 10.89 -2.87
CA ASN C 488 38.67 10.96 -4.26
C ASN C 488 39.54 10.05 -5.12
N ASP C 489 39.01 8.87 -5.47
CA ASP C 489 39.64 8.00 -6.45
C ASP C 489 38.90 8.00 -7.79
N ASN C 490 38.15 9.07 -8.08
CA ASN C 490 37.48 9.27 -9.36
C ASN C 490 36.65 8.05 -9.75
N GLY C 491 35.78 7.63 -8.85
CA GLY C 491 34.88 6.53 -9.13
C GLY C 491 34.54 5.77 -7.86
N GLY C 492 33.89 4.61 -8.05
CA GLY C 492 33.52 3.75 -6.95
C GLY C 492 34.56 2.66 -6.71
N GLY C 493 35.45 2.91 -5.74
CA GLY C 493 36.53 1.99 -5.47
C GLY C 493 36.10 0.64 -4.93
N ILE C 494 34.94 0.57 -4.27
CA ILE C 494 34.50 -0.68 -3.66
C ILE C 494 34.26 -1.75 -4.72
N PHE C 495 33.91 -1.33 -5.94
CA PHE C 495 33.64 -2.29 -7.00
C PHE C 495 34.91 -2.98 -7.50
N GLU C 496 36.07 -2.39 -7.26
CA GLU C 496 37.32 -3.10 -7.52
C GLU C 496 37.49 -4.31 -6.62
N LEU C 497 36.84 -4.31 -5.45
CA LEU C 497 37.01 -5.37 -4.47
C LEU C 497 35.95 -6.46 -4.56
N LEU C 498 34.96 -6.32 -5.43
CA LEU C 498 33.88 -7.29 -5.56
C LEU C 498 34.14 -8.20 -6.77
N GLU C 499 33.21 -9.13 -6.99
CA GLU C 499 33.37 -10.10 -8.08
C GLU C 499 33.49 -9.42 -9.44
N GLN C 500 32.80 -8.30 -9.65
CA GLN C 500 32.94 -7.59 -10.90
C GLN C 500 34.28 -6.86 -11.03
N GLY C 501 35.08 -6.82 -9.96
CA GLY C 501 36.43 -6.32 -10.01
C GLY C 501 37.48 -7.31 -10.44
N ASP C 502 37.06 -8.54 -10.76
CA ASP C 502 38.01 -9.54 -11.21
C ASP C 502 38.59 -9.13 -12.57
N PRO C 503 39.87 -9.41 -12.82
CA PRO C 503 40.49 -8.95 -14.07
C PRO C 503 39.78 -9.38 -15.35
N ARG C 504 39.03 -10.49 -15.33
CA ARG C 504 38.40 -10.93 -16.57
C ARG C 504 37.26 -10.01 -17.00
N PHE C 505 36.80 -9.14 -16.12
CA PHE C 505 35.83 -8.11 -16.48
C PHE C 505 36.46 -6.76 -16.72
N SER C 506 37.80 -6.69 -16.83
CA SER C 506 38.50 -5.42 -16.84
C SER C 506 38.15 -4.57 -18.05
N ASP C 507 37.76 -5.19 -19.16
CA ASP C 507 37.43 -4.43 -20.36
C ASP C 507 36.05 -3.79 -20.29
N VAL C 508 35.15 -4.31 -19.46
CA VAL C 508 33.77 -3.84 -19.41
C VAL C 508 33.41 -3.16 -18.10
N SER C 509 34.28 -3.20 -17.09
CA SER C 509 33.89 -2.77 -15.75
C SER C 509 34.11 -1.29 -15.49
N SER C 510 34.93 -0.59 -16.28
CA SER C 510 35.21 0.81 -16.00
C SER C 510 33.96 1.68 -16.14
N ARG C 511 33.18 1.45 -17.20
CA ARG C 511 32.01 2.28 -17.46
C ARG C 511 30.90 2.02 -16.45
N ILE C 512 30.54 0.75 -16.24
CA ILE C 512 29.32 0.41 -15.55
C ILE C 512 29.49 0.24 -14.03
N PHE C 513 30.72 0.08 -13.56
CA PHE C 513 30.98 0.04 -12.13
C PHE C 513 31.98 1.09 -11.68
N GLY C 514 33.04 1.33 -12.46
CA GLY C 514 34.01 2.34 -12.07
C GLY C 514 33.41 3.74 -12.04
N THR C 515 32.56 4.04 -13.02
CA THR C 515 31.88 5.34 -13.18
C THR C 515 32.81 6.53 -12.90
N PRO C 516 33.88 6.69 -13.67
CA PRO C 516 34.72 7.89 -13.51
C PRO C 516 33.97 9.12 -14.00
N HIS C 517 34.31 10.27 -13.40
CA HIS C 517 33.53 11.47 -13.64
C HIS C 517 34.39 12.69 -13.94
N ASP C 518 35.61 12.74 -13.40
CA ASP C 518 36.57 13.82 -13.64
C ASP C 518 36.11 15.16 -13.07
N VAL C 519 35.35 15.15 -11.97
CA VAL C 519 34.85 16.39 -11.40
C VAL C 519 35.98 17.16 -10.74
N ASP C 520 35.96 18.49 -10.90
CA ASP C 520 36.89 19.40 -10.24
C ASP C 520 36.28 19.77 -8.89
N VAL C 521 36.70 19.07 -7.83
CA VAL C 521 36.09 19.25 -6.52
C VAL C 521 36.36 20.65 -5.99
N GLY C 522 37.60 21.13 -6.13
CA GLY C 522 37.93 22.48 -5.70
C GLY C 522 37.07 23.53 -6.37
N ALA C 523 36.83 23.37 -7.68
CA ALA C 523 35.96 24.31 -8.38
C ALA C 523 34.53 24.23 -7.87
N LEU C 524 34.04 23.01 -7.61
CA LEU C 524 32.68 22.85 -7.09
C LEU C 524 32.52 23.55 -5.75
N CYS C 525 33.50 23.38 -4.86
CA CYS C 525 33.46 24.06 -3.57
C CYS C 525 33.57 25.58 -3.74
N ARG C 526 34.39 26.02 -4.70
CA ARG C 526 34.49 27.45 -5.01
C ARG C 526 33.12 28.03 -5.35
N ALA C 527 32.36 27.33 -6.21
CA ALA C 527 31.05 27.83 -6.65
C ALA C 527 30.10 28.03 -5.48
N TYR C 528 30.17 27.16 -4.47
CA TYR C 528 29.33 27.28 -3.29
C TYR C 528 29.97 28.12 -2.19
N HIS C 529 31.13 28.72 -2.47
CA HIS C 529 31.83 29.57 -1.50
C HIS C 529 32.13 28.81 -0.22
N VAL C 530 32.62 27.59 -0.39
CA VAL C 530 33.02 26.73 0.72
C VAL C 530 34.53 26.55 0.66
N GLU C 531 35.20 26.88 1.76
CA GLU C 531 36.64 26.71 1.85
C GLU C 531 37.03 25.27 1.54
N SER C 532 38.05 25.09 0.73
CA SER C 532 38.50 23.75 0.37
C SER C 532 39.98 23.75 0.05
N ARG C 533 40.62 22.64 0.36
CA ARG C 533 42.04 22.42 0.06
C ARG C 533 42.21 21.01 -0.49
N GLN C 534 43.12 20.86 -1.45
CA GLN C 534 43.54 19.55 -1.92
C GLN C 534 44.92 19.25 -1.32
N ILE C 535 44.99 18.22 -0.50
CA ILE C 535 46.21 17.91 0.25
C ILE C 535 46.54 16.44 0.07
N GLU C 536 47.80 16.10 0.34
CA GLU C 536 48.26 14.72 0.30
C GLU C 536 48.04 14.06 1.65
N VAL C 537 48.01 12.72 1.64
CA VAL C 537 47.59 11.95 2.81
C VAL C 537 48.47 12.25 4.01
N ASP C 538 49.74 12.61 3.79
CA ASP C 538 50.63 12.90 4.91
C ASP C 538 50.28 14.20 5.60
N GLU C 539 49.74 15.18 4.86
CA GLU C 539 49.34 16.45 5.45
C GLU C 539 47.96 16.41 6.08
N LEU C 540 47.21 15.31 5.92
CA LEU C 540 45.82 15.30 6.36
C LEU C 540 45.71 15.53 7.87
N GLY C 541 46.49 14.79 8.65
CA GLY C 541 46.54 14.96 10.09
C GLY C 541 46.83 16.36 10.54
N PRO C 542 47.96 16.93 10.10
CA PRO C 542 48.28 18.32 10.50
C PRO C 542 47.22 19.32 10.09
N THR C 543 46.73 19.24 8.85
CA THR C 543 45.67 20.13 8.39
C THR C 543 44.43 20.00 9.26
N LEU C 544 44.12 18.78 9.70
CA LEU C 544 42.96 18.56 10.56
C LEU C 544 43.19 19.13 11.95
N ASP C 545 44.43 19.05 12.46
CA ASP C 545 44.74 19.57 13.79
C ASP C 545 44.54 21.08 13.88
N GLN C 546 44.61 21.79 12.76
CA GLN C 546 44.56 23.25 12.77
C GLN C 546 43.24 23.73 12.18
N PRO C 547 42.37 24.34 12.97
CA PRO C 547 41.02 24.68 12.52
C PRO C 547 41.03 25.67 11.36
N GLY C 548 39.85 25.88 10.80
CA GLY C 548 39.70 26.77 9.64
C GLY C 548 38.32 27.39 9.62
N ALA C 549 37.74 27.46 8.41
CA ALA C 549 36.38 27.98 8.28
C ALA C 549 35.38 27.03 8.93
N GLY C 550 34.18 27.54 9.17
CA GLY C 550 33.15 26.74 9.82
C GLY C 550 32.90 25.43 9.12
N MET C 551 32.75 25.48 7.78
CA MET C 551 32.75 24.29 6.94
C MET C 551 33.94 24.36 5.99
N ARG C 552 34.63 23.22 5.85
CA ARG C 552 35.66 23.13 4.83
C ARG C 552 35.72 21.71 4.30
N VAL C 553 36.22 21.59 3.08
CA VAL C 553 36.34 20.32 2.37
C VAL C 553 37.82 20.06 2.12
N LEU C 554 38.34 18.98 2.69
CA LEU C 554 39.70 18.55 2.43
C LEU C 554 39.67 17.39 1.45
N GLU C 555 40.20 17.60 0.26
CA GLU C 555 40.20 16.60 -0.80
C GLU C 555 41.56 15.93 -0.88
N VAL C 556 41.56 14.60 -0.87
CA VAL C 556 42.78 13.79 -1.03
C VAL C 556 42.61 12.94 -2.27
N LYS C 557 43.42 13.20 -3.29
CA LYS C 557 43.41 12.37 -4.48
C LYS C 557 43.85 10.95 -4.13
N ALA C 558 43.15 9.96 -4.71
CA ALA C 558 43.41 8.57 -4.40
C ALA C 558 43.34 7.74 -5.67
N ASP C 559 43.88 6.53 -5.59
CA ASP C 559 43.92 5.61 -6.71
C ASP C 559 43.13 4.35 -6.35
N ARG C 560 42.31 3.89 -7.29
CA ARG C 560 41.61 2.61 -7.14
C ARG C 560 42.10 1.56 -8.13
N SER C 561 43.03 1.91 -9.02
CA SER C 561 43.57 0.93 -9.95
C SER C 561 44.35 -0.16 -9.21
N SER C 562 45.01 0.18 -8.11
CA SER C 562 45.79 -0.76 -7.33
C SER C 562 45.03 -1.31 -6.14
N LEU C 563 43.73 -1.01 -6.02
CA LEU C 563 42.99 -1.32 -4.82
C LEU C 563 42.86 -2.82 -4.60
N ARG C 564 42.45 -3.55 -5.64
CA ARG C 564 42.27 -4.99 -5.52
C ARG C 564 43.57 -5.69 -5.15
N GLN C 565 44.68 -5.29 -5.77
CA GLN C 565 45.98 -5.88 -5.42
C GLN C 565 46.35 -5.57 -3.96
N LEU C 566 46.05 -4.36 -3.50
CA LEU C 566 46.39 -3.98 -2.14
C LEU C 566 45.67 -4.86 -1.12
N HIS C 567 44.38 -5.08 -1.32
CA HIS C 567 43.65 -5.97 -0.42
C HIS C 567 44.12 -7.41 -0.53
N ALA C 568 44.52 -7.83 -1.74
CA ALA C 568 45.10 -9.15 -1.91
C ALA C 568 46.42 -9.28 -1.14
N ALA C 569 47.26 -8.24 -1.21
CA ALA C 569 48.54 -8.27 -0.49
C ALA C 569 48.31 -8.30 1.01
N ILE C 570 47.28 -7.60 1.49
CA ILE C 570 46.97 -7.63 2.92
C ILE C 570 46.53 -9.03 3.34
N LYS C 571 45.64 -9.66 2.56
CA LYS C 571 45.17 -10.99 2.89
C LYS C 571 46.31 -12.00 2.90
N ALA C 572 47.25 -11.88 1.94
CA ALA C 572 48.37 -12.81 1.89
C ALA C 572 49.37 -12.57 3.02
N ALA C 573 49.32 -11.41 3.67
CA ALA C 573 50.21 -11.14 4.80
C ALA C 573 49.60 -11.51 6.14
N LEU C 574 48.32 -11.88 6.17
CA LEU C 574 47.67 -12.27 7.41
C LEU C 574 48.26 -13.55 8.00
N MET D 21 -29.99 26.78 3.87
CA MET D 21 -29.83 25.37 4.23
C MET D 21 -28.36 25.05 4.52
N ASN D 22 -28.14 24.08 5.40
CA ASN D 22 -26.80 23.60 5.70
C ASN D 22 -26.09 23.23 4.41
N PRO D 23 -24.89 23.79 4.14
CA PRO D 23 -24.19 23.48 2.88
C PRO D 23 -24.07 21.98 2.60
N SER D 24 -23.88 21.16 3.63
CA SER D 24 -23.79 19.71 3.42
C SER D 24 -25.09 19.16 2.87
N THR D 25 -26.22 19.69 3.30
CA THR D 25 -27.50 19.23 2.80
C THR D 25 -27.65 19.54 1.31
N THR D 26 -27.24 20.75 0.90
CA THR D 26 -27.25 21.11 -0.52
C THR D 26 -26.30 20.21 -1.31
N GLN D 27 -25.07 20.08 -0.84
CA GLN D 27 -24.08 19.25 -1.52
C GLN D 27 -24.58 17.82 -1.69
N ALA D 28 -25.26 17.29 -0.67
CA ALA D 28 -25.70 15.90 -0.71
C ALA D 28 -26.71 15.66 -1.84
N ARG D 29 -27.63 16.60 -2.05
CA ARG D 29 -28.62 16.40 -3.10
C ARG D 29 -28.03 16.64 -4.47
N VAL D 30 -27.14 17.63 -4.59
CA VAL D 30 -26.46 17.84 -5.85
C VAL D 30 -25.75 16.57 -6.27
N VAL D 31 -25.09 15.89 -5.32
CA VAL D 31 -24.41 14.65 -5.64
C VAL D 31 -25.40 13.55 -6.00
N VAL D 32 -26.49 13.41 -5.24
CA VAL D 32 -27.46 12.37 -5.51
C VAL D 32 -28.16 12.63 -6.84
N ASP D 33 -28.48 13.89 -7.14
CA ASP D 33 -29.11 14.21 -8.41
C ASP D 33 -28.20 13.86 -9.58
N GLU D 34 -26.91 14.17 -9.46
CA GLU D 34 -25.97 13.88 -10.55
C GLU D 34 -25.75 12.38 -10.68
N LEU D 35 -25.75 11.64 -9.57
CA LEU D 35 -25.65 10.20 -9.63
C LEU D 35 -26.84 9.60 -10.38
N ILE D 36 -28.04 10.12 -10.15
CA ILE D 36 -29.22 9.62 -10.84
C ILE D 36 -29.15 9.95 -12.32
N ARG D 37 -28.69 11.16 -12.66
CA ARG D 37 -28.44 11.49 -14.06
C ARG D 37 -27.40 10.59 -14.69
N GLY D 38 -26.52 9.99 -13.89
CA GLY D 38 -25.50 9.08 -14.35
C GLY D 38 -25.94 7.63 -14.49
N GLY D 39 -27.22 7.34 -14.28
CA GLY D 39 -27.72 6.00 -14.44
C GLY D 39 -27.77 5.16 -13.18
N VAL D 40 -27.52 5.74 -12.01
CA VAL D 40 -27.64 5.00 -10.76
C VAL D 40 -29.12 4.83 -10.44
N ARG D 41 -29.57 3.57 -10.38
CA ARG D 41 -30.95 3.27 -10.03
C ARG D 41 -31.11 2.61 -8.68
N ASP D 42 -30.03 2.06 -8.12
CA ASP D 42 -30.09 1.31 -6.86
C ASP D 42 -28.91 1.70 -5.99
N VAL D 43 -29.17 1.83 -4.69
CA VAL D 43 -28.15 2.11 -3.68
C VAL D 43 -28.37 1.18 -2.51
N VAL D 44 -27.27 0.59 -2.01
CA VAL D 44 -27.31 -0.36 -0.91
C VAL D 44 -26.76 0.31 0.34
N LEU D 45 -27.48 0.19 1.45
CA LEU D 45 -27.07 0.77 2.72
C LEU D 45 -27.13 -0.24 3.86
N CYS D 46 -26.36 0.02 4.90
CA CYS D 46 -26.39 -0.78 6.10
C CYS D 46 -26.40 0.18 7.29
N PRO D 47 -27.02 -0.26 8.40
CA PRO D 47 -27.07 0.60 9.58
C PRO D 47 -25.75 0.64 10.32
N GLY D 48 -25.24 1.85 10.58
CA GLY D 48 -23.97 2.02 11.25
C GLY D 48 -24.06 3.03 12.38
N SER D 49 -22.94 3.15 13.09
CA SER D 49 -22.87 4.10 14.20
C SER D 49 -23.07 5.53 13.72
N ARG D 50 -22.56 5.85 12.55
CA ARG D 50 -22.85 7.12 11.89
C ARG D 50 -23.86 6.90 10.79
N ASN D 51 -24.69 7.91 10.54
CA ASN D 51 -25.65 7.79 9.46
C ASN D 51 -24.95 7.92 8.11
N ALA D 52 -25.61 7.41 7.07
CA ALA D 52 -24.97 7.19 5.80
C ALA D 52 -24.54 8.51 5.14
N PRO D 53 -23.46 8.49 4.38
CA PRO D 53 -23.18 9.60 3.47
C PRO D 53 -24.36 9.80 2.52
N LEU D 54 -24.81 11.06 2.42
CA LEU D 54 -25.94 11.45 1.58
C LEU D 54 -27.26 10.84 2.04
N ALA D 55 -27.37 10.48 3.32
CA ALA D 55 -28.48 9.64 3.78
C ALA D 55 -29.83 10.29 3.50
N PHE D 56 -30.00 11.56 3.88
CA PHE D 56 -31.29 12.22 3.70
C PHE D 56 -31.61 12.43 2.23
N ALA D 57 -30.60 12.79 1.43
CA ALA D 57 -30.83 12.98 0.01
C ALA D 57 -31.18 11.67 -0.69
N LEU D 58 -30.58 10.57 -0.24
CA LEU D 58 -30.99 9.26 -0.76
C LEU D 58 -32.40 8.91 -0.33
N GLN D 59 -32.75 9.25 0.91
CA GLN D 59 -34.11 9.04 1.40
C GLN D 59 -35.12 9.81 0.57
N ASP D 60 -34.82 11.09 0.29
CA ASP D 60 -35.70 11.90 -0.54
C ASP D 60 -35.91 11.27 -1.91
N ALA D 61 -34.81 10.89 -2.59
CA ALA D 61 -34.92 10.32 -3.93
C ALA D 61 -35.60 8.96 -3.90
N ASP D 62 -35.48 8.21 -2.81
CA ASP D 62 -36.20 6.96 -2.68
C ASP D 62 -37.70 7.19 -2.59
N ARG D 63 -38.12 8.16 -1.77
CA ARG D 63 -39.54 8.44 -1.60
C ARG D 63 -40.16 8.94 -2.90
N SER D 64 -39.44 9.77 -3.65
CA SER D 64 -39.92 10.29 -4.93
C SER D 64 -39.76 9.29 -6.07
N GLY D 65 -39.27 8.08 -5.79
CA GLY D 65 -39.12 7.07 -6.81
C GLY D 65 -37.96 7.27 -7.76
N ARG D 66 -37.05 8.22 -7.47
CA ARG D 66 -35.93 8.46 -8.37
C ARG D 66 -34.90 7.35 -8.30
N ILE D 67 -34.76 6.69 -7.14
CA ILE D 67 -33.89 5.53 -6.98
C ILE D 67 -34.57 4.56 -6.04
N ARG D 68 -34.01 3.35 -5.99
CA ARG D 68 -34.46 2.30 -5.09
C ARG D 68 -33.35 2.01 -4.09
N LEU D 69 -33.70 1.99 -2.81
CA LEU D 69 -32.74 1.74 -1.74
C LEU D 69 -32.93 0.33 -1.21
N HIS D 70 -31.80 -0.33 -0.93
CA HIS D 70 -31.77 -1.67 -0.38
C HIS D 70 -30.99 -1.66 0.91
N VAL D 71 -31.59 -2.14 1.99
CA VAL D 71 -30.96 -2.19 3.30
C VAL D 71 -30.67 -3.64 3.65
N ARG D 72 -29.47 -3.89 4.19
CA ARG D 72 -29.10 -5.19 4.71
C ARG D 72 -28.36 -5.00 6.03
N ILE D 73 -28.50 -6.00 6.91
CA ILE D 73 -27.71 -6.01 8.13
C ILE D 73 -26.29 -6.51 7.86
N ASP D 74 -26.18 -7.53 7.01
CA ASP D 74 -24.90 -8.17 6.71
C ASP D 74 -24.16 -7.33 5.69
N GLU D 75 -23.05 -6.72 6.12
CA GLU D 75 -22.29 -5.84 5.22
C GLU D 75 -21.63 -6.61 4.09
N ARG D 76 -21.21 -7.86 4.34
CA ARG D 76 -20.58 -8.65 3.27
C ARG D 76 -21.60 -8.99 2.18
N THR D 77 -22.77 -9.47 2.58
CA THR D 77 -23.80 -9.79 1.59
C THR D 77 -24.32 -8.52 0.92
N ALA D 78 -24.22 -7.38 1.60
CA ALA D 78 -24.66 -6.11 1.01
C ALA D 78 -23.79 -5.75 -0.19
N GLY D 79 -22.48 -5.93 -0.06
CA GLY D 79 -21.60 -5.68 -1.18
C GLY D 79 -21.90 -6.59 -2.37
N TYR D 80 -22.17 -7.86 -2.11
CA TYR D 80 -22.48 -8.77 -3.20
C TYR D 80 -23.88 -8.52 -3.76
N LEU D 81 -24.82 -8.05 -2.92
CA LEU D 81 -26.08 -7.56 -3.45
C LEU D 81 -25.85 -6.44 -4.45
N ALA D 82 -24.94 -5.51 -4.13
CA ALA D 82 -24.67 -4.40 -5.03
C ALA D 82 -24.06 -4.87 -6.34
N ILE D 83 -23.23 -5.92 -6.30
CA ILE D 83 -22.68 -6.47 -7.53
C ILE D 83 -23.79 -7.05 -8.40
N GLY D 84 -24.72 -7.77 -7.80
CA GLY D 84 -25.85 -8.28 -8.55
C GLY D 84 -26.66 -7.17 -9.19
N LEU D 85 -26.96 -6.11 -8.42
CA LEU D 85 -27.69 -4.98 -8.95
C LEU D 85 -26.95 -4.33 -10.12
N ALA D 86 -25.62 -4.44 -10.16
CA ALA D 86 -24.86 -3.81 -11.22
C ALA D 86 -24.78 -4.69 -12.47
N ILE D 87 -24.50 -5.98 -12.31
CA ILE D 87 -24.38 -6.87 -13.46
C ILE D 87 -25.71 -7.27 -14.05
N GLY D 88 -26.82 -7.08 -13.33
CA GLY D 88 -28.11 -7.50 -13.84
C GLY D 88 -28.54 -6.75 -15.08
N ALA D 89 -28.33 -5.42 -15.08
CA ALA D 89 -28.68 -4.60 -16.22
C ALA D 89 -27.54 -3.71 -16.71
N GLY D 90 -26.36 -3.82 -16.13
CA GLY D 90 -25.21 -3.03 -16.58
C GLY D 90 -25.13 -1.64 -16.01
N ALA D 91 -25.78 -1.36 -14.86
CA ALA D 91 -25.78 0.00 -14.36
C ALA D 91 -24.83 0.17 -13.18
N PRO D 92 -24.28 1.37 -13.02
CA PRO D 92 -23.49 1.65 -11.81
C PRO D 92 -24.37 1.64 -10.56
N VAL D 93 -23.81 1.10 -9.48
CA VAL D 93 -24.52 0.96 -8.21
C VAL D 93 -23.67 1.56 -7.11
N CYS D 94 -24.32 2.19 -6.14
CA CYS D 94 -23.64 2.77 -4.98
C CYS D 94 -23.91 1.92 -3.74
N VAL D 95 -22.88 1.75 -2.91
CA VAL D 95 -23.01 1.13 -1.61
C VAL D 95 -22.37 2.06 -0.58
N ALA D 96 -23.13 2.41 0.45
CA ALA D 96 -22.73 3.45 1.40
C ALA D 96 -22.16 2.80 2.66
N MET D 97 -20.90 3.09 2.96
CA MET D 97 -20.29 2.63 4.20
C MET D 97 -20.78 3.46 5.37
N THR D 98 -21.03 2.80 6.51
CA THR D 98 -21.56 3.49 7.68
C THR D 98 -20.94 3.06 9.00
N SER D 99 -19.95 2.17 9.02
CA SER D 99 -19.55 1.55 10.28
C SER D 99 -18.04 1.30 10.30
N GLY D 100 -17.58 0.83 11.46
CA GLY D 100 -16.20 0.45 11.69
C GLY D 100 -15.82 -0.94 11.22
N THR D 101 -16.74 -1.66 10.58
CA THR D 101 -16.44 -2.93 9.96
C THR D 101 -16.74 -2.94 8.46
N ALA D 102 -17.21 -1.82 7.91
CA ALA D 102 -17.70 -1.80 6.53
C ALA D 102 -16.59 -2.13 5.54
N VAL D 103 -15.43 -1.47 5.69
CA VAL D 103 -14.31 -1.69 4.77
C VAL D 103 -13.95 -3.18 4.72
N ALA D 104 -13.75 -3.79 5.88
CA ALA D 104 -13.35 -5.18 5.93
C ALA D 104 -14.42 -6.09 5.31
N ASN D 105 -15.69 -5.81 5.58
CA ASN D 105 -16.77 -6.66 5.09
C ASN D 105 -17.04 -6.45 3.61
N LEU D 106 -16.76 -5.27 3.07
CA LEU D 106 -16.96 -5.01 1.64
C LEU D 106 -15.79 -5.48 0.79
N GLY D 107 -14.67 -5.82 1.41
CA GLY D 107 -13.47 -6.26 0.72
C GLY D 107 -13.70 -7.30 -0.37
N PRO D 108 -14.32 -8.43 -0.02
CA PRO D 108 -14.57 -9.46 -1.05
C PRO D 108 -15.35 -8.93 -2.24
N ALA D 109 -16.38 -8.12 -2.01
CA ALA D 109 -17.17 -7.59 -3.12
C ALA D 109 -16.34 -6.62 -3.96
N VAL D 110 -15.49 -5.82 -3.31
CA VAL D 110 -14.67 -4.86 -4.05
C VAL D 110 -13.66 -5.58 -4.92
N VAL D 111 -13.07 -6.67 -4.40
CA VAL D 111 -12.10 -7.43 -5.18
C VAL D 111 -12.76 -8.07 -6.40
N GLU D 112 -13.99 -8.60 -6.22
CA GLU D 112 -14.71 -9.15 -7.35
C GLU D 112 -15.08 -8.07 -8.36
N ALA D 113 -15.51 -6.91 -7.87
CA ALA D 113 -15.85 -5.81 -8.77
C ALA D 113 -14.64 -5.38 -9.58
N ASN D 114 -13.47 -5.38 -8.95
CA ASN D 114 -12.24 -5.03 -9.67
C ASN D 114 -11.94 -6.05 -10.76
N TYR D 115 -11.94 -7.34 -10.40
CA TYR D 115 -11.48 -8.35 -11.35
C TYR D 115 -12.54 -8.69 -12.40
N ALA D 116 -13.82 -8.53 -12.06
CA ALA D 116 -14.90 -8.72 -13.03
C ALA D 116 -15.30 -7.42 -13.73
N ARG D 117 -14.69 -6.29 -13.37
CA ARG D 117 -14.95 -4.99 -13.98
C ARG D 117 -16.42 -4.58 -13.82
N VAL D 118 -16.82 -4.46 -12.56
CA VAL D 118 -18.20 -4.16 -12.18
C VAL D 118 -18.25 -2.74 -11.66
N PRO D 119 -19.14 -1.88 -12.16
CA PRO D 119 -19.16 -0.48 -11.73
C PRO D 119 -19.79 -0.27 -10.36
N LEU D 120 -18.97 -0.34 -9.32
CA LEU D 120 -19.42 -0.27 -7.93
C LEU D 120 -18.85 0.99 -7.29
N ILE D 121 -19.73 1.91 -6.89
CA ILE D 121 -19.32 3.16 -6.25
C ILE D 121 -19.45 2.99 -4.74
N VAL D 122 -18.33 3.11 -4.03
CA VAL D 122 -18.29 2.94 -2.58
C VAL D 122 -18.30 4.34 -1.96
N LEU D 123 -19.38 4.68 -1.27
CA LEU D 123 -19.55 6.00 -0.68
C LEU D 123 -19.10 5.99 0.77
N SER D 124 -18.26 6.96 1.13
CA SER D 124 -17.83 7.14 2.51
C SER D 124 -17.97 8.60 2.91
N ALA D 125 -17.82 8.86 4.21
CA ALA D 125 -17.90 10.21 4.77
C ALA D 125 -16.87 10.31 5.90
N ASN D 126 -15.68 10.81 5.57
CA ASN D 126 -14.69 11.14 6.58
C ASN D 126 -15.12 12.41 7.28
N ARG D 127 -14.61 12.59 8.49
CA ARG D 127 -14.89 13.74 9.34
CA ARG D 127 -14.90 13.77 9.31
C ARG D 127 -13.63 14.54 9.62
N PRO D 128 -13.34 15.59 8.86
CA PRO D 128 -12.03 16.28 8.98
C PRO D 128 -11.89 17.12 10.24
N TYR D 129 -12.95 17.32 11.01
CA TYR D 129 -12.82 18.02 12.27
C TYR D 129 -12.47 17.10 13.43
N GLU D 130 -12.31 15.81 13.17
CA GLU D 130 -11.96 14.83 14.17
C GLU D 130 -10.55 14.30 13.93
N LEU D 131 -9.99 13.66 14.96
CA LEU D 131 -8.64 13.13 14.86
C LEU D 131 -8.64 11.79 14.13
N LEU D 132 -7.50 11.50 13.51
CA LEU D 132 -7.26 10.22 12.85
C LEU D 132 -5.94 9.66 13.34
N GLY D 133 -5.83 8.33 13.35
CA GLY D 133 -4.58 7.66 13.61
C GLY D 133 -4.18 7.55 15.07
N THR D 134 -4.98 8.06 16.00
CA THR D 134 -4.70 7.84 17.42
C THR D 134 -5.42 6.61 17.96
N GLY D 135 -6.07 5.85 17.08
CA GLY D 135 -6.73 4.59 17.40
C GLY D 135 -8.14 4.56 16.84
N ALA D 136 -9.00 3.80 17.50
CA ALA D 136 -10.42 4.15 17.67
C ALA D 136 -11.26 4.77 16.55
N ASN D 137 -11.38 4.18 15.36
CA ASN D 137 -12.12 4.83 14.29
C ASN D 137 -13.40 4.05 13.93
N GLN D 138 -14.49 4.79 13.81
CA GLN D 138 -15.84 4.24 13.80
C GLN D 138 -16.56 4.36 12.46
N THR D 139 -15.93 4.95 11.45
CA THR D 139 -16.60 4.99 10.16
C THR D 139 -15.76 4.54 8.97
N MET D 140 -14.43 4.51 9.07
CA MET D 140 -13.64 3.77 8.09
C MET D 140 -12.36 3.30 8.76
N GLU D 141 -12.28 2.00 8.99
CA GLU D 141 -11.11 1.33 9.59
C GLU D 141 -10.36 0.69 8.43
N GLN D 142 -9.30 1.34 7.96
CA GLN D 142 -8.75 1.01 6.65
C GLN D 142 -7.97 -0.30 6.67
N LEU D 143 -8.00 -0.96 5.50
CA LEU D 143 -7.16 -2.10 5.18
C LEU D 143 -6.25 -1.71 4.01
N GLY D 144 -5.52 -2.65 3.42
CA GLY D 144 -4.63 -2.29 2.33
C GLY D 144 -5.18 -2.42 0.92
N TYR D 145 -6.44 -2.87 0.76
CA TYR D 145 -6.90 -3.26 -0.56
C TYR D 145 -7.44 -2.12 -1.40
N PHE D 146 -7.77 -0.97 -0.80
CA PHE D 146 -8.34 0.12 -1.58
C PHE D 146 -7.35 0.63 -2.62
N GLY D 147 -6.07 0.72 -2.24
CA GLY D 147 -5.07 1.19 -3.19
C GLY D 147 -4.93 0.30 -4.41
N THR D 148 -5.08 -1.01 -4.21
CA THR D 148 -4.86 -1.95 -5.30
C THR D 148 -6.09 -2.21 -6.17
N GLN D 149 -7.30 -1.98 -5.65
CA GLN D 149 -8.51 -2.50 -6.30
C GLN D 149 -9.32 -1.45 -7.05
N VAL D 150 -9.29 -0.18 -6.66
CA VAL D 150 -10.26 0.78 -7.18
C VAL D 150 -9.70 1.51 -8.38
N ARG D 151 -10.61 1.91 -9.28
CA ARG D 151 -10.23 2.70 -10.45
C ARG D 151 -9.88 4.13 -10.07
N ALA D 152 -10.50 4.66 -9.03
CA ALA D 152 -10.22 6.01 -8.58
C ALA D 152 -10.64 6.16 -7.13
N SER D 153 -10.07 7.16 -6.47
N SER D 153 -10.08 7.17 -6.47
CA SER D 153 -10.47 7.56 -5.12
CA SER D 153 -10.46 7.56 -5.12
C SER D 153 -10.63 9.08 -5.13
C SER D 153 -10.63 9.08 -5.12
N ILE D 154 -11.88 9.53 -5.02
CA ILE D 154 -12.22 10.94 -5.10
C ILE D 154 -12.81 11.39 -3.77
N SER D 155 -12.42 12.58 -3.33
CA SER D 155 -12.99 13.21 -2.15
C SER D 155 -13.51 14.58 -2.53
N LEU D 156 -14.81 14.77 -2.41
CA LEU D 156 -15.36 16.12 -2.44
C LEU D 156 -14.75 16.94 -1.31
N GLY D 157 -14.66 18.24 -1.53
CA GLY D 157 -14.34 19.12 -0.45
C GLY D 157 -15.44 19.16 0.59
N LEU D 158 -15.09 19.62 1.78
CA LEU D 158 -16.12 19.99 2.75
C LEU D 158 -17.00 21.07 2.14
N ALA D 159 -18.30 20.96 2.39
CA ALA D 159 -19.22 21.98 1.91
C ALA D 159 -19.00 23.28 2.67
N GLU D 160 -18.80 24.35 1.93
CA GLU D 160 -18.41 25.65 2.48
C GLU D 160 -19.56 26.64 2.31
N ASP D 161 -19.85 27.39 3.38
CA ASP D 161 -21.00 28.30 3.40
C ASP D 161 -20.60 29.58 2.68
N ALA D 162 -20.84 29.61 1.37
CA ALA D 162 -20.50 30.75 0.53
C ALA D 162 -21.54 30.89 -0.57
N PRO D 163 -22.71 31.45 -0.24
CA PRO D 163 -23.80 31.52 -1.23
C PRO D 163 -23.49 32.31 -2.48
N GLU D 164 -22.51 33.23 -2.43
CA GLU D 164 -22.10 33.93 -3.64
C GLU D 164 -21.31 33.03 -4.58
N ARG D 165 -20.85 31.88 -4.10
CA ARG D 165 -20.15 30.89 -4.92
C ARG D 165 -21.03 29.68 -5.19
N THR D 166 -22.35 29.82 -5.06
CA THR D 166 -23.25 28.67 -5.16
C THR D 166 -23.13 27.98 -6.51
N SER D 167 -23.21 28.75 -7.60
CA SER D 167 -23.14 28.16 -8.93
C SER D 167 -21.79 27.52 -9.19
N ALA D 168 -20.71 28.10 -8.64
CA ALA D 168 -19.38 27.51 -8.81
C ALA D 168 -19.26 26.19 -8.04
N LEU D 169 -19.79 26.14 -6.82
CA LEU D 169 -19.77 24.90 -6.05
C LEU D 169 -20.57 23.81 -6.74
N ASN D 170 -21.76 24.18 -7.24
CA ASN D 170 -22.60 23.22 -7.97
C ASN D 170 -21.83 22.60 -9.13
N ALA D 171 -21.10 23.42 -9.88
CA ALA D 171 -20.31 22.91 -10.99
C ALA D 171 -19.20 21.99 -10.51
N THR D 172 -18.50 22.38 -9.45
CA THR D 172 -17.41 21.55 -8.92
C THR D 172 -17.93 20.21 -8.44
N TRP D 173 -19.07 20.21 -7.75
CA TRP D 173 -19.62 18.96 -7.21
C TRP D 173 -20.12 18.05 -8.32
N ARG D 174 -20.84 18.60 -9.30
CA ARG D 174 -21.34 17.78 -10.39
C ARG D 174 -20.20 17.31 -11.30
N SER D 175 -19.17 18.13 -11.48
CA SER D 175 -18.01 17.70 -12.25
C SER D 175 -17.33 16.51 -11.59
N ALA D 176 -17.12 16.57 -10.28
CA ALA D 176 -16.45 15.48 -9.58
C ALA D 176 -17.28 14.21 -9.57
N THR D 177 -18.60 14.35 -9.38
CA THR D 177 -19.47 13.17 -9.40
C THR D 177 -19.43 12.48 -10.76
N CYS D 178 -19.33 13.27 -11.84
CA CYS D 178 -19.22 12.67 -13.16
C CYS D 178 -17.89 11.94 -13.33
N ARG D 179 -16.82 12.47 -12.72
CA ARG D 179 -15.54 11.77 -12.72
C ARG D 179 -15.69 10.41 -12.06
N VAL D 180 -16.35 10.36 -10.91
CA VAL D 180 -16.56 9.11 -10.20
C VAL D 180 -17.30 8.12 -11.08
N LEU D 181 -18.39 8.58 -11.72
CA LEU D 181 -19.20 7.70 -12.55
C LEU D 181 -18.42 7.20 -13.76
N ALA D 182 -17.70 8.11 -14.42
CA ALA D 182 -16.93 7.73 -15.60
C ALA D 182 -15.86 6.69 -15.25
N ALA D 183 -15.20 6.86 -14.10
CA ALA D 183 -14.21 5.89 -13.68
C ALA D 183 -14.84 4.54 -13.35
N ALA D 184 -16.03 4.55 -12.76
CA ALA D 184 -16.69 3.31 -12.37
C ALA D 184 -17.20 2.56 -13.59
N THR D 185 -17.83 3.26 -14.53
CA THR D 185 -18.39 2.62 -15.72
C THR D 185 -17.37 2.42 -16.83
N GLY D 186 -16.17 3.00 -16.70
CA GLY D 186 -15.19 2.92 -17.77
C GLY D 186 -15.55 3.74 -18.99
N ALA D 187 -16.20 4.88 -18.80
CA ALA D 187 -16.78 5.63 -19.91
C ALA D 187 -15.71 6.07 -20.91
N ARG D 188 -14.53 6.44 -20.42
CA ARG D 188 -13.41 6.78 -21.30
C ARG D 188 -12.29 5.76 -21.29
N THR D 189 -12.26 4.84 -20.32
CA THR D 189 -11.18 3.88 -20.19
C THR D 189 -11.53 2.49 -20.71
N ALA D 190 -12.82 2.20 -20.92
CA ALA D 190 -13.28 0.85 -21.23
C ALA D 190 -12.76 -0.14 -20.19
N ASN D 191 -12.69 0.33 -18.93
CA ASN D 191 -12.14 -0.45 -17.82
C ASN D 191 -12.99 -0.18 -16.58
N ALA D 192 -14.24 -0.67 -16.62
CA ALA D 192 -15.15 -0.49 -15.50
C ALA D 192 -14.59 -1.14 -14.24
N GLY D 193 -15.01 -0.63 -13.09
CA GLY D 193 -14.55 -1.15 -11.83
C GLY D 193 -15.04 -0.35 -10.64
N PRO D 194 -14.58 -0.72 -9.45
CA PRO D 194 -15.01 -0.02 -8.24
C PRO D 194 -14.29 1.30 -8.04
N VAL D 195 -15.01 2.24 -7.42
CA VAL D 195 -14.51 3.58 -7.16
C VAL D 195 -14.85 3.95 -5.72
N HIS D 196 -13.91 4.62 -5.04
CA HIS D 196 -14.12 5.13 -3.71
C HIS D 196 -14.45 6.62 -3.80
N PHE D 197 -15.63 7.00 -3.29
CA PHE D 197 -16.15 8.36 -3.38
C PHE D 197 -16.44 8.84 -1.97
N ASP D 198 -15.63 9.78 -1.48
CA ASP D 198 -15.78 10.30 -0.12
C ASP D 198 -16.46 11.66 -0.15
N ILE D 199 -17.55 11.79 0.59
CA ILE D 199 -18.21 13.08 0.80
C ILE D 199 -18.06 13.44 2.27
N PRO D 200 -17.04 14.22 2.64
CA PRO D 200 -16.81 14.51 4.06
C PRO D 200 -17.90 15.38 4.64
N LEU D 201 -18.13 15.20 5.94
CA LEU D 201 -19.18 15.93 6.63
C LEU D 201 -18.64 16.55 7.88
N ARG D 202 -19.50 17.33 8.51
CA ARG D 202 -19.15 18.01 9.75
C ARG D 202 -20.40 18.10 10.63
N GLU D 203 -20.41 17.30 11.69
CA GLU D 203 -21.53 17.13 12.63
C GLU D 203 -22.78 17.98 12.40
N VAL D 215 -34.27 24.09 -2.24
CA VAL D 215 -33.82 24.80 -3.44
C VAL D 215 -32.47 24.21 -3.87
N THR D 216 -32.54 23.12 -4.62
CA THR D 216 -31.34 22.40 -5.05
C THR D 216 -30.81 23.00 -6.35
N PRO D 217 -29.56 23.44 -6.40
CA PRO D 217 -29.02 24.02 -7.62
C PRO D 217 -29.18 23.08 -8.80
N PRO D 218 -29.54 23.61 -9.97
CA PRO D 218 -29.91 22.73 -11.09
C PRO D 218 -28.72 22.11 -11.79
N GLY D 219 -28.95 20.93 -12.33
CA GLY D 219 -28.01 20.30 -13.24
C GLY D 219 -28.21 20.81 -14.65
N ARG D 220 -27.74 20.03 -15.61
CA ARG D 220 -27.91 20.39 -17.01
C ARG D 220 -29.40 20.33 -17.39
N PRO D 221 -29.80 21.07 -18.42
CA PRO D 221 -31.17 20.94 -18.91
C PRO D 221 -31.42 19.55 -19.49
N ALA D 222 -32.69 19.14 -19.44
CA ALA D 222 -33.15 17.88 -20.03
C ALA D 222 -32.52 16.66 -19.37
N GLY D 223 -32.23 16.74 -18.07
CA GLY D 223 -31.72 15.59 -17.33
C GLY D 223 -30.37 15.08 -17.78
N LYS D 224 -29.60 15.90 -18.49
CA LYS D 224 -28.29 15.46 -18.98
C LYS D 224 -27.26 15.48 -17.86
N PRO D 225 -26.24 14.63 -17.96
CA PRO D 225 -25.15 14.69 -16.97
C PRO D 225 -24.33 15.96 -17.13
N TRP D 226 -23.73 16.40 -16.03
CA TRP D 226 -22.99 17.66 -16.04
C TRP D 226 -21.86 17.63 -17.06
N THR D 227 -21.03 16.59 -17.00
CA THR D 227 -19.99 16.37 -18.01
C THR D 227 -20.39 15.14 -18.81
N TYR D 228 -20.68 15.35 -20.08
CA TYR D 228 -21.14 14.27 -20.97
C TYR D 228 -19.93 13.57 -21.58
N THR D 229 -19.97 12.24 -21.58
CA THR D 229 -18.89 11.45 -22.18
C THR D 229 -19.45 10.63 -23.33
N PRO D 230 -19.27 11.07 -24.58
CA PRO D 230 -19.78 10.32 -25.72
C PRO D 230 -19.09 8.98 -25.86
N PRO D 231 -19.67 8.05 -26.63
CA PRO D 231 -19.07 6.71 -26.74
C PRO D 231 -17.64 6.77 -27.25
N VAL D 232 -16.81 5.89 -26.69
CA VAL D 232 -15.40 5.77 -27.04
C VAL D 232 -15.18 4.42 -27.72
N THR D 233 -14.15 4.35 -28.55
CA THR D 233 -13.69 3.09 -29.11
C THR D 233 -12.19 2.98 -28.92
N PHE D 234 -11.75 1.82 -28.43
CA PHE D 234 -10.34 1.44 -28.41
C PHE D 234 -10.13 0.41 -29.50
N ASP D 235 -9.36 0.76 -30.54
CA ASP D 235 -9.20 -0.10 -31.70
C ASP D 235 -7.76 -0.62 -31.78
N GLN D 236 -7.63 -1.94 -31.80
CA GLN D 236 -6.33 -2.60 -31.93
C GLN D 236 -6.50 -3.79 -32.86
N PRO D 237 -6.35 -3.59 -34.17
CA PRO D 237 -6.58 -4.70 -35.11
C PRO D 237 -5.36 -5.59 -35.25
N LEU D 238 -5.62 -6.90 -35.33
CA LEU D 238 -4.59 -7.91 -35.53
C LEU D 238 -4.89 -8.67 -36.82
N ASP D 239 -3.88 -8.81 -37.68
CA ASP D 239 -4.00 -9.64 -38.87
C ASP D 239 -3.99 -11.11 -38.48
N ILE D 240 -5.02 -11.84 -38.89
CA ILE D 240 -5.14 -13.27 -38.60
C ILE D 240 -5.51 -14.00 -39.88
N ASP D 241 -4.84 -15.14 -40.12
CA ASP D 241 -5.10 -15.98 -41.27
C ASP D 241 -6.02 -17.11 -40.83
N LEU D 242 -7.30 -17.04 -41.21
CA LEU D 242 -8.26 -18.06 -40.80
C LEU D 242 -8.08 -19.37 -41.55
N SER D 243 -7.29 -19.40 -42.63
CA SER D 243 -7.03 -20.66 -43.32
C SER D 243 -6.23 -21.61 -42.44
N VAL D 244 -5.33 -21.08 -41.61
CA VAL D 244 -4.71 -21.88 -40.57
C VAL D 244 -5.81 -22.45 -39.67
N ASP D 245 -5.64 -23.71 -39.27
CA ASP D 245 -6.65 -24.37 -38.45
C ASP D 245 -6.80 -23.66 -37.12
N THR D 246 -7.92 -22.96 -36.94
CA THR D 246 -8.14 -22.04 -35.83
C THR D 246 -9.30 -22.50 -34.97
N VAL D 247 -9.11 -22.44 -33.65
CA VAL D 247 -10.19 -22.58 -32.69
C VAL D 247 -10.32 -21.27 -31.94
N VAL D 248 -11.56 -20.88 -31.65
CA VAL D 248 -11.85 -19.71 -30.83
C VAL D 248 -12.21 -20.18 -29.44
N ILE D 249 -11.59 -19.57 -28.43
CA ILE D 249 -11.92 -19.81 -27.03
C ILE D 249 -12.33 -18.46 -26.45
N SER D 250 -13.53 -18.39 -25.88
CA SER D 250 -14.09 -17.15 -25.36
C SER D 250 -14.42 -17.31 -23.89
N GLY D 251 -13.90 -16.41 -23.06
CA GLY D 251 -14.15 -16.45 -21.64
C GLY D 251 -14.90 -15.24 -21.14
N HIS D 252 -14.71 -14.93 -19.86
CA HIS D 252 -15.43 -13.83 -19.23
C HIS D 252 -15.05 -12.50 -19.87
N GLY D 253 -16.06 -11.72 -20.23
CA GLY D 253 -15.85 -10.41 -20.81
C GLY D 253 -15.54 -10.40 -22.30
N ALA D 254 -15.80 -11.49 -23.00
CA ALA D 254 -15.49 -11.57 -24.42
C ALA D 254 -16.40 -10.65 -25.21
N GLY D 255 -15.84 -10.06 -26.27
CA GLY D 255 -16.62 -9.27 -27.19
C GLY D 255 -17.30 -10.13 -28.24
N VAL D 256 -18.13 -9.48 -29.05
CA VAL D 256 -18.81 -10.13 -30.15
C VAL D 256 -18.07 -9.79 -31.44
N HIS D 257 -17.63 -10.82 -32.16
CA HIS D 257 -16.83 -10.64 -33.38
C HIS D 257 -17.53 -11.34 -34.54
N PRO D 258 -18.31 -10.60 -35.35
CA PRO D 258 -18.99 -11.24 -36.48
C PRO D 258 -18.06 -11.98 -37.43
N ASN D 259 -16.89 -11.41 -37.75
CA ASN D 259 -15.98 -12.06 -38.68
C ASN D 259 -15.35 -13.34 -38.12
N LEU D 260 -15.76 -13.77 -36.92
CA LEU D 260 -15.30 -15.02 -36.33
C LEU D 260 -16.44 -16.01 -36.10
N ALA D 261 -17.65 -15.69 -36.55
CA ALA D 261 -18.82 -16.51 -36.20
C ALA D 261 -18.71 -17.93 -36.71
N ALA D 262 -18.04 -18.14 -37.85
CA ALA D 262 -17.98 -19.45 -38.46
C ALA D 262 -17.03 -20.40 -37.74
N LEU D 263 -16.04 -19.88 -37.02
CA LEU D 263 -14.99 -20.72 -36.46
C LEU D 263 -15.50 -21.60 -35.33
N PRO D 264 -14.91 -22.78 -35.15
CA PRO D 264 -15.26 -23.62 -33.99
C PRO D 264 -14.92 -22.90 -32.71
N THR D 265 -15.87 -22.87 -31.77
CA THR D 265 -15.78 -21.97 -30.63
C THR D 265 -16.13 -22.72 -29.35
N VAL D 266 -15.20 -22.73 -28.40
CA VAL D 266 -15.45 -23.19 -27.04
C VAL D 266 -15.76 -21.95 -26.21
N ALA D 267 -17.04 -21.70 -25.94
CA ALA D 267 -17.47 -20.48 -25.27
C ALA D 267 -17.87 -20.80 -23.84
N GLU D 268 -17.27 -20.08 -22.89
CA GLU D 268 -17.68 -20.19 -21.50
C GLU D 268 -19.12 -19.70 -21.35
N PRO D 269 -19.82 -20.15 -20.31
CA PRO D 269 -21.25 -19.78 -20.17
C PRO D 269 -21.49 -18.27 -20.12
N THR D 270 -20.61 -17.49 -19.50
CA THR D 270 -20.79 -16.05 -19.47
C THR D 270 -20.30 -15.37 -20.74
N ALA D 271 -19.71 -16.10 -21.67
CA ALA D 271 -19.27 -15.49 -22.90
C ALA D 271 -20.45 -15.35 -23.87
N PRO D 272 -20.59 -14.19 -24.52
CA PRO D 272 -21.57 -14.07 -25.60
C PRO D 272 -21.09 -14.78 -26.84
N ARG D 273 -22.03 -15.40 -27.55
CA ARG D 273 -21.72 -16.15 -28.75
C ARG D 273 -21.74 -15.21 -29.95
N SER D 274 -20.62 -15.13 -30.68
CA SER D 274 -20.61 -14.43 -31.95
C SER D 274 -21.25 -15.23 -33.07
N GLY D 275 -21.43 -16.53 -32.90
CA GLY D 275 -21.85 -17.36 -34.01
C GLY D 275 -22.50 -18.68 -33.71
N ASP D 276 -22.27 -19.63 -34.60
CA ASP D 276 -23.15 -20.76 -34.82
C ASP D 276 -22.45 -22.12 -34.77
N ASN D 277 -21.13 -22.14 -34.64
CA ASN D 277 -20.33 -23.36 -34.73
C ASN D 277 -19.76 -23.70 -33.36
N PRO D 278 -20.55 -24.27 -32.46
CA PRO D 278 -20.02 -24.57 -31.12
C PRO D 278 -19.06 -25.75 -31.17
N LEU D 279 -18.08 -25.70 -30.27
CA LEU D 279 -17.16 -26.81 -30.07
C LEU D 279 -17.15 -27.14 -28.58
N HIS D 280 -17.49 -28.38 -28.26
CA HIS D 280 -17.60 -28.78 -26.86
C HIS D 280 -16.23 -28.78 -26.20
N PRO D 281 -16.16 -28.40 -24.91
CA PRO D 281 -14.84 -28.38 -24.23
C PRO D 281 -14.13 -29.72 -24.25
N LEU D 282 -14.86 -30.82 -24.10
CA LEU D 282 -14.23 -32.14 -24.06
C LEU D 282 -13.67 -32.57 -25.41
N ALA D 283 -14.09 -31.92 -26.50
CA ALA D 283 -13.55 -32.26 -27.81
C ALA D 283 -12.15 -31.72 -27.99
N LEU D 284 -11.78 -30.66 -27.27
CA LEU D 284 -10.48 -30.01 -27.44
C LEU D 284 -9.29 -30.95 -27.36
N PRO D 285 -9.17 -31.86 -26.38
CA PRO D 285 -8.00 -32.77 -26.37
C PRO D 285 -7.94 -33.69 -27.56
N LEU D 286 -9.06 -33.92 -28.23
CA LEU D 286 -9.14 -34.79 -29.40
C LEU D 286 -8.76 -34.07 -30.69
N LEU D 287 -8.55 -32.76 -30.63
CA LEU D 287 -8.18 -31.94 -31.76
C LEU D 287 -6.77 -31.38 -31.59
N ARG D 288 -6.23 -30.88 -32.72
CA ARG D 288 -4.91 -30.25 -32.85
C ARG D 288 -5.06 -28.91 -33.56
N PRO D 289 -5.60 -27.89 -32.87
CA PRO D 289 -5.62 -26.57 -33.48
C PRO D 289 -4.20 -26.12 -33.75
N GLN D 290 -4.01 -25.42 -34.86
CA GLN D 290 -2.69 -24.89 -35.18
C GLN D 290 -2.57 -23.43 -34.76
N GLN D 291 -3.67 -22.78 -34.39
CA GLN D 291 -3.62 -21.48 -33.76
C GLN D 291 -4.93 -21.24 -33.02
N VAL D 292 -4.88 -20.31 -32.07
CA VAL D 292 -6.00 -20.05 -31.16
C VAL D 292 -6.30 -18.57 -31.12
N ILE D 293 -7.59 -18.24 -31.12
CA ILE D 293 -8.08 -16.88 -30.89
C ILE D 293 -8.80 -16.89 -29.56
N MET D 294 -8.28 -16.13 -28.60
CA MET D 294 -8.82 -16.08 -27.25
C MET D 294 -9.58 -14.77 -27.04
N LEU D 295 -10.83 -14.88 -26.65
CA LEU D 295 -11.71 -13.73 -26.44
C LEU D 295 -11.98 -13.57 -24.95
N GLY D 296 -11.73 -12.37 -24.43
CA GLY D 296 -11.94 -12.17 -23.01
C GLY D 296 -10.97 -12.99 -22.17
N ARG D 297 -11.46 -13.43 -21.02
CA ARG D 297 -10.61 -14.07 -20.01
C ARG D 297 -11.08 -15.50 -19.73
N PRO D 298 -10.38 -16.52 -20.22
CA PRO D 298 -10.77 -17.91 -19.93
C PRO D 298 -10.32 -18.32 -18.54
N THR D 299 -11.22 -18.97 -17.80
CA THR D 299 -10.91 -19.50 -16.48
C THR D 299 -11.18 -20.98 -16.32
N LEU D 300 -11.98 -21.58 -17.20
CA LEU D 300 -12.41 -22.96 -17.04
C LEU D 300 -11.64 -23.89 -17.96
N HIS D 301 -11.57 -25.16 -17.55
CA HIS D 301 -11.15 -26.30 -18.36
C HIS D 301 -9.63 -26.42 -18.49
N ARG D 302 -9.08 -27.47 -17.89
CA ARG D 302 -7.66 -27.78 -18.07
C ARG D 302 -7.26 -27.98 -19.54
N PRO D 303 -8.05 -28.62 -20.40
CA PRO D 303 -7.65 -28.68 -21.82
C PRO D 303 -7.48 -27.30 -22.44
N VAL D 304 -8.33 -26.34 -22.05
CA VAL D 304 -8.17 -24.96 -22.51
C VAL D 304 -6.83 -24.40 -22.04
N SER D 305 -6.52 -24.57 -20.76
CA SER D 305 -5.26 -24.08 -20.22
C SER D 305 -4.08 -24.77 -20.88
N VAL D 306 -4.18 -26.08 -21.12
CA VAL D 306 -3.09 -26.82 -21.77
C VAL D 306 -2.86 -26.26 -23.17
N LEU D 307 -3.94 -26.02 -23.92
CA LEU D 307 -3.81 -25.54 -25.29
C LEU D 307 -3.25 -24.13 -25.35
N LEU D 308 -3.74 -23.25 -24.49
CA LEU D 308 -3.22 -21.87 -24.48
C LEU D 308 -1.74 -21.83 -24.15
N ALA D 309 -1.24 -22.81 -23.40
CA ALA D 309 0.15 -22.86 -23.01
C ALA D 309 1.06 -23.61 -23.98
N ASP D 310 0.50 -24.09 -25.10
CA ASP D 310 1.29 -24.86 -26.06
C ASP D 310 2.16 -23.93 -26.88
N ALA D 311 3.48 -24.07 -26.73
CA ALA D 311 4.42 -23.16 -27.37
C ALA D 311 4.39 -23.21 -28.89
N GLU D 312 3.96 -24.33 -29.48
CA GLU D 312 3.90 -24.44 -30.92
C GLU D 312 2.58 -23.96 -31.51
N VAL D 313 1.67 -23.44 -30.68
CA VAL D 313 0.36 -22.97 -31.10
C VAL D 313 0.32 -21.45 -30.91
N PRO D 314 0.34 -20.66 -31.98
CA PRO D 314 0.18 -19.21 -31.81
C PRO D 314 -1.18 -18.87 -31.22
N VAL D 315 -1.17 -17.94 -30.25
CA VAL D 315 -2.38 -17.53 -29.54
C VAL D 315 -2.56 -16.04 -29.74
N PHE D 316 -3.76 -15.64 -30.14
CA PHE D 316 -4.11 -14.23 -30.35
C PHE D 316 -5.21 -13.85 -29.37
N ALA D 317 -4.92 -12.88 -28.51
CA ALA D 317 -5.83 -12.44 -27.47
C ALA D 317 -6.59 -11.21 -27.94
N LEU D 318 -7.91 -11.32 -28.06
CA LEU D 318 -8.77 -10.20 -28.40
C LEU D 318 -9.64 -9.89 -27.19
N THR D 319 -9.36 -8.78 -26.52
CA THR D 319 -10.07 -8.40 -25.31
C THR D 319 -10.04 -6.89 -25.18
N THR D 320 -10.98 -6.35 -24.42
CA THR D 320 -11.08 -4.93 -24.17
C THR D 320 -10.45 -4.62 -22.83
N GLY D 321 -9.77 -3.47 -22.75
CA GLY D 321 -9.23 -3.02 -21.49
C GLY D 321 -7.72 -3.03 -21.41
N PRO D 322 -7.19 -2.62 -20.26
CA PRO D 322 -5.75 -2.33 -20.18
C PRO D 322 -4.86 -3.56 -20.24
N ARG D 323 -5.31 -4.69 -19.72
CA ARG D 323 -4.46 -5.86 -19.59
C ARG D 323 -4.98 -7.00 -20.46
N TRP D 324 -4.17 -8.03 -20.61
CA TRP D 324 -4.57 -9.22 -21.34
C TRP D 324 -4.25 -10.46 -20.52
N PRO D 325 -5.02 -11.53 -20.71
CA PRO D 325 -4.71 -12.78 -19.99
C PRO D 325 -3.65 -13.58 -20.73
N ASP D 326 -2.67 -14.08 -19.97
CA ASP D 326 -1.67 -15.02 -20.49
C ASP D 326 -0.89 -15.63 -19.35
N VAL D 327 -1.42 -16.72 -18.78
CA VAL D 327 -0.76 -17.38 -17.65
C VAL D 327 0.60 -17.93 -18.05
N SER D 328 0.67 -18.54 -19.24
CA SER D 328 1.91 -19.17 -19.67
C SER D 328 2.91 -18.18 -20.23
N GLY D 329 2.47 -16.97 -20.60
CA GLY D 329 3.35 -16.06 -21.32
C GLY D 329 3.55 -16.44 -22.78
N ASN D 330 2.68 -17.27 -23.33
CA ASN D 330 2.86 -17.87 -24.65
C ASN D 330 2.25 -17.05 -25.77
N SER D 331 1.34 -16.13 -25.46
CA SER D 331 0.55 -15.47 -26.50
C SER D 331 1.44 -14.69 -27.45
N GLN D 332 1.08 -14.73 -28.74
CA GLN D 332 1.85 -14.09 -29.80
C GLN D 332 1.48 -12.62 -29.98
N ALA D 333 0.23 -12.25 -29.76
CA ALA D 333 -0.22 -10.88 -29.98
C ALA D 333 -1.54 -10.66 -29.25
N THR D 334 -1.78 -9.40 -28.88
CA THR D 334 -3.03 -9.00 -28.24
C THR D 334 -3.61 -7.78 -28.94
N GLY D 335 -4.93 -7.69 -28.93
CA GLY D 335 -5.60 -6.56 -29.54
C GLY D 335 -7.07 -6.55 -29.16
N THR D 336 -7.87 -5.88 -29.99
CA THR D 336 -9.31 -5.80 -29.77
C THR D 336 -10.16 -6.46 -30.84
N ARG D 337 -9.66 -6.57 -32.07
CA ARG D 337 -10.43 -7.20 -33.14
C ARG D 337 -9.48 -7.81 -34.16
N ALA D 338 -10.04 -8.62 -35.04
CA ALA D 338 -9.29 -9.35 -36.05
C ALA D 338 -9.52 -8.77 -37.43
N VAL D 339 -8.43 -8.68 -38.21
CA VAL D 339 -8.49 -8.42 -39.65
C VAL D 339 -8.15 -9.74 -40.32
N THR D 340 -9.16 -10.44 -40.80
CA THR D 340 -9.02 -11.82 -41.25
C THR D 340 -8.74 -11.89 -42.74
N THR D 341 -7.87 -12.83 -43.12
CA THR D 341 -7.74 -13.28 -44.50
C THR D 341 -7.92 -14.79 -44.54
N GLY D 342 -8.33 -15.29 -45.70
CA GLY D 342 -8.55 -16.71 -45.86
C GLY D 342 -9.83 -17.18 -45.18
N ALA D 343 -9.97 -18.50 -45.11
CA ALA D 343 -11.13 -19.13 -44.51
C ALA D 343 -10.73 -20.52 -44.03
N PRO D 344 -11.38 -21.04 -42.99
CA PRO D 344 -10.95 -22.33 -42.44
C PRO D 344 -11.12 -23.47 -43.44
N ARG D 345 -10.16 -24.39 -43.43
CA ARG D 345 -10.15 -25.51 -44.35
C ARG D 345 -11.37 -26.39 -44.10
N PRO D 346 -12.09 -26.81 -45.14
CA PRO D 346 -13.26 -27.68 -44.92
C PRO D 346 -12.92 -28.96 -44.19
N ALA D 347 -11.71 -29.48 -44.34
CA ALA D 347 -11.30 -30.65 -43.56
C ALA D 347 -11.22 -30.32 -42.07
N TRP D 348 -10.71 -29.14 -41.75
CA TRP D 348 -10.63 -28.72 -40.35
C TRP D 348 -12.03 -28.55 -39.75
N LEU D 349 -12.91 -27.84 -40.46
CA LEU D 349 -14.27 -27.63 -39.97
C LEU D 349 -14.98 -28.96 -39.71
N ASP D 350 -14.83 -29.91 -40.62
CA ASP D 350 -15.55 -31.18 -40.48
C ASP D 350 -15.04 -31.99 -39.30
N ARG D 351 -13.71 -32.00 -39.08
CA ARG D 351 -13.16 -32.73 -37.95
C ARG D 351 -13.69 -32.17 -36.63
N CYS D 352 -13.71 -30.84 -36.50
CA CYS D 352 -14.21 -30.23 -35.27
C CYS D 352 -15.69 -30.53 -35.06
N ALA D 353 -16.50 -30.42 -36.11
CA ALA D 353 -17.91 -30.77 -36.01
C ALA D 353 -18.07 -32.23 -35.59
N ALA D 354 -17.23 -33.12 -36.14
CA ALA D 354 -17.33 -34.53 -35.80
C ALA D 354 -17.06 -34.78 -34.32
N MET D 355 -15.94 -34.27 -33.80
CA MET D 355 -15.61 -34.48 -32.40
C MET D 355 -16.50 -33.68 -31.46
N ASN D 356 -17.07 -32.56 -31.94
CA ASN D 356 -18.11 -31.89 -31.16
C ASN D 356 -19.30 -32.83 -30.91
N ARG D 357 -19.90 -33.35 -31.98
CA ARG D 357 -21.00 -34.29 -31.84
C ARG D 357 -20.62 -35.49 -30.96
N HIS D 358 -19.42 -36.02 -31.17
CA HIS D 358 -18.93 -37.15 -30.38
C HIS D 358 -18.86 -36.80 -28.89
N ALA D 359 -18.38 -35.59 -28.57
CA ALA D 359 -18.22 -35.20 -27.17
C ALA D 359 -19.57 -35.05 -26.49
N ILE D 360 -20.53 -34.37 -27.14
CA ILE D 360 -21.85 -34.19 -26.54
C ILE D 360 -22.51 -35.55 -26.30
N ALA D 361 -22.48 -36.42 -27.32
CA ALA D 361 -23.10 -37.73 -27.19
C ALA D 361 -22.54 -38.51 -26.02
N ALA D 362 -21.22 -38.44 -25.80
CA ALA D 362 -20.60 -39.15 -24.69
C ALA D 362 -21.10 -38.64 -23.35
N VAL D 363 -21.30 -37.33 -23.23
CA VAL D 363 -21.78 -36.77 -21.98
C VAL D 363 -23.19 -37.26 -21.68
N ARG D 364 -24.08 -37.24 -22.67
CA ARG D 364 -25.47 -37.58 -22.44
C ARG D 364 -25.66 -39.08 -22.22
N GLU D 365 -24.98 -39.90 -23.01
CA GLU D 365 -25.11 -41.35 -22.84
C GLU D 365 -24.62 -41.78 -21.47
N GLN D 366 -23.46 -41.28 -21.05
CA GLN D 366 -22.93 -41.63 -19.73
C GLN D 366 -23.79 -41.08 -18.61
N LEU D 367 -24.42 -39.92 -18.81
CA LEU D 367 -25.38 -39.43 -17.83
C LEU D 367 -26.62 -40.31 -17.77
N ALA D 368 -27.10 -40.76 -18.93
CA ALA D 368 -28.23 -41.68 -18.95
C ALA D 368 -27.87 -43.00 -18.30
N ALA D 369 -26.68 -43.53 -18.61
CA ALA D 369 -26.25 -44.78 -18.01
C ALA D 369 -26.03 -44.65 -16.52
N HIS D 370 -25.67 -43.46 -16.04
CA HIS D 370 -25.35 -43.29 -14.63
C HIS D 370 -26.63 -43.38 -13.80
N PRO D 371 -26.62 -44.16 -12.71
CA PRO D 371 -27.85 -44.42 -11.96
C PRO D 371 -28.13 -43.45 -10.83
N LEU D 372 -27.20 -42.55 -10.50
CA LEU D 372 -27.35 -41.66 -9.36
C LEU D 372 -27.31 -40.21 -9.83
N THR D 373 -28.22 -39.40 -9.28
CA THR D 373 -28.26 -37.99 -9.61
C THR D 373 -27.01 -37.29 -9.08
N THR D 374 -26.30 -36.61 -9.97
CA THR D 374 -25.15 -35.80 -9.62
C THR D 374 -25.39 -34.36 -10.02
N GLY D 375 -24.48 -33.48 -9.60
CA GLY D 375 -24.56 -32.09 -10.01
C GLY D 375 -24.59 -31.91 -11.51
N LEU D 376 -23.90 -32.79 -12.25
CA LEU D 376 -23.92 -32.72 -13.70
C LEU D 376 -25.33 -32.99 -14.24
N HIS D 377 -26.04 -33.94 -13.63
CA HIS D 377 -27.43 -34.17 -14.02
C HIS D 377 -28.29 -32.94 -13.78
N VAL D 378 -28.11 -32.29 -12.62
CA VAL D 378 -28.89 -31.11 -12.29
C VAL D 378 -28.58 -29.98 -13.28
N ALA D 379 -27.30 -29.81 -13.61
CA ALA D 379 -26.91 -28.78 -14.57
C ALA D 379 -27.62 -28.97 -15.90
N ALA D 380 -27.59 -30.21 -16.43
CA ALA D 380 -28.27 -30.48 -17.69
C ALA D 380 -29.76 -30.23 -17.59
N ALA D 381 -30.37 -30.59 -16.45
CA ALA D 381 -31.80 -30.38 -16.27
C ALA D 381 -32.16 -28.90 -16.31
N VAL D 382 -31.50 -28.09 -15.47
CA VAL D 382 -31.70 -26.65 -15.52
C VAL D 382 -31.44 -26.13 -16.93
N SER D 383 -30.40 -26.65 -17.58
CA SER D 383 -30.04 -26.21 -18.92
C SER D 383 -31.18 -26.44 -19.91
N HIS D 384 -31.80 -27.62 -19.85
CA HIS D 384 -32.89 -27.92 -20.78
C HIS D 384 -34.11 -27.06 -20.50
N ALA D 385 -34.28 -26.59 -19.26
CA ALA D 385 -35.48 -25.86 -18.87
C ALA D 385 -35.43 -24.37 -19.20
N LEU D 386 -34.28 -23.86 -19.64
CA LEU D 386 -34.14 -22.43 -19.92
C LEU D 386 -34.79 -22.06 -21.23
N ARG D 387 -35.21 -20.79 -21.34
CA ARG D 387 -35.80 -20.26 -22.55
C ARG D 387 -35.36 -18.82 -22.74
N PRO D 388 -35.34 -18.33 -23.99
CA PRO D 388 -34.87 -16.97 -24.26
C PRO D 388 -35.56 -15.93 -23.37
N GLY D 389 -34.80 -14.90 -23.00
CA GLY D 389 -35.26 -13.93 -22.04
C GLY D 389 -34.97 -14.29 -20.60
N ASP D 390 -34.59 -15.53 -20.32
CA ASP D 390 -34.17 -15.92 -18.98
C ASP D 390 -32.85 -15.26 -18.62
N GLN D 391 -32.64 -15.08 -17.31
CA GLN D 391 -31.34 -14.74 -16.76
C GLN D 391 -30.86 -15.91 -15.92
N LEU D 392 -29.62 -16.34 -16.14
CA LEU D 392 -29.06 -17.50 -15.47
C LEU D 392 -27.87 -17.07 -14.65
N VAL D 393 -27.90 -17.36 -13.35
CA VAL D 393 -26.86 -16.99 -12.41
C VAL D 393 -26.19 -18.27 -11.93
N LEU D 394 -24.88 -18.40 -12.18
CA LEU D 394 -24.16 -19.64 -11.94
C LEU D 394 -23.12 -19.41 -10.84
N GLY D 395 -23.19 -20.22 -9.79
CA GLY D 395 -22.15 -20.24 -8.80
C GLY D 395 -20.87 -20.84 -9.34
N ALA D 396 -19.80 -20.66 -8.57
CA ALA D 396 -18.50 -21.23 -8.95
C ALA D 396 -18.52 -22.73 -8.67
N SER D 397 -17.33 -23.34 -8.69
CA SER D 397 -17.16 -24.78 -8.50
C SER D 397 -17.78 -25.56 -9.66
N ASN D 398 -18.42 -26.68 -9.35
CA ASN D 398 -19.01 -27.51 -10.40
C ASN D 398 -20.13 -26.83 -11.19
N PRO D 399 -21.06 -26.07 -10.59
CA PRO D 399 -22.17 -25.51 -11.40
C PRO D 399 -21.78 -24.82 -12.68
N VAL D 400 -20.87 -23.83 -12.64
CA VAL D 400 -20.49 -23.13 -13.86
C VAL D 400 -19.83 -24.09 -14.84
N ARG D 401 -19.03 -25.04 -14.33
CA ARG D 401 -18.36 -25.99 -15.21
C ARG D 401 -19.33 -27.03 -15.75
N ASP D 402 -20.20 -27.57 -14.89
CA ASP D 402 -21.11 -28.61 -15.31
C ASP D 402 -22.04 -28.14 -16.42
N VAL D 403 -22.52 -26.89 -16.30
CA VAL D 403 -23.38 -26.31 -17.33
C VAL D 403 -22.67 -26.27 -18.68
N ALA D 404 -21.37 -25.97 -18.67
CA ALA D 404 -20.59 -26.00 -19.91
C ALA D 404 -20.47 -27.43 -20.43
N LEU D 405 -20.36 -28.41 -19.54
CA LEU D 405 -20.28 -29.80 -19.97
C LEU D 405 -21.62 -30.31 -20.48
N ALA D 406 -22.73 -29.77 -19.95
CA ALA D 406 -24.06 -30.13 -20.42
C ALA D 406 -24.43 -29.46 -21.74
N GLY D 407 -23.52 -28.67 -22.30
CA GLY D 407 -23.75 -28.06 -23.60
C GLY D 407 -24.89 -27.07 -23.65
N LEU D 408 -24.98 -26.19 -22.65
CA LEU D 408 -26.00 -25.14 -22.69
C LEU D 408 -25.77 -24.24 -23.89
N ASP D 409 -26.84 -23.98 -24.63
CA ASP D 409 -26.83 -23.02 -25.73
C ASP D 409 -27.31 -21.68 -25.18
N THR D 410 -26.36 -20.77 -24.93
CA THR D 410 -26.63 -19.54 -24.19
C THR D 410 -27.30 -18.46 -25.04
N ARG D 411 -27.53 -18.69 -26.32
CA ARG D 411 -28.05 -17.64 -27.18
C ARG D 411 -29.48 -17.27 -26.77
N GLY D 412 -29.73 -15.98 -26.60
CA GLY D 412 -30.96 -15.48 -26.03
C GLY D 412 -30.99 -15.44 -24.52
N ILE D 413 -29.87 -15.76 -23.86
CA ILE D 413 -29.83 -15.91 -22.41
C ILE D 413 -28.78 -14.97 -21.84
N ARG D 414 -29.14 -14.29 -20.75
CA ARG D 414 -28.19 -13.49 -19.98
C ARG D 414 -27.60 -14.38 -18.89
N VAL D 415 -26.32 -14.67 -18.98
CA VAL D 415 -25.63 -15.56 -18.05
C VAL D 415 -24.73 -14.72 -17.16
N ARG D 416 -24.87 -14.89 -15.84
CA ARG D 416 -24.07 -14.17 -14.86
C ARG D 416 -23.29 -15.17 -14.01
N SER D 417 -22.06 -14.79 -13.65
CA SER D 417 -21.24 -15.57 -12.73
C SER D 417 -20.11 -14.68 -12.25
N ASN D 418 -19.73 -14.85 -10.98
CA ASN D 418 -18.69 -14.03 -10.36
C ASN D 418 -17.30 -14.62 -10.67
N ARG D 419 -16.92 -14.53 -11.94
CA ARG D 419 -15.68 -15.12 -12.42
C ARG D 419 -14.46 -14.26 -12.14
N GLY D 420 -14.63 -13.04 -11.62
CA GLY D 420 -13.49 -12.16 -11.38
C GLY D 420 -12.42 -12.82 -10.54
N VAL D 421 -12.83 -13.38 -9.40
CA VAL D 421 -11.93 -14.14 -8.53
C VAL D 421 -12.55 -15.46 -8.09
N ALA D 422 -13.78 -15.75 -8.50
CA ALA D 422 -14.37 -17.09 -8.45
C ALA D 422 -14.57 -17.57 -7.02
N GLY D 423 -15.00 -16.67 -6.14
CA GLY D 423 -15.35 -17.07 -4.79
C GLY D 423 -16.71 -17.73 -4.72
N ILE D 424 -16.88 -18.59 -3.71
CA ILE D 424 -18.17 -19.22 -3.46
C ILE D 424 -18.95 -18.38 -2.47
N ASP D 425 -18.41 -17.21 -2.13
CA ASP D 425 -19.08 -16.30 -1.23
C ASP D 425 -19.98 -15.34 -2.00
N GLY D 426 -21.10 -14.99 -1.38
CA GLY D 426 -21.97 -13.93 -1.87
C GLY D 426 -22.82 -14.25 -3.06
N THR D 427 -22.95 -15.53 -3.45
CA THR D 427 -23.67 -15.84 -4.68
C THR D 427 -25.17 -15.68 -4.53
N VAL D 428 -25.71 -15.88 -3.32
CA VAL D 428 -27.15 -15.72 -3.12
C VAL D 428 -27.55 -14.26 -3.35
N SER D 429 -26.83 -13.33 -2.72
CA SER D 429 -27.18 -11.93 -2.86
C SER D 429 -26.89 -11.41 -4.27
N THR D 430 -25.89 -11.98 -4.95
CA THR D 430 -25.63 -11.61 -6.33
C THR D 430 -26.84 -11.96 -7.21
N ALA D 431 -27.41 -13.16 -7.00
CA ALA D 431 -28.57 -13.55 -7.76
C ALA D 431 -29.78 -12.69 -7.43
N ILE D 432 -29.99 -12.41 -6.14
CA ILE D 432 -31.08 -11.53 -5.73
C ILE D 432 -30.94 -10.17 -6.39
N GLY D 433 -29.75 -9.58 -6.31
CA GLY D 433 -29.53 -8.28 -6.92
C GLY D 433 -29.68 -8.29 -8.42
N ALA D 434 -29.13 -9.32 -9.07
CA ALA D 434 -29.26 -9.43 -10.52
C ALA D 434 -30.71 -9.58 -10.95
N ALA D 435 -31.50 -10.33 -10.17
CA ALA D 435 -32.91 -10.48 -10.48
C ALA D 435 -33.64 -9.14 -10.38
N LEU D 436 -33.39 -8.40 -9.29
CA LEU D 436 -34.06 -7.12 -9.09
C LEU D 436 -33.71 -6.12 -10.20
N ALA D 437 -32.43 -6.05 -10.58
CA ALA D 437 -32.04 -5.14 -11.65
C ALA D 437 -32.63 -5.57 -12.99
N TYR D 438 -32.65 -6.88 -13.25
CA TYR D 438 -33.20 -7.38 -14.51
C TYR D 438 -34.70 -7.16 -14.58
N GLU D 439 -35.41 -7.39 -13.48
CA GLU D 439 -36.85 -7.15 -13.45
C GLU D 439 -37.15 -5.66 -13.54
N GLY D 440 -36.34 -4.83 -12.88
CA GLY D 440 -36.52 -3.40 -12.99
C GLY D 440 -36.33 -2.90 -14.40
N ALA D 441 -35.31 -3.41 -15.10
CA ALA D 441 -35.09 -3.02 -16.49
C ALA D 441 -36.29 -3.41 -17.35
N HIS D 442 -36.81 -4.61 -17.15
CA HIS D 442 -38.00 -5.05 -17.88
C HIS D 442 -39.19 -4.13 -17.59
N GLU D 443 -39.33 -3.71 -16.33
CA GLU D 443 -40.51 -2.95 -15.94
C GLU D 443 -40.59 -1.61 -16.67
N ARG D 444 -39.46 -0.90 -16.78
CA ARG D 444 -39.50 0.41 -17.41
C ARG D 444 -39.64 0.35 -18.93
N THR D 445 -39.60 -0.84 -19.52
CA THR D 445 -40.21 -0.98 -20.85
C THR D 445 -41.72 -0.81 -20.77
N GLY D 446 -42.28 -0.73 -19.56
CA GLY D 446 -43.68 -0.47 -19.35
C GLY D 446 -44.61 -1.62 -19.67
N SER D 447 -44.07 -2.78 -20.00
CA SER D 447 -44.88 -3.81 -20.63
C SER D 447 -45.69 -4.59 -19.59
N PRO D 448 -46.93 -4.94 -19.91
CA PRO D 448 -47.54 -6.16 -19.35
C PRO D 448 -46.92 -7.40 -19.96
N ASP D 449 -46.23 -8.18 -19.13
CA ASP D 449 -45.62 -9.45 -19.45
C ASP D 449 -44.97 -9.90 -18.17
N SER D 450 -45.11 -11.18 -17.81
CA SER D 450 -44.52 -11.65 -16.56
C SER D 450 -43.06 -11.22 -16.49
N PRO D 451 -42.63 -10.57 -15.42
CA PRO D 451 -41.22 -10.21 -15.29
C PRO D 451 -40.34 -11.41 -15.60
N PRO D 452 -39.34 -11.23 -16.46
CA PRO D 452 -38.56 -12.37 -16.93
C PRO D 452 -37.89 -13.10 -15.77
N ARG D 453 -37.54 -14.35 -16.03
CA ARG D 453 -37.05 -15.22 -14.97
C ARG D 453 -35.55 -15.05 -14.77
N THR D 454 -35.14 -15.16 -13.51
CA THR D 454 -33.74 -15.35 -13.15
C THR D 454 -33.66 -16.70 -12.44
N ILE D 455 -32.85 -17.60 -12.98
CA ILE D 455 -32.65 -18.92 -12.40
C ILE D 455 -31.20 -19.02 -11.96
N ALA D 456 -31.00 -19.28 -10.67
CA ALA D 456 -29.67 -19.47 -10.10
C ALA D 456 -29.41 -20.95 -9.89
N LEU D 457 -28.22 -21.39 -10.27
CA LEU D 457 -27.75 -22.75 -10.01
C LEU D 457 -26.47 -22.64 -9.21
N ILE D 458 -26.51 -23.09 -7.95
CA ILE D 458 -25.38 -22.97 -7.04
C ILE D 458 -25.23 -24.28 -6.28
N GLY D 459 -24.00 -24.54 -5.82
CA GLY D 459 -23.73 -25.70 -5.00
C GLY D 459 -24.21 -25.50 -3.58
N ASP D 460 -24.08 -26.56 -2.78
CA ASP D 460 -24.59 -26.52 -1.41
C ASP D 460 -23.72 -25.69 -0.48
N LEU D 461 -22.38 -25.84 -0.57
CA LEU D 461 -21.50 -25.01 0.23
C LEU D 461 -21.68 -23.54 -0.12
N THR D 462 -21.75 -23.25 -1.43
CA THR D 462 -22.04 -21.89 -1.89
C THR D 462 -23.30 -21.34 -1.24
N PHE D 463 -24.34 -22.17 -1.15
CA PHE D 463 -25.60 -21.73 -0.55
C PHE D 463 -25.41 -21.43 0.94
N VAL D 464 -24.74 -22.33 1.66
CA VAL D 464 -24.53 -22.12 3.09
C VAL D 464 -23.66 -20.90 3.33
N HIS D 465 -22.71 -20.63 2.42
CA HIS D 465 -21.81 -19.50 2.59
C HIS D 465 -22.57 -18.18 2.69
N ASP D 466 -23.53 -17.97 1.79
CA ASP D 466 -24.23 -16.70 1.68
C ASP D 466 -25.71 -16.83 2.04
N SER D 467 -26.05 -17.76 2.94
CA SER D 467 -27.46 -17.97 3.28
C SER D 467 -28.08 -16.72 3.90
N SER D 468 -27.27 -15.87 4.53
CA SER D 468 -27.79 -14.65 5.13
C SER D 468 -28.34 -13.69 4.08
N GLY D 469 -27.96 -13.86 2.82
CA GLY D 469 -28.54 -13.05 1.76
C GLY D 469 -30.03 -13.23 1.60
N LEU D 470 -30.59 -14.32 2.14
CA LEU D 470 -32.02 -14.55 2.10
C LEU D 470 -32.79 -13.58 2.97
N LEU D 471 -32.19 -13.15 4.08
CA LEU D 471 -32.85 -12.31 5.08
C LEU D 471 -33.08 -10.93 4.49
N ILE D 472 -34.32 -10.66 4.07
CA ILE D 472 -34.69 -9.40 3.44
C ILE D 472 -35.93 -8.85 4.14
N GLY D 473 -35.83 -7.62 4.63
CA GLY D 473 -36.92 -7.00 5.34
C GLY D 473 -38.15 -6.82 4.46
N PRO D 474 -39.33 -6.82 5.08
CA PRO D 474 -40.56 -6.55 4.32
C PRO D 474 -40.51 -5.19 3.68
N THR D 475 -39.78 -4.27 4.31
CA THR D 475 -39.56 -2.94 3.80
C THR D 475 -38.74 -2.94 2.52
N GLU D 476 -37.98 -4.02 2.28
CA GLU D 476 -36.94 -3.94 1.28
C GLU D 476 -37.38 -4.61 -0.02
N PRO D 477 -36.82 -4.16 -1.15
CA PRO D 477 -37.19 -4.77 -2.44
C PRO D 477 -36.87 -6.25 -2.48
N ILE D 478 -37.75 -7.01 -3.12
CA ILE D 478 -37.66 -8.46 -3.18
C ILE D 478 -37.95 -8.88 -4.62
N PRO D 479 -37.20 -9.81 -5.20
CA PRO D 479 -37.44 -10.19 -6.59
C PRO D 479 -38.79 -10.86 -6.78
N ARG D 480 -39.25 -10.87 -8.03
CA ARG D 480 -40.54 -11.45 -8.38
C ARG D 480 -40.44 -12.74 -9.17
N SER D 481 -39.32 -13.00 -9.83
CA SER D 481 -39.18 -14.15 -10.71
C SER D 481 -37.83 -14.84 -10.50
N LEU D 482 -37.42 -14.99 -9.24
CA LEU D 482 -36.13 -15.59 -8.91
C LEU D 482 -36.33 -16.99 -8.36
N THR D 483 -35.67 -17.97 -8.98
CA THR D 483 -35.61 -19.33 -8.48
C THR D 483 -34.15 -19.71 -8.29
N ILE D 484 -33.80 -20.14 -7.08
CA ILE D 484 -32.45 -20.55 -6.74
C ILE D 484 -32.45 -22.07 -6.64
N VAL D 485 -31.80 -22.74 -7.59
CA VAL D 485 -31.67 -24.19 -7.56
C VAL D 485 -30.38 -24.55 -6.85
N VAL D 486 -30.49 -25.34 -5.79
CA VAL D 486 -29.34 -25.79 -5.01
C VAL D 486 -29.10 -27.25 -5.36
N SER D 487 -27.96 -27.52 -6.01
CA SER D 487 -27.50 -28.89 -6.23
C SER D 487 -26.69 -29.29 -5.00
N ASN D 488 -27.32 -30.00 -4.08
CA ASN D 488 -26.75 -30.29 -2.77
C ASN D 488 -26.21 -31.72 -2.76
N ASP D 489 -24.90 -31.85 -2.83
CA ASP D 489 -24.23 -33.14 -2.64
C ASP D 489 -23.49 -33.20 -1.30
N ASN D 490 -23.94 -32.40 -0.33
CA ASN D 490 -23.41 -32.40 1.04
C ASN D 490 -21.89 -32.27 1.05
N GLY D 491 -21.38 -31.29 0.32
CA GLY D 491 -19.96 -31.02 0.32
C GLY D 491 -19.52 -30.38 -0.99
N GLY D 492 -18.20 -30.35 -1.18
CA GLY D 492 -17.62 -29.79 -2.38
C GLY D 492 -17.28 -30.85 -3.41
N GLY D 493 -18.14 -30.99 -4.42
CA GLY D 493 -17.97 -32.07 -5.38
C GLY D 493 -16.75 -31.92 -6.27
N ILE D 494 -16.31 -30.68 -6.52
CA ILE D 494 -15.25 -30.45 -7.49
C ILE D 494 -13.94 -31.10 -7.05
N PHE D 495 -13.75 -31.30 -5.75
CA PHE D 495 -12.52 -31.90 -5.26
C PHE D 495 -12.44 -33.39 -5.60
N GLU D 496 -13.57 -34.03 -5.87
CA GLU D 496 -13.56 -35.42 -6.34
C GLU D 496 -12.86 -35.55 -7.69
N LEU D 497 -12.76 -34.47 -8.46
CA LEU D 497 -12.21 -34.50 -9.81
C LEU D 497 -10.77 -34.05 -9.87
N LEU D 498 -10.20 -33.62 -8.75
CA LEU D 498 -8.83 -33.13 -8.71
C LEU D 498 -7.91 -34.21 -8.15
N GLU D 499 -6.60 -33.90 -8.09
CA GLU D 499 -5.63 -34.89 -7.65
C GLU D 499 -5.92 -35.36 -6.24
N GLN D 500 -6.42 -34.48 -5.37
CA GLN D 500 -6.81 -34.91 -4.04
C GLN D 500 -8.03 -35.81 -4.06
N GLY D 501 -8.72 -35.93 -5.20
CA GLY D 501 -9.80 -36.88 -5.34
C GLY D 501 -9.35 -38.29 -5.65
N ASP D 502 -8.06 -38.51 -5.86
CA ASP D 502 -7.57 -39.84 -6.20
C ASP D 502 -7.86 -40.81 -5.06
N PRO D 503 -8.23 -42.06 -5.37
CA PRO D 503 -8.57 -43.01 -4.30
C PRO D 503 -7.48 -43.23 -3.28
N ARG D 504 -6.20 -42.99 -3.60
CA ARG D 504 -5.15 -43.20 -2.61
C ARG D 504 -5.28 -42.24 -1.44
N PHE D 505 -6.04 -41.16 -1.60
CA PHE D 505 -6.30 -40.21 -0.53
C PHE D 505 -7.65 -40.43 0.13
N SER D 506 -8.28 -41.59 -0.09
CA SER D 506 -9.68 -41.77 0.30
C SER D 506 -9.89 -41.65 1.80
N ASP D 507 -8.92 -42.07 2.61
CA ASP D 507 -9.12 -42.05 4.06
C ASP D 507 -9.08 -40.62 4.60
N VAL D 508 -8.34 -39.73 3.95
CA VAL D 508 -8.10 -38.40 4.50
C VAL D 508 -8.88 -37.31 3.76
N SER D 509 -9.40 -37.58 2.55
CA SER D 509 -9.83 -36.50 1.68
C SER D 509 -11.19 -35.94 2.07
N SER D 510 -12.04 -36.76 2.68
N SER D 510 -12.04 -36.76 2.68
CA SER D 510 -13.42 -36.36 2.98
CA SER D 510 -13.42 -36.33 2.95
C SER D 510 -13.46 -35.18 3.95
C SER D 510 -13.47 -35.17 3.95
N ARG D 511 -12.64 -35.22 5.00
CA ARG D 511 -12.71 -34.20 6.02
C ARG D 511 -12.19 -32.85 5.53
N ILE D 512 -11.02 -32.84 4.88
CA ILE D 512 -10.38 -31.56 4.53
C ILE D 512 -10.72 -31.09 3.12
N PHE D 513 -11.40 -31.90 2.31
CA PHE D 513 -11.78 -31.45 0.97
C PHE D 513 -13.28 -31.61 0.74
N GLY D 514 -13.84 -32.75 1.11
CA GLY D 514 -15.28 -32.94 0.97
C GLY D 514 -16.07 -31.99 1.84
N THR D 515 -15.67 -31.84 3.10
CA THR D 515 -16.30 -31.00 4.10
C THR D 515 -17.83 -31.16 4.11
N PRO D 516 -18.33 -32.35 4.46
CA PRO D 516 -19.78 -32.50 4.63
C PRO D 516 -20.26 -31.71 5.84
N HIS D 517 -21.53 -31.30 5.79
CA HIS D 517 -22.05 -30.37 6.78
C HIS D 517 -23.37 -30.84 7.38
N ASP D 518 -24.16 -31.60 6.61
CA ASP D 518 -25.43 -32.16 7.04
C ASP D 518 -26.48 -31.10 7.36
N VAL D 519 -26.48 -29.97 6.65
CA VAL D 519 -27.45 -28.91 6.93
C VAL D 519 -28.81 -29.27 6.35
N ASP D 520 -29.85 -28.95 7.12
CA ASP D 520 -31.24 -29.08 6.69
C ASP D 520 -31.60 -27.80 5.93
N VAL D 521 -31.53 -27.87 4.61
CA VAL D 521 -31.71 -26.68 3.77
C VAL D 521 -33.16 -26.18 3.82
N GLY D 522 -34.12 -27.10 3.90
CA GLY D 522 -35.52 -26.69 3.99
C GLY D 522 -35.82 -25.90 5.26
N ALA D 523 -35.31 -26.38 6.39
CA ALA D 523 -35.47 -25.65 7.64
C ALA D 523 -34.78 -24.29 7.56
N LEU D 524 -33.67 -24.21 6.83
CA LEU D 524 -32.95 -22.94 6.70
C LEU D 524 -33.80 -21.89 6.00
N CYS D 525 -34.34 -22.23 4.82
CA CYS D 525 -35.23 -21.31 4.12
C CYS D 525 -36.47 -20.99 4.93
N ARG D 526 -37.00 -21.97 5.67
CA ARG D 526 -38.18 -21.73 6.49
C ARG D 526 -37.87 -20.74 7.63
N ALA D 527 -36.68 -20.84 8.22
CA ALA D 527 -36.28 -19.87 9.23
C ALA D 527 -36.35 -18.45 8.70
N TYR D 528 -35.98 -18.26 7.44
CA TYR D 528 -36.01 -16.96 6.79
C TYR D 528 -37.31 -16.70 6.04
N HIS D 529 -38.29 -17.59 6.17
CA HIS D 529 -39.60 -17.43 5.53
C HIS D 529 -39.47 -17.33 4.01
N VAL D 530 -38.65 -18.21 3.44
CA VAL D 530 -38.47 -18.32 2.00
C VAL D 530 -39.01 -19.67 1.55
N GLU D 531 -39.86 -19.63 0.52
CA GLU D 531 -40.44 -20.85 -0.05
C GLU D 531 -39.33 -21.79 -0.54
N SER D 532 -39.45 -23.07 -0.19
CA SER D 532 -38.47 -24.04 -0.64
C SER D 532 -39.12 -25.40 -0.81
N ARG D 533 -38.71 -26.11 -1.87
CA ARG D 533 -39.15 -27.47 -2.14
C ARG D 533 -37.95 -28.35 -2.43
N GLN D 534 -37.97 -29.55 -1.87
CA GLN D 534 -36.93 -30.55 -2.08
C GLN D 534 -37.44 -31.55 -3.12
N ILE D 535 -36.92 -31.47 -4.34
CA ILE D 535 -37.47 -32.19 -5.47
C ILE D 535 -36.38 -33.01 -6.15
N GLU D 536 -36.82 -34.00 -6.93
CA GLU D 536 -35.93 -34.83 -7.71
C GLU D 536 -35.73 -34.23 -9.10
N VAL D 537 -34.68 -34.70 -9.79
CA VAL D 537 -34.20 -34.02 -10.99
C VAL D 537 -35.22 -34.09 -12.12
N ASP D 538 -36.07 -35.12 -12.14
CA ASP D 538 -37.13 -35.17 -13.15
C ASP D 538 -38.15 -34.05 -12.94
N GLU D 539 -38.41 -33.70 -11.68
CA GLU D 539 -39.36 -32.65 -11.36
C GLU D 539 -38.87 -31.27 -11.76
N LEU D 540 -37.58 -31.11 -12.01
CA LEU D 540 -36.96 -29.79 -12.03
C LEU D 540 -37.51 -28.94 -13.18
N GLY D 541 -37.42 -29.44 -14.41
CA GLY D 541 -37.97 -28.76 -15.56
C GLY D 541 -39.43 -28.39 -15.41
N PRO D 542 -40.27 -29.36 -15.05
CA PRO D 542 -41.68 -29.02 -14.79
C PRO D 542 -41.87 -27.98 -13.70
N THR D 543 -41.13 -28.07 -12.59
CA THR D 543 -41.29 -27.12 -11.51
C THR D 543 -40.85 -25.72 -11.95
N LEU D 544 -39.75 -25.63 -12.70
CA LEU D 544 -39.29 -24.34 -13.19
C LEU D 544 -40.28 -23.73 -14.17
N ASP D 545 -40.91 -24.57 -14.99
CA ASP D 545 -41.92 -24.10 -15.94
C ASP D 545 -43.07 -23.38 -15.26
N GLN D 546 -43.27 -23.62 -13.97
CA GLN D 546 -44.48 -23.19 -13.28
C GLN D 546 -44.17 -22.10 -12.28
N PRO D 547 -44.92 -20.99 -12.30
CA PRO D 547 -44.56 -19.83 -11.47
C PRO D 547 -44.93 -20.02 -10.01
N GLY D 548 -44.25 -19.27 -9.16
CA GLY D 548 -44.42 -19.39 -7.71
C GLY D 548 -44.25 -18.07 -6.98
N ALA D 549 -43.80 -18.15 -5.73
CA ALA D 549 -43.53 -16.95 -4.95
C ALA D 549 -42.37 -16.18 -5.57
N GLY D 550 -42.28 -14.90 -5.20
CA GLY D 550 -41.24 -14.04 -5.77
C GLY D 550 -39.85 -14.62 -5.61
N MET D 551 -39.55 -15.20 -4.45
CA MET D 551 -38.28 -15.84 -4.18
C MET D 551 -38.55 -17.26 -3.69
N ARG D 552 -37.91 -18.24 -4.32
CA ARG D 552 -38.04 -19.62 -3.91
C ARG D 552 -36.74 -20.36 -4.17
N VAL D 553 -36.54 -21.43 -3.41
CA VAL D 553 -35.36 -22.29 -3.53
C VAL D 553 -35.83 -23.71 -3.79
N LEU D 554 -35.31 -24.32 -4.84
CA LEU D 554 -35.56 -25.73 -5.11
C LEU D 554 -34.26 -26.49 -4.87
N GLU D 555 -34.32 -27.48 -3.98
CA GLU D 555 -33.15 -28.24 -3.58
C GLU D 555 -33.23 -29.63 -4.18
N VAL D 556 -32.18 -30.02 -4.89
CA VAL D 556 -32.06 -31.35 -5.48
C VAL D 556 -30.87 -32.03 -4.83
N LYS D 557 -31.12 -33.08 -4.06
CA LYS D 557 -30.04 -33.83 -3.45
C LYS D 557 -29.25 -34.56 -4.53
N ALA D 558 -27.93 -34.47 -4.44
CA ALA D 558 -27.04 -35.10 -5.41
C ALA D 558 -26.00 -35.92 -4.69
N ASP D 559 -25.34 -36.78 -5.45
CA ASP D 559 -24.27 -37.63 -4.95
C ASP D 559 -22.94 -37.19 -5.54
N ARG D 560 -21.91 -37.12 -4.71
CA ARG D 560 -20.57 -36.85 -5.17
C ARG D 560 -19.64 -38.05 -5.04
N SER D 561 -20.07 -39.12 -4.38
CA SER D 561 -19.24 -40.32 -4.24
C SER D 561 -18.96 -40.97 -5.58
N SER D 562 -19.91 -40.90 -6.50
CA SER D 562 -19.76 -41.52 -7.81
C SER D 562 -19.27 -40.55 -8.88
N LEU D 563 -18.97 -39.30 -8.52
CA LEU D 563 -18.74 -38.26 -9.52
C LEU D 563 -17.43 -38.48 -10.26
N ARG D 564 -16.36 -38.89 -9.56
CA ARG D 564 -15.10 -39.15 -10.24
C ARG D 564 -15.22 -40.30 -11.22
N GLN D 565 -15.97 -41.34 -10.86
CA GLN D 565 -16.20 -42.45 -11.78
C GLN D 565 -16.93 -41.98 -13.04
N LEU D 566 -18.01 -41.21 -12.86
CA LEU D 566 -18.81 -40.76 -13.99
C LEU D 566 -17.96 -39.95 -14.97
N HIS D 567 -17.16 -39.02 -14.46
CA HIS D 567 -16.27 -38.26 -15.34
C HIS D 567 -15.28 -39.18 -16.04
N ALA D 568 -14.79 -40.19 -15.33
CA ALA D 568 -13.92 -41.19 -15.97
C ALA D 568 -14.66 -41.92 -17.08
N ALA D 569 -15.94 -42.23 -16.85
CA ALA D 569 -16.72 -42.93 -17.87
C ALA D 569 -16.92 -42.06 -19.10
N ILE D 570 -17.08 -40.74 -18.90
CA ILE D 570 -17.31 -39.84 -20.02
C ILE D 570 -16.07 -39.76 -20.91
N LYS D 571 -14.87 -39.73 -20.31
CA LYS D 571 -13.67 -39.61 -21.13
C LYS D 571 -13.34 -40.92 -21.84
N ALA D 572 -13.61 -42.07 -21.20
CA ALA D 572 -13.45 -43.35 -21.88
C ALA D 572 -14.34 -43.41 -23.12
N ALA D 573 -15.52 -42.83 -23.05
CA ALA D 573 -16.44 -42.78 -24.18
C ALA D 573 -15.99 -41.82 -25.27
N LEU D 574 -14.88 -41.12 -25.10
CA LEU D 574 -14.37 -40.22 -26.12
C LEU D 574 -13.28 -40.92 -26.96
#